data_9MJP
#
_entry.id   9MJP
#
_cell.length_a   97.122
_cell.length_b   127.548
_cell.length_c   119.387
_cell.angle_alpha   90.00
_cell.angle_beta   89.98
_cell.angle_gamma   90.00
#
_symmetry.space_group_name_H-M   'P 1 21 1'
#
loop_
_entity.id
_entity.type
_entity.pdbx_description
1 polymer 'ATP-dependent Clp protease proteolytic subunit'
2 non-polymer N-[(1R)-1-borono-3-methylbutyl]-N~2~-(2-chloro-4-methoxybenzene-1-carbonyl)-L-leucinamide
3 water water
#
_entity_poly.entity_id   1
_entity_poly.type   'polypeptide(L)'
_entity_poly.pdbx_seq_one_letter_code
;HHHHHHENLYFQSNMSFDNYLVPTVIEQSGRGERAFDIYSRLLKERIVFLVGPVTDESANLVVAQLLFLESENPDKDIFF
YINSPGGSVTAGMSIYDTMNFIKPDVSTLCLGQAASMGAFLLSAGEKGKRFALPNSRIMIHQPLISGGLGGQASDIEIHA
RELLKIKEKLNRLMAKHCDRDLADLERDTDRDNFMSAEEAKEYGLIDQILENRASLRL
;
_entity_poly.pdbx_strand_id   A,B,C,D,E,F,G,H,I,J,K,L,M,N
#
# COMPACT_ATOMS: atom_id res chain seq x y z
N PHE A 36 32.79 2.65 -27.49
CA PHE A 36 31.74 3.44 -28.13
C PHE A 36 30.37 2.76 -28.01
N ASP A 37 29.39 3.48 -27.49
CA ASP A 37 28.00 3.06 -27.56
C ASP A 37 27.29 3.82 -28.68
N ILE A 38 26.08 3.37 -29.01
CA ILE A 38 25.40 3.83 -30.23
C ILE A 38 25.26 5.35 -30.24
N TYR A 39 24.95 5.94 -29.09
CA TYR A 39 24.68 7.38 -29.04
C TYR A 39 25.95 8.20 -29.10
N SER A 40 27.05 7.70 -28.52
CA SER A 40 28.34 8.37 -28.68
C SER A 40 28.76 8.36 -30.15
N ARG A 41 28.63 7.21 -30.82
CA ARG A 41 28.93 7.14 -32.24
C ARG A 41 28.09 8.13 -33.03
N LEU A 42 26.80 8.27 -32.67
CA LEU A 42 25.97 9.21 -33.39
C LEU A 42 26.32 10.66 -33.07
N LEU A 43 26.87 10.90 -31.88
CA LEU A 43 27.43 12.23 -31.59
C LEU A 43 28.62 12.53 -32.48
N LYS A 44 29.40 11.51 -32.82
CA LYS A 44 30.42 11.71 -33.86
C LYS A 44 29.81 12.17 -35.18
N GLU A 45 28.49 12.10 -35.33
CA GLU A 45 27.78 12.70 -36.45
C GLU A 45 27.18 14.05 -36.09
N ARG A 46 27.50 14.58 -34.90
CA ARG A 46 26.94 15.85 -34.41
C ARG A 46 25.42 15.81 -34.36
N ILE A 47 24.87 14.68 -33.88
CA ILE A 47 23.44 14.45 -33.80
C ILE A 47 23.05 14.39 -32.32
N VAL A 48 22.04 15.19 -31.93
CA VAL A 48 21.58 15.24 -30.55
C VAL A 48 20.08 14.98 -30.49
N PHE A 49 19.65 14.29 -29.43
CA PHE A 49 18.27 13.87 -29.24
C PHE A 49 17.69 14.43 -27.96
N LEU A 50 16.42 14.84 -28.03
CA LEU A 50 15.58 14.99 -26.85
C LEU A 50 14.44 13.99 -26.99
N VAL A 51 14.55 12.89 -26.25
CA VAL A 51 13.52 11.84 -26.24
C VAL A 51 12.72 12.00 -24.95
N GLY A 52 11.40 12.14 -25.10
CA GLY A 52 10.52 12.13 -23.97
C GLY A 52 10.44 13.46 -23.25
N PRO A 53 10.03 13.42 -21.97
CA PRO A 53 9.74 14.64 -21.23
C PRO A 53 10.97 15.53 -21.08
N VAL A 54 10.73 16.83 -21.02
CA VAL A 54 11.78 17.81 -20.75
C VAL A 54 11.86 17.96 -19.23
N THR A 55 12.90 17.37 -18.65
CA THR A 55 13.19 17.53 -17.23
C THR A 55 14.48 18.32 -17.08
N ASP A 56 14.82 18.66 -15.84
CA ASP A 56 16.07 19.39 -15.60
C ASP A 56 17.27 18.61 -16.14
N GLU A 57 17.39 17.34 -15.76
CA GLU A 57 18.44 16.49 -16.31
C GLU A 57 18.30 16.34 -17.81
N SER A 58 17.22 15.69 -18.27
CA SER A 58 17.06 15.36 -19.68
C SER A 58 17.23 16.57 -20.59
N ALA A 59 17.16 17.78 -20.05
CA ALA A 59 17.45 18.98 -20.85
C ALA A 59 18.90 19.42 -20.69
N ASN A 60 19.48 19.27 -19.50
CA ASN A 60 20.86 19.71 -19.33
C ASN A 60 21.82 18.77 -20.05
N LEU A 61 21.47 17.48 -20.14
CA LEU A 61 22.25 16.56 -20.97
C LEU A 61 22.33 17.04 -22.41
N VAL A 62 21.19 17.47 -22.96
CA VAL A 62 21.15 18.03 -24.31
C VAL A 62 22.04 19.25 -24.41
N VAL A 63 21.98 20.14 -23.40
CA VAL A 63 22.81 21.32 -23.41
C VAL A 63 24.29 20.95 -23.45
N ALA A 64 24.68 19.95 -22.64
CA ALA A 64 26.07 19.50 -22.61
C ALA A 64 26.51 18.95 -23.97
N GLN A 65 25.62 18.23 -24.65
CA GLN A 65 25.97 17.71 -25.97
C GLN A 65 26.13 18.84 -26.98
N LEU A 66 25.21 19.81 -26.98
CA LEU A 66 25.37 20.99 -27.82
C LEU A 66 26.69 21.69 -27.53
N LEU A 67 27.20 21.57 -26.31
CA LEU A 67 28.47 22.20 -25.97
C LEU A 67 29.65 21.43 -26.53
N PHE A 68 29.66 20.10 -26.36
CA PHE A 68 30.77 19.32 -26.89
C PHE A 68 30.87 19.45 -28.40
N LEU A 69 29.73 19.52 -29.08
CA LEU A 69 29.79 19.64 -30.54
C LEU A 69 30.36 20.99 -30.96
N GLU A 70 30.23 22.01 -30.12
CA GLU A 70 30.84 23.30 -30.39
C GLU A 70 32.32 23.32 -30.06
N SER A 71 32.74 22.52 -29.07
CA SER A 71 34.17 22.43 -28.76
C SER A 71 34.92 21.65 -29.81
N GLU A 72 34.45 20.44 -30.11
CA GLU A 72 34.97 19.59 -31.18
C GLU A 72 35.18 20.37 -32.47
N ASN A 73 34.22 21.23 -32.80
CA ASN A 73 34.14 21.82 -34.12
C ASN A 73 33.05 22.90 -34.10
N PRO A 74 33.42 24.16 -33.83
CA PRO A 74 32.41 25.21 -33.62
C PRO A 74 31.81 25.79 -34.89
N ASP A 75 31.96 25.15 -36.05
CA ASP A 75 31.45 25.74 -37.28
C ASP A 75 30.46 24.85 -38.03
N LYS A 76 30.63 23.53 -38.02
CA LYS A 76 29.62 22.67 -38.61
C LYS A 76 28.36 22.70 -37.77
N ASP A 77 27.22 22.62 -38.45
CA ASP A 77 25.94 22.72 -37.79
C ASP A 77 25.69 21.48 -36.93
N ILE A 78 24.99 21.69 -35.82
CA ILE A 78 24.44 20.60 -35.01
C ILE A 78 23.02 20.35 -35.47
N PHE A 79 22.57 19.11 -35.37
CA PHE A 79 21.23 18.71 -35.80
C PHE A 79 20.51 18.11 -34.61
N PHE A 80 19.58 18.88 -34.05
CA PHE A 80 18.82 18.53 -32.86
C PHE A 80 17.57 17.77 -33.27
N TYR A 81 17.49 16.50 -32.88
CA TYR A 81 16.37 15.64 -33.25
C TYR A 81 15.40 15.57 -32.08
N ILE A 82 14.12 15.81 -32.35
CA ILE A 82 13.14 16.17 -31.33
C ILE A 82 11.96 15.22 -31.42
N ASN A 83 11.72 14.47 -30.34
CA ASN A 83 10.56 13.59 -30.19
C ASN A 83 10.07 13.74 -28.76
N SER A 84 9.57 14.93 -28.43
CA SER A 84 9.32 15.31 -27.04
C SER A 84 7.88 15.75 -26.85
N PRO A 85 7.20 15.28 -25.79
CA PRO A 85 5.84 15.76 -25.51
C PRO A 85 5.79 17.14 -24.92
N GLY A 86 6.93 17.72 -24.54
CA GLY A 86 6.97 19.01 -23.89
C GLY A 86 7.37 18.88 -22.43
N GLY A 87 6.96 19.84 -21.60
CA GLY A 87 7.24 19.72 -20.18
C GLY A 87 7.84 20.95 -19.52
N SER A 88 8.75 20.72 -18.57
CA SER A 88 9.34 21.79 -17.75
C SER A 88 9.86 22.93 -18.60
N VAL A 89 9.37 24.15 -18.31
CA VAL A 89 9.72 25.29 -19.13
C VAL A 89 11.10 25.83 -18.80
N THR A 90 11.54 25.75 -17.54
CA THR A 90 12.90 26.20 -17.22
C THR A 90 13.94 25.27 -17.85
N ALA A 91 13.75 23.97 -17.68
CA ALA A 91 14.63 22.99 -18.31
C ALA A 91 14.77 23.25 -19.80
N GLY A 92 13.63 23.46 -20.48
CA GLY A 92 13.67 23.73 -21.91
C GLY A 92 14.23 25.09 -22.26
N MET A 93 14.06 26.08 -21.38
CA MET A 93 14.65 27.40 -21.62
C MET A 93 16.16 27.33 -21.59
N SER A 94 16.72 26.46 -20.74
CA SER A 94 18.16 26.24 -20.80
C SER A 94 18.58 25.81 -22.20
N ILE A 95 17.88 24.83 -22.77
CA ILE A 95 18.18 24.38 -24.13
C ILE A 95 17.97 25.50 -25.13
N TYR A 96 16.90 26.27 -24.96
CA TYR A 96 16.61 27.38 -25.87
C TYR A 96 17.76 28.37 -25.92
N ASP A 97 18.06 28.98 -24.78
CA ASP A 97 19.15 29.94 -24.70
C ASP A 97 20.46 29.34 -25.16
N THR A 98 20.65 28.04 -24.92
CA THR A 98 21.86 27.37 -25.38
C THR A 98 21.91 27.28 -26.90
N MET A 99 20.79 26.93 -27.53
CA MET A 99 20.74 26.84 -28.99
C MET A 99 21.08 28.19 -29.61
N ASN A 100 20.46 29.25 -29.13
CA ASN A 100 20.82 30.56 -29.70
C ASN A 100 22.10 31.14 -29.13
N PHE A 101 22.75 30.44 -28.19
CA PHE A 101 24.02 30.91 -27.63
C PHE A 101 25.22 30.41 -28.44
N ILE A 102 25.24 29.12 -28.77
CA ILE A 102 26.41 28.54 -29.41
C ILE A 102 26.57 29.09 -30.82
N LYS A 103 27.82 29.05 -31.29
CA LYS A 103 28.15 29.60 -32.61
C LYS A 103 27.66 28.70 -33.74
N PRO A 104 27.86 27.38 -33.71
CA PRO A 104 27.36 26.55 -34.82
C PRO A 104 25.85 26.66 -34.95
N ASP A 105 25.39 26.82 -36.18
CA ASP A 105 23.97 26.78 -36.47
C ASP A 105 23.37 25.48 -35.90
N VAL A 106 22.12 25.56 -35.46
CA VAL A 106 21.46 24.43 -34.84
C VAL A 106 20.18 24.17 -35.62
N SER A 107 20.11 23.01 -36.27
CA SER A 107 19.02 22.63 -37.15
C SER A 107 18.17 21.57 -36.47
N THR A 108 16.93 21.89 -36.19
CA THR A 108 16.04 20.97 -35.50
C THR A 108 15.28 20.09 -36.49
N LEU A 109 14.77 18.97 -35.98
CA LEU A 109 13.99 18.04 -36.79
C LEU A 109 12.96 17.35 -35.92
N CYS A 110 11.69 17.55 -36.22
CA CYS A 110 10.61 16.89 -35.50
C CYS A 110 10.38 15.50 -36.09
N LEU A 111 10.67 14.47 -35.29
CA LEU A 111 10.28 13.10 -35.59
C LEU A 111 9.35 12.61 -34.48
N GLY A 112 8.34 11.85 -34.86
CA GLY A 112 7.36 11.40 -33.89
C GLY A 112 6.46 12.54 -33.47
N GLN A 113 6.96 13.41 -32.60
CA GLN A 113 6.15 14.51 -32.09
C GLN A 113 7.02 15.61 -31.52
N ALA A 114 6.60 16.84 -31.76
CA ALA A 114 7.10 18.02 -31.06
C ALA A 114 5.87 18.69 -30.46
N ALA A 115 5.55 18.31 -29.23
CA ALA A 115 4.39 18.85 -28.53
C ALA A 115 4.86 19.80 -27.44
N SER A 116 4.12 20.89 -27.26
CA SER A 116 4.33 21.83 -26.17
C SER A 116 5.77 22.35 -26.28
N MET A 117 6.61 22.22 -25.25
CA MET A 117 7.93 22.83 -25.35
C MET A 117 8.79 22.12 -26.39
N GLY A 118 8.51 20.85 -26.68
CA GLY A 118 9.04 20.23 -27.87
C GLY A 118 8.82 21.14 -29.06
N ALA A 119 7.55 21.37 -29.42
CA ALA A 119 7.21 22.28 -30.51
C ALA A 119 7.86 23.65 -30.35
N PHE A 120 8.23 24.03 -29.13
CA PHE A 120 8.87 25.31 -28.95
C PHE A 120 10.33 25.26 -29.39
N LEU A 121 11.08 24.27 -28.90
CA LEU A 121 12.50 24.21 -29.24
C LEU A 121 12.69 23.92 -30.73
N LEU A 122 11.88 23.01 -31.28
CA LEU A 122 11.86 22.79 -32.72
C LEU A 122 11.67 24.10 -33.47
N SER A 123 10.86 25.01 -32.91
CA SER A 123 10.57 26.28 -33.57
C SER A 123 11.74 27.25 -33.52
N ALA A 124 12.71 27.02 -32.65
CA ALA A 124 13.79 27.98 -32.43
C ALA A 124 15.09 27.54 -33.08
N GLY A 125 15.08 26.46 -33.85
CA GLY A 125 16.27 26.06 -34.58
C GLY A 125 16.74 27.14 -35.53
N GLU A 126 18.01 27.04 -35.92
CA GLU A 126 18.60 28.02 -36.80
C GLU A 126 17.71 28.20 -38.02
N LYS A 127 17.36 29.43 -38.31
CA LYS A 127 16.32 29.71 -39.29
C LYS A 127 16.71 29.15 -40.65
N GLY A 128 15.69 28.69 -41.38
CA GLY A 128 15.95 27.94 -42.59
C GLY A 128 16.50 26.54 -42.36
N LYS A 129 16.56 26.09 -41.11
CA LYS A 129 17.11 24.79 -40.76
C LYS A 129 16.18 24.05 -39.81
N ARG A 130 14.89 24.36 -39.85
CA ARG A 130 13.88 23.73 -39.01
C ARG A 130 13.03 22.81 -39.88
N PHE A 131 13.09 21.51 -39.59
CA PHE A 131 12.53 20.50 -40.47
C PHE A 131 11.62 19.56 -39.69
N ALA A 132 10.69 18.93 -40.39
CA ALA A 132 9.84 17.91 -39.78
C ALA A 132 9.70 16.75 -40.75
N LEU A 133 9.80 15.53 -40.21
CA LEU A 133 9.54 14.34 -41.00
C LEU A 133 8.08 14.35 -41.46
N PRO A 134 7.76 13.62 -42.53
CA PRO A 134 6.46 13.84 -43.18
C PRO A 134 5.26 13.45 -42.32
N ASN A 135 5.42 12.46 -41.44
CA ASN A 135 4.33 11.99 -40.60
C ASN A 135 4.48 12.43 -39.14
N SER A 136 5.25 13.50 -38.90
CA SER A 136 5.44 14.05 -37.56
C SER A 136 4.12 14.57 -37.00
N ARG A 137 4.14 15.08 -35.78
CA ARG A 137 3.01 15.86 -35.32
C ARG A 137 3.51 16.93 -34.34
N ILE A 138 2.90 18.11 -34.42
CA ILE A 138 3.30 19.25 -33.62
C ILE A 138 2.08 19.75 -32.86
N MET A 139 2.29 20.23 -31.63
CA MET A 139 1.18 20.77 -30.86
C MET A 139 1.66 21.95 -30.03
N ILE A 140 0.92 23.04 -30.10
CA ILE A 140 1.20 24.25 -29.33
C ILE A 140 0.02 24.56 -28.43
N HIS A 141 0.31 24.87 -27.17
CA HIS A 141 -0.76 25.21 -26.24
C HIS A 141 -0.25 26.24 -25.24
N GLN A 142 -1.19 26.96 -24.63
CA GLN A 142 -0.87 27.69 -23.43
C GLN A 142 -0.44 26.73 -22.31
N PRO A 143 0.37 27.19 -21.36
CA PRO A 143 0.93 26.28 -20.34
C PRO A 143 -0.11 25.60 -19.49
N LEU A 144 0.04 24.28 -19.30
CA LEU A 144 -0.72 23.57 -18.29
C LEU A 144 -0.08 23.87 -16.94
N ILE A 145 -0.19 22.97 -15.95
CA ILE A 145 0.64 23.13 -14.75
C ILE A 145 0.66 21.89 -13.86
N SER A 146 -0.49 21.25 -13.67
CA SER A 146 -0.62 20.34 -12.54
C SER A 146 -0.58 18.87 -12.94
N GLY A 151 -0.60 27.02 -0.54
CA GLY A 151 -0.14 28.14 0.24
C GLY A 151 -1.18 29.23 0.43
N GLN A 152 -0.79 30.33 1.07
CA GLN A 152 -1.73 31.40 1.34
C GLN A 152 -1.97 32.22 0.08
N ALA A 153 -2.99 33.08 0.14
CA ALA A 153 -3.45 33.81 -1.05
C ALA A 153 -2.36 34.69 -1.64
N SER A 154 -1.42 35.15 -0.82
CA SER A 154 -0.33 35.96 -1.35
C SER A 154 0.63 35.12 -2.18
N ASP A 155 0.93 33.91 -1.71
CA ASP A 155 1.71 32.97 -2.51
C ASP A 155 1.06 32.75 -3.87
N ILE A 156 -0.17 32.23 -3.85
CA ILE A 156 -0.93 32.00 -5.07
C ILE A 156 -0.90 33.22 -5.98
N GLU A 157 -1.07 34.40 -5.38
CA GLU A 157 -1.04 35.63 -6.15
C GLU A 157 0.32 35.88 -6.79
N ILE A 158 1.40 35.43 -6.14
CA ILE A 158 2.72 35.54 -6.74
C ILE A 158 2.87 34.57 -7.90
N HIS A 159 2.50 33.31 -7.66
CA HIS A 159 2.81 32.23 -8.60
C HIS A 159 1.95 32.32 -9.85
N ALA A 160 0.67 32.68 -9.71
CA ALA A 160 -0.17 32.84 -10.89
C ALA A 160 0.34 33.98 -11.76
N ARG A 161 0.77 35.08 -11.15
CA ARG A 161 1.25 36.20 -11.95
C ARG A 161 2.63 35.93 -12.53
N GLU A 162 3.38 34.98 -11.96
CA GLU A 162 4.56 34.46 -12.66
C GLU A 162 4.16 33.64 -13.88
N LEU A 163 3.15 32.78 -13.73
CA LEU A 163 2.75 31.90 -14.82
C LEU A 163 2.17 32.67 -16.00
N LEU A 164 1.36 33.71 -15.73
CA LEU A 164 0.83 34.50 -16.84
C LEU A 164 1.95 35.24 -17.56
N LYS A 165 2.96 35.71 -16.83
CA LYS A 165 4.11 36.32 -17.49
C LYS A 165 4.83 35.30 -18.37
N ILE A 166 4.97 34.07 -17.89
CA ILE A 166 5.52 33.01 -18.73
C ILE A 166 4.70 32.85 -20.01
N LYS A 167 3.42 32.50 -19.86
CA LYS A 167 2.44 32.41 -20.94
C LYS A 167 2.56 33.55 -21.93
N GLU A 168 2.90 34.73 -21.46
CA GLU A 168 3.04 35.90 -22.32
C GLU A 168 4.42 35.99 -22.97
N LYS A 169 5.44 35.39 -22.34
CA LYS A 169 6.77 35.30 -22.94
C LYS A 169 6.79 34.27 -24.07
N LEU A 170 6.12 33.14 -23.85
CA LEU A 170 6.22 32.03 -24.78
C LEU A 170 5.54 32.35 -26.11
N ASN A 171 4.35 32.94 -26.05
CA ASN A 171 3.68 33.38 -27.28
C ASN A 171 4.52 34.42 -28.00
N ARG A 172 5.21 35.28 -27.26
CA ARG A 172 6.10 36.28 -27.87
C ARG A 172 7.19 35.61 -28.68
N LEU A 173 7.96 34.74 -28.02
CA LEU A 173 9.08 34.11 -28.73
C LEU A 173 8.59 33.20 -29.84
N MET A 174 7.40 32.62 -29.72
CA MET A 174 6.85 31.84 -30.82
C MET A 174 6.50 32.72 -32.01
N ALA A 175 5.78 33.82 -31.76
CA ALA A 175 5.48 34.75 -32.84
C ALA A 175 6.75 35.25 -33.50
N LYS A 176 7.85 35.34 -32.75
CA LYS A 176 9.14 35.65 -33.36
C LYS A 176 9.63 34.48 -34.21
N HIS A 177 9.51 33.25 -33.70
CA HIS A 177 9.99 32.08 -34.40
C HIS A 177 9.17 31.78 -35.66
N CYS A 178 7.88 32.05 -35.63
CA CYS A 178 7.00 31.70 -36.73
C CYS A 178 6.80 32.83 -37.72
N ASP A 179 7.47 33.97 -37.51
CA ASP A 179 7.07 35.23 -38.11
C ASP A 179 5.55 35.34 -38.15
N ARG A 180 4.92 34.98 -37.04
CA ARG A 180 3.50 35.20 -36.86
C ARG A 180 3.27 36.38 -35.94
N ASP A 181 2.03 36.86 -35.96
CA ASP A 181 1.62 37.86 -35.00
C ASP A 181 1.65 37.27 -33.59
N LEU A 182 1.74 38.15 -32.59
CA LEU A 182 1.66 37.68 -31.22
C LEU A 182 0.22 37.34 -30.85
N ALA A 183 -0.73 38.16 -31.32
CA ALA A 183 -2.13 37.87 -31.06
C ALA A 183 -2.51 36.48 -31.58
N ASP A 184 -1.97 36.09 -32.73
CA ASP A 184 -2.29 34.77 -33.27
C ASP A 184 -1.74 33.65 -32.38
N LEU A 185 -0.53 33.81 -31.86
CA LEU A 185 -0.01 32.80 -30.92
C LEU A 185 -0.87 32.75 -29.67
N GLU A 186 -1.29 33.91 -29.16
CA GLU A 186 -2.19 33.97 -28.02
C GLU A 186 -3.45 33.17 -28.27
N ARG A 187 -4.12 33.43 -29.40
CA ARG A 187 -5.34 32.69 -29.75
C ARG A 187 -5.06 31.21 -29.90
N ASP A 188 -4.16 30.87 -30.83
CA ASP A 188 -3.84 29.50 -31.23
C ASP A 188 -3.12 28.72 -30.14
N THR A 189 -2.87 29.30 -28.97
CA THR A 189 -2.38 28.52 -27.84
C THR A 189 -3.41 28.38 -26.73
N ASP A 190 -4.62 28.93 -26.91
CA ASP A 190 -5.64 28.85 -25.87
C ASP A 190 -5.87 27.41 -25.44
N ARG A 191 -6.04 26.51 -26.40
CA ARG A 191 -6.11 25.07 -26.14
C ARG A 191 -5.20 24.35 -27.12
N ASP A 192 -4.97 23.06 -26.83
CA ASP A 192 -4.09 22.21 -27.63
C ASP A 192 -4.33 22.36 -29.13
N ASN A 193 -3.47 23.11 -29.79
CA ASN A 193 -3.51 23.30 -31.23
C ASN A 193 -2.63 22.24 -31.88
N PHE A 194 -3.26 21.29 -32.58
CA PHE A 194 -2.57 20.22 -33.27
C PHE A 194 -2.33 20.61 -34.73
N MET A 195 -1.12 20.34 -35.23
CA MET A 195 -0.75 20.66 -36.60
C MET A 195 0.16 19.59 -37.16
N SER A 196 -0.10 19.21 -38.41
CA SER A 196 0.82 18.32 -39.12
C SER A 196 2.04 19.10 -39.57
N ALA A 197 3.03 18.36 -40.11
CA ALA A 197 4.28 18.98 -40.52
C ALA A 197 4.04 20.11 -41.52
N GLU A 198 3.11 19.93 -42.45
CA GLU A 198 2.80 21.00 -43.38
C GLU A 198 2.07 22.14 -42.71
N GLU A 199 1.14 21.84 -41.79
CA GLU A 199 0.45 22.90 -41.08
C GLU A 199 1.42 23.71 -40.23
N ALA A 200 2.38 23.05 -39.59
CA ALA A 200 3.40 23.78 -38.84
C ALA A 200 4.32 24.57 -39.77
N LYS A 201 4.61 24.05 -40.96
CA LYS A 201 5.40 24.79 -41.92
C LYS A 201 4.65 26.03 -42.42
N GLU A 202 3.33 25.93 -42.53
CA GLU A 202 2.51 27.05 -42.97
C GLU A 202 2.38 28.10 -41.87
N TYR A 203 2.37 27.66 -40.61
CA TYR A 203 2.42 28.55 -39.46
C TYR A 203 3.74 29.29 -39.34
N GLY A 204 4.77 28.86 -40.06
CA GLY A 204 6.11 29.34 -39.83
C GLY A 204 6.86 28.60 -38.75
N LEU A 205 6.28 27.53 -38.20
CA LEU A 205 6.94 26.79 -37.13
C LEU A 205 8.16 26.05 -37.65
N ILE A 206 8.06 25.44 -38.84
CA ILE A 206 9.18 24.77 -39.48
C ILE A 206 9.34 25.33 -40.89
N ASP A 207 10.50 25.06 -41.47
CA ASP A 207 10.81 25.56 -42.80
C ASP A 207 10.36 24.59 -43.89
N GLN A 208 10.77 23.32 -43.82
CA GLN A 208 10.49 22.36 -44.87
C GLN A 208 10.25 20.98 -44.29
N ILE A 209 9.58 20.15 -45.08
CA ILE A 209 9.35 18.75 -44.76
C ILE A 209 10.33 17.90 -45.57
N LEU A 210 10.72 16.76 -45.02
CA LEU A 210 11.67 15.88 -45.66
C LEU A 210 11.09 14.49 -45.79
N GLU A 211 11.08 13.96 -47.02
CA GLU A 211 10.50 12.65 -47.32
C GLU A 211 11.56 11.56 -47.35
N ASN A 212 12.56 11.69 -48.21
CA ASN A 212 13.70 10.78 -48.23
C ASN A 212 14.97 11.61 -48.33
N ARG A 213 16.11 10.93 -48.47
CA ARG A 213 17.33 11.65 -48.78
C ARG A 213 17.21 12.26 -50.17
N ALA A 214 17.08 13.58 -50.23
CA ALA A 214 16.89 14.26 -51.49
C ALA A 214 17.31 15.72 -51.37
N VAL B 22 25.48 6.79 -18.90
CA VAL B 22 25.85 8.11 -19.43
C VAL B 22 26.88 7.92 -20.56
N PRO B 23 26.59 8.52 -21.75
CA PRO B 23 27.42 8.29 -22.95
C PRO B 23 28.91 8.27 -22.69
N THR B 24 29.61 7.32 -23.31
CA THR B 24 31.01 7.03 -22.99
C THR B 24 31.91 7.35 -24.18
N VAL B 25 32.26 8.63 -24.32
CA VAL B 25 33.26 9.06 -25.29
C VAL B 25 34.65 8.81 -24.73
N ASP B 37 32.58 9.22 -19.64
CA ASP B 37 31.22 9.75 -19.60
C ASP B 37 31.25 11.23 -19.98
N ILE B 38 30.12 11.73 -20.47
CA ILE B 38 30.08 13.08 -21.03
C ILE B 38 30.51 14.12 -19.99
N TYR B 39 30.16 13.88 -18.72
CA TYR B 39 30.50 14.86 -17.70
C TYR B 39 31.97 14.80 -17.35
N SER B 40 32.59 13.61 -17.42
CA SER B 40 34.03 13.49 -17.26
C SER B 40 34.80 14.13 -18.41
N ARG B 41 34.13 14.45 -19.51
CA ARG B 41 34.75 15.11 -20.66
C ARG B 41 34.48 16.61 -20.68
N LEU B 42 33.35 17.06 -20.14
CA LEU B 42 33.16 18.49 -19.96
C LEU B 42 33.85 19.01 -18.73
N LEU B 43 34.17 18.13 -17.77
CA LEU B 43 35.08 18.48 -16.68
C LEU B 43 36.46 18.85 -17.22
N LYS B 44 36.83 18.33 -18.40
CA LYS B 44 38.09 18.67 -19.03
C LYS B 44 38.26 20.18 -19.16
N GLU B 45 37.26 20.84 -19.75
CA GLU B 45 37.30 22.27 -20.01
C GLU B 45 36.93 23.11 -18.79
N ARG B 46 37.06 22.56 -17.58
CA ARG B 46 36.79 23.28 -16.34
C ARG B 46 35.34 23.75 -16.26
N ILE B 47 34.41 22.83 -16.49
CA ILE B 47 32.98 23.09 -16.39
C ILE B 47 32.42 22.18 -15.29
N VAL B 48 31.74 22.78 -14.32
CA VAL B 48 31.08 22.05 -13.25
C VAL B 48 29.60 22.38 -13.25
N PHE B 49 28.78 21.39 -12.93
CA PHE B 49 27.34 21.49 -13.07
C PHE B 49 26.64 21.32 -11.72
N LEU B 50 25.50 22.01 -11.59
CA LEU B 50 24.56 21.80 -10.50
C LEU B 50 23.17 21.87 -11.10
N VAL B 51 22.50 20.72 -11.17
CA VAL B 51 21.21 20.61 -11.84
C VAL B 51 20.26 19.89 -10.91
N GLY B 52 19.18 20.56 -10.53
CA GLY B 52 18.24 19.99 -9.58
C GLY B 52 18.59 20.38 -8.16
N PRO B 53 17.90 19.76 -7.20
CA PRO B 53 18.12 20.04 -5.78
C PRO B 53 19.58 20.07 -5.34
N VAL B 54 19.83 20.78 -4.23
CA VAL B 54 21.13 20.85 -3.60
C VAL B 54 21.06 20.00 -2.34
N THR B 55 21.49 18.75 -2.44
CA THR B 55 21.54 17.83 -1.31
C THR B 55 23.00 17.63 -0.90
N ASP B 56 23.19 16.87 0.18
CA ASP B 56 24.56 16.57 0.60
C ASP B 56 25.34 15.88 -0.51
N GLU B 57 24.72 14.91 -1.18
CA GLU B 57 25.37 14.22 -2.28
C GLU B 57 25.60 15.17 -3.46
N SER B 58 24.52 15.80 -3.94
CA SER B 58 24.58 16.64 -5.13
C SER B 58 25.44 17.89 -4.93
N ALA B 59 25.68 18.29 -3.69
CA ALA B 59 26.54 19.46 -3.44
C ALA B 59 27.97 19.04 -3.17
N ASN B 60 28.16 17.95 -2.44
CA ASN B 60 29.51 17.42 -2.25
C ASN B 60 30.14 17.03 -3.58
N LEU B 61 29.34 16.63 -4.56
CA LEU B 61 29.91 16.33 -5.86
C LEU B 61 30.48 17.58 -6.50
N VAL B 62 29.75 18.71 -6.41
CA VAL B 62 30.28 19.98 -6.91
C VAL B 62 31.52 20.39 -6.14
N VAL B 63 31.53 20.13 -4.83
CA VAL B 63 32.69 20.46 -4.01
C VAL B 63 33.91 19.68 -4.50
N ALA B 64 33.74 18.37 -4.72
CA ALA B 64 34.83 17.54 -5.19
C ALA B 64 35.33 17.99 -6.55
N GLN B 65 34.41 18.37 -7.46
CA GLN B 65 34.84 18.84 -8.77
C GLN B 65 35.62 20.13 -8.68
N LEU B 66 35.22 21.03 -7.78
CA LEU B 66 35.96 22.27 -7.62
C LEU B 66 37.36 22.00 -7.09
N LEU B 67 37.47 21.12 -6.09
CA LEU B 67 38.77 20.75 -5.55
C LEU B 67 39.66 20.15 -6.64
N PHE B 68 39.11 19.20 -7.41
CA PHE B 68 39.71 18.69 -8.63
C PHE B 68 40.32 19.79 -9.48
N LEU B 69 39.45 20.63 -10.04
CA LEU B 69 39.89 21.63 -11.01
C LEU B 69 40.97 22.54 -10.44
N GLU B 70 40.88 22.89 -9.16
CA GLU B 70 41.94 23.72 -8.60
C GLU B 70 43.25 22.92 -8.48
N SER B 71 43.16 21.64 -8.11
CA SER B 71 44.37 20.84 -7.97
C SER B 71 45.05 20.63 -9.32
N GLU B 72 44.28 20.53 -10.41
CA GLU B 72 44.87 20.44 -11.73
C GLU B 72 45.56 21.76 -12.07
N ASN B 73 44.78 22.81 -12.24
CA ASN B 73 45.32 24.14 -12.52
C ASN B 73 44.62 25.17 -11.65
N PRO B 74 45.32 25.82 -10.72
CA PRO B 74 44.67 26.70 -9.73
C PRO B 74 44.67 28.19 -10.05
N ASP B 75 45.12 28.64 -11.21
CA ASP B 75 45.16 30.07 -11.48
C ASP B 75 44.02 30.56 -12.35
N LYS B 76 43.62 29.81 -13.37
CA LYS B 76 42.52 30.24 -14.22
C LYS B 76 41.19 29.81 -13.64
N ASP B 77 40.13 30.41 -14.17
CA ASP B 77 38.83 30.41 -13.53
C ASP B 77 38.00 29.19 -13.93
N ILE B 78 36.99 28.89 -13.11
CA ILE B 78 36.09 27.75 -13.29
C ILE B 78 34.70 28.28 -13.57
N PHE B 79 33.96 27.58 -14.44
CA PHE B 79 32.61 27.98 -14.82
C PHE B 79 31.59 27.11 -14.09
N PHE B 80 30.79 27.73 -13.23
CA PHE B 80 29.79 27.05 -12.41
C PHE B 80 28.42 27.25 -13.06
N TYR B 81 27.94 26.21 -13.72
CA TYR B 81 26.65 26.27 -14.39
C TYR B 81 25.57 25.78 -13.43
N ILE B 82 24.45 26.49 -13.38
CA ILE B 82 23.41 26.17 -12.41
C ILE B 82 22.05 26.12 -13.10
N ASN B 83 21.39 24.97 -13.00
CA ASN B 83 19.97 24.80 -13.33
C ASN B 83 19.32 24.10 -12.13
N SER B 84 19.16 24.84 -11.04
CA SER B 84 18.77 24.25 -9.76
C SER B 84 17.61 25.02 -9.15
N PRO B 85 16.75 24.32 -8.39
CA PRO B 85 15.65 25.02 -7.69
C PRO B 85 15.95 25.36 -6.23
N GLY B 86 17.02 24.81 -5.65
CA GLY B 86 17.38 25.04 -4.27
C GLY B 86 17.67 23.72 -3.57
N GLY B 87 17.64 23.75 -2.24
CA GLY B 87 17.82 22.51 -1.50
C GLY B 87 18.49 22.75 -0.16
N SER B 88 19.15 21.70 0.34
CA SER B 88 19.77 21.66 1.66
C SER B 88 20.77 22.79 1.86
N VAL B 89 20.42 23.76 2.70
CA VAL B 89 21.23 24.97 2.87
C VAL B 89 22.62 24.63 3.40
N THR B 90 22.75 23.58 4.22
CA THR B 90 24.07 23.21 4.71
C THR B 90 24.97 22.74 3.56
N ALA B 91 24.46 21.84 2.72
CA ALA B 91 25.26 21.34 1.60
C ALA B 91 25.54 22.45 0.58
N GLY B 92 24.54 23.27 0.30
CA GLY B 92 24.78 24.44 -0.54
C GLY B 92 25.84 25.36 0.06
N MET B 93 25.90 25.45 1.38
CA MET B 93 26.95 26.24 2.02
C MET B 93 28.31 25.59 1.84
N SER B 94 28.35 24.26 1.80
CA SER B 94 29.58 23.58 1.42
C SER B 94 30.04 24.06 0.04
N ILE B 95 29.11 24.07 -0.93
CA ILE B 95 29.44 24.58 -2.27
C ILE B 95 29.95 26.03 -2.18
N TYR B 96 29.23 26.85 -1.42
CA TYR B 96 29.51 28.29 -1.37
C TYR B 96 30.89 28.56 -0.77
N ASP B 97 31.20 27.88 0.34
CA ASP B 97 32.51 28.07 0.96
C ASP B 97 33.61 27.51 0.07
N THR B 98 33.35 26.43 -0.65
CA THR B 98 34.38 25.88 -1.53
C THR B 98 34.70 26.86 -2.67
N MET B 99 33.67 27.52 -3.21
CA MET B 99 33.90 28.51 -4.25
C MET B 99 34.94 29.55 -3.83
N ASN B 100 34.79 30.11 -2.63
CA ASN B 100 35.65 31.20 -2.19
C ASN B 100 36.96 30.68 -1.59
N PHE B 101 36.95 29.45 -1.07
CA PHE B 101 38.16 28.86 -0.50
C PHE B 101 39.23 28.63 -1.55
N ILE B 102 38.85 28.33 -2.78
CA ILE B 102 39.81 27.92 -3.79
C ILE B 102 40.44 29.15 -4.42
N LYS B 103 41.70 28.97 -4.85
CA LYS B 103 42.45 30.06 -5.48
C LYS B 103 41.85 30.53 -6.80
N PRO B 104 41.29 29.67 -7.67
CA PRO B 104 40.68 30.19 -8.89
C PRO B 104 39.46 31.05 -8.59
N ASP B 105 39.26 32.06 -9.43
CA ASP B 105 37.94 32.66 -9.52
C ASP B 105 36.96 31.60 -10.02
N VAL B 106 35.68 31.80 -9.71
CA VAL B 106 34.63 30.86 -10.08
C VAL B 106 33.49 31.67 -10.69
N SER B 107 33.57 31.88 -12.01
CA SER B 107 32.42 32.43 -12.71
C SER B 107 31.20 31.55 -12.49
N THR B 108 30.03 32.17 -12.46
CA THR B 108 28.79 31.44 -12.35
C THR B 108 27.92 31.77 -13.56
N LEU B 109 27.01 30.87 -13.88
CA LEU B 109 26.14 31.09 -15.02
C LEU B 109 24.80 30.44 -14.74
N CYS B 110 23.74 31.18 -15.07
CA CYS B 110 22.37 30.73 -14.84
C CYS B 110 21.74 30.34 -16.16
N LEU B 111 21.44 29.05 -16.27
CA LEU B 111 20.76 28.46 -17.42
C LEU B 111 19.56 27.68 -16.90
N GLY B 112 18.40 27.94 -17.48
CA GLY B 112 17.18 27.33 -16.98
C GLY B 112 16.58 28.14 -15.86
N GLN B 113 16.90 27.81 -14.61
CA GLN B 113 16.41 28.56 -13.46
C GLN B 113 17.47 28.63 -12.37
N ALA B 114 17.38 29.69 -11.56
CA ALA B 114 18.24 29.87 -10.39
C ALA B 114 17.34 30.27 -9.21
N ALA B 115 16.71 29.25 -8.61
CA ALA B 115 15.77 29.46 -7.53
C ALA B 115 16.42 29.10 -6.21
N SER B 116 16.20 29.96 -5.21
CA SER B 116 16.54 29.68 -3.81
C SER B 116 18.05 29.48 -3.71
N MET B 117 18.54 28.38 -3.12
CA MET B 117 19.96 28.20 -2.89
C MET B 117 20.75 28.24 -4.20
N GLY B 118 20.12 27.82 -5.30
CA GLY B 118 20.71 27.98 -6.60
C GLY B 118 21.05 29.42 -6.90
N ALA B 119 20.07 30.30 -6.72
CA ALA B 119 20.33 31.73 -6.85
C ALA B 119 21.41 32.19 -5.88
N PHE B 120 21.46 31.61 -4.69
CA PHE B 120 22.48 32.02 -3.75
C PHE B 120 23.87 31.75 -4.31
N LEU B 121 24.13 30.49 -4.65
CA LEU B 121 25.43 30.11 -5.20
C LEU B 121 25.76 30.89 -6.46
N LEU B 122 24.75 31.16 -7.30
CA LEU B 122 24.99 31.95 -8.51
C LEU B 122 25.46 33.36 -8.16
N SER B 123 24.71 34.07 -7.32
CA SER B 123 25.15 35.40 -6.89
C SER B 123 26.48 35.35 -6.16
N ALA B 124 26.89 34.18 -5.69
CA ALA B 124 28.12 34.01 -4.95
C ALA B 124 29.38 33.95 -5.83
N GLY B 125 29.26 34.12 -7.14
CA GLY B 125 30.42 34.07 -8.00
C GLY B 125 31.26 35.34 -7.91
N GLU B 126 32.47 35.28 -8.47
CA GLU B 126 33.36 36.43 -8.46
C GLU B 126 32.74 37.57 -9.24
N LYS B 127 32.82 38.77 -8.67
CA LYS B 127 32.21 39.95 -9.27
C LYS B 127 32.72 40.14 -10.70
N GLY B 128 31.84 40.66 -11.56
CA GLY B 128 32.11 40.73 -12.98
C GLY B 128 32.02 39.42 -13.70
N LYS B 129 31.94 38.28 -12.99
CA LYS B 129 32.03 36.97 -13.60
C LYS B 129 30.82 36.09 -13.32
N ARG B 130 29.70 36.66 -12.90
CA ARG B 130 28.46 35.92 -12.74
C ARG B 130 27.51 36.35 -13.85
N PHE B 131 26.97 35.38 -14.57
CA PHE B 131 26.27 35.63 -15.83
C PHE B 131 24.99 34.82 -15.87
N ALA B 132 24.12 35.16 -16.81
CA ALA B 132 22.90 34.40 -17.01
C ALA B 132 22.45 34.54 -18.44
N LEU B 133 21.75 33.52 -18.94
CA LEU B 133 21.26 33.56 -20.30
C LEU B 133 19.98 34.38 -20.38
N PRO B 134 19.62 34.89 -21.57
CA PRO B 134 18.55 35.92 -21.63
C PRO B 134 17.21 35.43 -21.14
N ASN B 135 16.91 34.14 -21.27
CA ASN B 135 15.61 33.61 -20.91
C ASN B 135 15.67 32.81 -19.62
N SER B 136 16.77 32.89 -18.89
CA SER B 136 16.88 32.24 -17.60
C SER B 136 16.04 32.99 -16.57
N ARG B 137 15.76 32.30 -15.46
CA ARG B 137 14.88 32.82 -14.42
C ARG B 137 15.50 32.61 -13.06
N ILE B 138 15.38 33.62 -12.19
CA ILE B 138 15.93 33.55 -10.84
C ILE B 138 14.78 33.69 -9.86
N MET B 139 14.88 33.00 -8.73
CA MET B 139 13.95 33.23 -7.64
C MET B 139 14.72 33.27 -6.33
N ILE B 140 14.31 34.17 -5.45
CA ILE B 140 14.86 34.24 -4.10
C ILE B 140 13.71 34.31 -3.11
N HIS B 141 13.88 33.65 -1.97
CA HIS B 141 12.86 33.65 -0.94
C HIS B 141 13.48 33.16 0.37
N GLN B 142 12.79 33.45 1.47
CA GLN B 142 13.29 33.09 2.79
C GLN B 142 13.33 31.58 2.95
N PRO B 143 14.10 31.08 3.92
CA PRO B 143 14.15 29.63 4.16
C PRO B 143 12.80 29.02 4.51
N LEU B 144 12.77 27.70 4.68
CA LEU B 144 11.58 27.01 5.10
C LEU B 144 11.88 25.57 5.51
N ILE B 145 10.82 24.76 5.51
CA ILE B 145 10.87 23.35 5.87
C ILE B 145 9.43 22.83 5.78
N SER B 146 9.25 21.53 5.58
CA SER B 146 7.90 21.01 5.46
C SER B 146 7.33 20.56 6.80
N GLY B 151 8.97 17.87 18.00
CA GLY B 151 9.49 17.45 19.29
C GLY B 151 8.96 18.26 20.46
N GLN B 152 9.76 18.38 21.52
CA GLN B 152 9.36 19.15 22.70
C GLN B 152 9.37 20.64 22.42
N ALA B 153 8.73 21.40 23.31
CA ALA B 153 8.68 22.85 23.15
C ALA B 153 10.08 23.46 23.22
N SER B 154 10.90 22.97 24.14
CA SER B 154 12.28 23.44 24.25
C SER B 154 13.03 23.22 22.94
N ASP B 155 12.98 21.99 22.43
CA ASP B 155 13.67 21.66 21.19
C ASP B 155 13.15 22.51 20.03
N ILE B 156 11.83 22.68 19.98
CA ILE B 156 11.23 23.50 18.92
C ILE B 156 11.78 24.92 18.99
N GLU B 157 11.89 25.47 20.20
CA GLU B 157 12.48 26.79 20.35
C GLU B 157 13.91 26.82 19.80
N ILE B 158 14.70 25.80 20.17
CA ILE B 158 16.10 25.78 19.73
C ILE B 158 16.19 25.81 18.21
N HIS B 159 15.46 24.91 17.56
CA HIS B 159 15.57 24.80 16.11
C HIS B 159 14.99 26.01 15.41
N ALA B 160 13.94 26.62 15.98
CA ALA B 160 13.44 27.88 15.41
C ALA B 160 14.48 28.98 15.54
N ARG B 161 15.20 29.02 16.66
CA ARG B 161 16.25 30.01 16.83
C ARG B 161 17.34 29.82 15.78
N GLU B 162 17.74 28.58 15.53
CA GLU B 162 18.75 28.36 14.50
C GLU B 162 18.22 28.72 13.12
N LEU B 163 16.94 28.42 12.84
CA LEU B 163 16.35 28.83 11.57
C LEU B 163 16.43 30.33 11.38
N LEU B 164 16.16 31.10 12.44
CA LEU B 164 16.23 32.55 12.33
C LEU B 164 17.67 33.01 12.14
N LYS B 165 18.61 32.43 12.89
CA LYS B 165 20.03 32.70 12.67
C LYS B 165 20.41 32.52 11.21
N ILE B 166 20.05 31.37 10.65
CA ILE B 166 20.27 31.00 9.26
C ILE B 166 19.73 32.12 8.38
N LYS B 167 18.41 32.28 8.35
CA LYS B 167 17.76 33.28 7.51
C LYS B 167 18.49 34.62 7.52
N GLU B 168 18.83 35.11 8.72
CA GLU B 168 19.55 36.37 8.82
C GLU B 168 20.89 36.30 8.09
N LYS B 169 21.74 35.34 8.50
CA LYS B 169 23.03 35.10 7.87
C LYS B 169 22.94 35.09 6.35
N LEU B 170 22.00 34.30 5.83
CA LEU B 170 21.80 34.21 4.40
C LEU B 170 21.52 35.58 3.80
N ASN B 171 20.43 36.23 4.22
CA ASN B 171 20.08 37.53 3.66
C ASN B 171 21.25 38.51 3.70
N ARG B 172 22.05 38.46 4.77
CA ARG B 172 23.26 39.27 4.85
C ARG B 172 24.22 38.94 3.69
N LEU B 173 24.50 37.65 3.50
CA LEU B 173 25.42 37.25 2.44
C LEU B 173 24.88 37.60 1.07
N MET B 174 23.59 37.35 0.84
CA MET B 174 22.93 37.76 -0.39
C MET B 174 23.10 39.25 -0.64
N ALA B 175 22.85 40.07 0.38
CA ALA B 175 22.97 41.51 0.18
C ALA B 175 24.40 41.91 -0.16
N LYS B 176 25.38 41.24 0.46
CA LYS B 176 26.77 41.51 0.09
C LYS B 176 27.04 41.09 -1.36
N HIS B 177 26.40 40.02 -1.82
CA HIS B 177 26.52 39.64 -3.22
C HIS B 177 25.82 40.63 -4.14
N CYS B 178 24.79 41.30 -3.64
CA CYS B 178 24.00 42.23 -4.42
C CYS B 178 24.38 43.68 -4.17
N ASP B 179 25.36 43.94 -3.31
CA ASP B 179 25.84 45.30 -3.03
C ASP B 179 24.70 46.16 -2.45
N ARG B 180 23.83 45.54 -1.65
CA ARG B 180 22.58 46.14 -1.20
C ARG B 180 22.49 46.09 0.32
N ASP B 181 21.41 46.63 0.86
CA ASP B 181 21.22 46.71 2.31
C ASP B 181 20.40 45.53 2.82
N LEU B 182 20.66 45.17 4.08
CA LEU B 182 19.95 44.05 4.72
C LEU B 182 18.44 44.20 4.60
N ALA B 183 17.92 45.38 4.95
CA ALA B 183 16.48 45.60 4.93
C ALA B 183 15.90 45.26 3.57
N ASP B 184 16.62 45.59 2.50
CA ASP B 184 16.20 45.23 1.15
C ASP B 184 15.89 43.75 1.05
N LEU B 185 16.90 42.91 1.34
CA LEU B 185 16.74 41.48 1.17
C LEU B 185 15.68 40.92 2.10
N GLU B 186 15.65 41.37 3.35
CA GLU B 186 14.66 40.83 4.29
C GLU B 186 13.24 41.17 3.83
N ARG B 187 13.06 42.36 3.27
CA ARG B 187 11.79 42.73 2.68
C ARG B 187 11.45 41.86 1.48
N ASP B 188 12.44 41.61 0.62
CA ASP B 188 12.19 41.07 -0.71
C ASP B 188 12.14 39.55 -0.75
N THR B 189 12.70 38.86 0.23
CA THR B 189 12.68 37.41 0.28
C THR B 189 11.60 36.86 1.21
N ASP B 190 10.73 37.71 1.77
CA ASP B 190 9.68 37.24 2.65
C ASP B 190 8.81 36.19 1.96
N ARG B 191 8.53 36.41 0.67
CA ARG B 191 7.91 35.40 -0.17
C ARG B 191 8.70 35.32 -1.48
N ASP B 192 8.24 34.43 -2.36
CA ASP B 192 8.99 34.03 -3.55
C ASP B 192 9.07 35.18 -4.54
N ASN B 193 10.23 35.81 -4.64
CA ASN B 193 10.45 36.88 -5.60
C ASN B 193 11.08 36.31 -6.86
N PHE B 194 10.42 36.48 -8.00
CA PHE B 194 10.88 35.99 -9.28
C PHE B 194 11.47 37.14 -10.11
N MET B 195 12.66 36.91 -10.65
CA MET B 195 13.37 37.92 -11.43
C MET B 195 13.76 37.36 -12.78
N SER B 196 13.54 38.16 -13.81
CA SER B 196 14.09 37.87 -15.13
C SER B 196 15.60 38.05 -15.10
N ALA B 197 16.23 37.86 -16.26
CA ALA B 197 17.66 38.12 -16.35
C ALA B 197 17.96 39.61 -16.13
N GLU B 198 17.23 40.48 -16.82
CA GLU B 198 17.44 41.91 -16.68
C GLU B 198 17.15 42.37 -15.25
N GLU B 199 16.07 41.86 -14.65
CA GLU B 199 15.76 42.16 -13.26
C GLU B 199 16.90 41.72 -12.34
N ALA B 200 17.39 40.49 -12.53
CA ALA B 200 18.48 40.00 -11.70
C ALA B 200 19.74 40.84 -11.89
N LYS B 201 19.94 41.40 -13.08
CA LYS B 201 21.14 42.21 -13.29
C LYS B 201 21.03 43.56 -12.62
N GLU B 202 19.82 44.17 -12.64
CA GLU B 202 19.65 45.42 -11.90
C GLU B 202 19.80 45.19 -10.40
N TYR B 203 19.28 44.08 -9.89
CA TYR B 203 19.38 43.84 -8.44
C TYR B 203 20.82 43.70 -7.96
N GLY B 204 21.78 43.49 -8.86
CA GLY B 204 23.13 43.19 -8.45
C GLY B 204 23.39 41.73 -8.17
N LEU B 205 22.41 40.87 -8.47
CA LEU B 205 22.60 39.43 -8.40
C LEU B 205 23.61 38.93 -9.42
N ILE B 206 23.51 39.40 -10.67
CA ILE B 206 24.42 39.01 -11.73
C ILE B 206 25.05 40.24 -12.35
N ASP B 207 26.17 40.04 -13.06
CA ASP B 207 26.86 41.12 -13.76
C ASP B 207 26.51 41.21 -15.23
N GLN B 208 26.23 40.10 -15.92
CA GLN B 208 26.00 40.15 -17.37
C GLN B 208 24.92 39.16 -17.79
N ILE B 209 24.17 39.57 -18.81
CA ILE B 209 23.26 38.70 -19.56
C ILE B 209 23.87 38.49 -20.95
N LEU B 210 23.70 37.29 -21.49
CA LEU B 210 24.44 36.88 -22.68
C LEU B 210 23.51 36.14 -23.64
N GLU B 211 23.52 36.59 -24.90
CA GLU B 211 22.84 35.90 -25.99
C GLU B 211 24.03 35.01 -26.39
N ASN B 212 25.06 35.63 -26.95
CA ASN B 212 26.33 34.96 -27.22
C ASN B 212 27.44 35.85 -26.65
N ARG B 213 28.67 35.53 -27.01
CA ARG B 213 29.82 35.87 -26.18
C ARG B 213 30.08 37.37 -26.17
N ALA B 214 30.12 37.94 -24.96
CA ALA B 214 30.23 39.38 -24.72
C ALA B 214 29.10 40.13 -25.42
N ASP C 37 37.29 8.08 -11.39
CA ASP C 37 36.24 9.03 -11.02
C ASP C 37 36.71 10.04 -9.98
N ILE C 38 35.83 10.98 -9.65
CA ILE C 38 36.23 12.20 -8.96
C ILE C 38 36.68 11.91 -7.52
N TYR C 39 35.94 11.05 -6.82
CA TYR C 39 36.33 10.71 -5.45
C TYR C 39 37.48 9.71 -5.40
N SER C 40 37.73 9.00 -6.51
CA SER C 40 38.99 8.26 -6.62
C SER C 40 40.13 9.17 -7.04
N ARG C 41 39.82 10.22 -7.81
CA ARG C 41 40.84 11.19 -8.20
C ARG C 41 41.39 11.94 -7.00
N LEU C 42 40.50 12.61 -6.25
CA LEU C 42 40.95 13.39 -5.09
C LEU C 42 41.73 12.52 -4.10
N LEU C 43 41.59 11.20 -4.21
CA LEU C 43 42.14 10.26 -3.24
C LEU C 43 43.66 10.21 -3.26
N LYS C 44 44.33 10.84 -4.24
CA LYS C 44 45.79 10.94 -4.19
C LYS C 44 46.26 12.38 -4.04
N GLU C 45 45.37 13.27 -3.60
CA GLU C 45 45.75 14.39 -2.76
C GLU C 45 45.59 14.04 -1.28
N ARG C 46 45.44 12.74 -0.97
CA ARG C 46 45.24 12.24 0.39
C ARG C 46 43.98 12.84 1.04
N ILE C 47 42.93 12.97 0.23
CA ILE C 47 41.67 13.60 0.63
C ILE C 47 40.66 12.50 0.92
N VAL C 48 39.90 12.65 2.02
CA VAL C 48 38.87 11.70 2.40
C VAL C 48 37.59 12.46 2.72
N PHE C 49 36.44 11.81 2.52
CA PHE C 49 35.14 12.43 2.69
C PHE C 49 34.25 11.59 3.60
N LEU C 50 33.56 12.25 4.53
CA LEU C 50 32.42 11.67 5.22
C LEU C 50 31.21 12.57 4.94
N VAL C 51 30.29 12.07 4.14
CA VAL C 51 29.13 12.83 3.70
C VAL C 51 27.87 12.03 4.03
N GLY C 52 26.85 12.73 4.54
CA GLY C 52 25.57 12.13 4.80
C GLY C 52 25.56 11.24 6.02
N PRO C 53 24.45 10.52 6.23
CA PRO C 53 24.32 9.67 7.41
C PRO C 53 25.48 8.68 7.53
N VAL C 54 25.99 8.56 8.75
CA VAL C 54 27.09 7.64 9.03
C VAL C 54 26.52 6.23 9.11
N THR C 55 26.34 5.60 7.96
CA THR C 55 25.97 4.20 7.92
C THR C 55 27.15 3.33 8.33
N ASP C 56 26.90 2.03 8.47
CA ASP C 56 28.02 1.09 8.53
C ASP C 56 28.87 1.18 7.27
N GLU C 57 28.21 1.31 6.11
CA GLU C 57 28.92 1.30 4.84
C GLU C 57 29.78 2.53 4.64
N SER C 58 29.19 3.73 4.79
CA SER C 58 29.96 4.95 4.56
C SER C 58 31.12 5.05 5.54
N ALA C 59 30.89 4.62 6.78
CA ALA C 59 31.95 4.61 7.78
C ALA C 59 33.08 3.67 7.39
N ASN C 60 32.75 2.44 7.01
CA ASN C 60 33.81 1.50 6.64
C ASN C 60 34.51 1.92 5.36
N LEU C 61 33.80 2.61 4.45
CA LEU C 61 34.45 3.14 3.27
C LEU C 61 35.50 4.19 3.65
N VAL C 62 35.12 5.10 4.55
CA VAL C 62 36.08 6.09 5.04
C VAL C 62 37.26 5.39 5.70
N VAL C 63 36.98 4.34 6.49
CA VAL C 63 38.04 3.62 7.19
C VAL C 63 38.99 2.95 6.21
N ALA C 64 38.44 2.36 5.15
CA ALA C 64 39.27 1.76 4.12
C ALA C 64 40.14 2.82 3.45
N GLN C 65 39.57 3.98 3.16
CA GLN C 65 40.35 5.06 2.57
C GLN C 65 41.50 5.47 3.48
N LEU C 66 41.25 5.55 4.79
CA LEU C 66 42.29 5.94 5.74
C LEU C 66 43.40 4.89 5.82
N LEU C 67 43.01 3.62 5.94
CA LEU C 67 43.99 2.54 5.96
C LEU C 67 44.83 2.52 4.69
N PHE C 68 44.18 2.71 3.54
CA PHE C 68 44.89 2.72 2.27
C PHE C 68 45.89 3.87 2.20
N LEU C 69 45.49 5.06 2.65
CA LEU C 69 46.42 6.18 2.61
C LEU C 69 47.58 5.97 3.57
N GLU C 70 47.34 5.31 4.70
CA GLU C 70 48.45 5.00 5.60
C GLU C 70 49.42 4.02 4.96
N SER C 71 48.88 2.99 4.27
CA SER C 71 49.75 2.09 3.52
C SER C 71 50.53 2.84 2.45
N GLU C 72 49.83 3.67 1.68
CA GLU C 72 50.47 4.43 0.60
C GLU C 72 51.51 5.39 1.14
N ASN C 73 51.28 5.96 2.32
CA ASN C 73 52.27 6.82 2.97
C ASN C 73 51.89 7.03 4.42
N PRO C 74 52.51 6.31 5.35
CA PRO C 74 52.08 6.37 6.76
C PRO C 74 52.56 7.59 7.52
N ASP C 75 53.25 8.52 6.86
CA ASP C 75 53.69 9.74 7.52
C ASP C 75 53.03 11.00 7.00
N LYS C 76 52.70 11.05 5.71
CA LYS C 76 52.03 12.23 5.18
C LYS C 76 50.62 12.32 5.73
N ASP C 77 50.24 13.53 6.16
CA ASP C 77 48.94 13.75 6.77
C ASP C 77 47.82 13.43 5.80
N ILE C 78 46.69 12.98 6.34
CA ILE C 78 45.48 12.72 5.58
C ILE C 78 44.52 13.86 5.85
N PHE C 79 43.66 14.18 4.89
CA PHE C 79 42.60 15.15 5.08
C PHE C 79 41.24 14.45 5.09
N PHE C 80 40.40 14.84 6.05
CA PHE C 80 39.11 14.21 6.30
C PHE C 80 38.06 15.31 6.23
N TYR C 81 37.34 15.37 5.11
CA TYR C 81 36.37 16.42 4.88
C TYR C 81 35.00 15.91 5.33
N ILE C 82 34.39 16.61 6.29
CA ILE C 82 33.21 16.12 6.99
C ILE C 82 32.03 17.03 6.69
N ASN C 83 30.95 16.44 6.16
CA ASN C 83 29.66 17.11 5.97
C ASN C 83 28.59 16.09 6.37
N SER C 84 28.54 15.78 7.66
CA SER C 84 27.66 14.74 8.17
C SER C 84 26.67 15.31 9.17
N PRO C 85 25.41 14.84 9.15
CA PRO C 85 24.49 15.17 10.23
C PRO C 85 24.59 14.15 11.36
N GLY C 86 25.69 13.39 11.39
CA GLY C 86 25.86 12.34 12.36
C GLY C 86 25.17 11.07 11.92
N GLY C 87 25.15 10.10 12.83
CA GLY C 87 24.51 8.83 12.55
C GLY C 87 24.84 7.74 13.55
N SER C 88 25.35 6.62 13.06
CA SER C 88 25.65 5.49 13.94
C SER C 88 26.85 5.80 14.82
N VAL C 89 26.74 5.45 16.10
CA VAL C 89 27.82 5.74 17.04
C VAL C 89 28.92 4.68 16.95
N THR C 90 28.55 3.40 16.77
CA THR C 90 29.59 2.39 16.63
C THR C 90 30.32 2.51 15.30
N ALA C 91 29.62 2.91 14.23
CA ALA C 91 30.31 3.17 12.97
C ALA C 91 31.23 4.39 13.09
N GLY C 92 30.73 5.47 13.69
CA GLY C 92 31.59 6.60 13.99
C GLY C 92 32.74 6.20 14.89
N MET C 93 32.55 5.17 15.71
CA MET C 93 33.57 4.74 16.64
C MET C 93 34.67 4.00 15.89
N SER C 94 34.26 3.18 14.92
CA SER C 94 35.16 2.62 13.94
C SER C 94 36.04 3.72 13.33
N ILE C 95 35.38 4.74 12.76
CA ILE C 95 36.11 5.84 12.15
C ILE C 95 37.12 6.42 13.12
N TYR C 96 36.65 6.83 14.30
CA TYR C 96 37.49 7.49 15.30
C TYR C 96 38.69 6.64 15.69
N ASP C 97 38.44 5.42 16.14
CA ASP C 97 39.51 4.52 16.54
C ASP C 97 40.53 4.37 15.42
N THR C 98 40.06 4.39 14.16
CA THR C 98 40.99 4.34 13.04
C THR C 98 41.82 5.61 12.95
N MET C 99 41.16 6.78 13.03
CA MET C 99 41.87 8.05 12.94
C MET C 99 43.01 8.12 13.93
N ASN C 100 42.80 7.60 15.14
CA ASN C 100 43.88 7.67 16.14
C ASN C 100 44.84 6.50 16.06
N PHE C 101 44.41 5.36 15.55
CA PHE C 101 45.30 4.21 15.43
C PHE C 101 46.43 4.46 14.46
N ILE C 102 46.15 5.18 13.38
CA ILE C 102 47.11 5.33 12.29
C ILE C 102 48.10 6.42 12.64
N LYS C 103 49.35 6.24 12.20
CA LYS C 103 50.35 7.31 12.32
C LYS C 103 49.93 8.59 11.60
N PRO C 104 49.46 8.56 10.33
CA PRO C 104 49.13 9.83 9.67
C PRO C 104 48.21 10.70 10.50
N ASP C 105 48.79 11.75 11.08
CA ASP C 105 48.05 12.73 11.86
C ASP C 105 46.91 13.31 11.02
N VAL C 106 45.70 12.84 11.25
CA VAL C 106 44.57 13.17 10.37
C VAL C 106 44.12 14.60 10.63
N SER C 107 44.06 15.39 9.57
CA SER C 107 43.42 16.69 9.59
C SER C 107 41.94 16.54 9.27
N THR C 108 41.13 17.44 9.81
CA THR C 108 39.69 17.44 9.58
C THR C 108 39.26 18.80 9.09
N LEU C 109 38.25 18.82 8.22
CA LEU C 109 37.72 20.07 7.70
C LEU C 109 36.21 19.99 7.64
N CYS C 110 35.54 20.91 8.34
CA CYS C 110 34.10 21.01 8.33
C CYS C 110 33.65 21.87 7.16
N LEU C 111 32.78 21.30 6.33
CA LEU C 111 32.18 21.99 5.18
C LEU C 111 30.69 21.71 5.21
N GLY C 112 29.89 22.77 5.00
CA GLY C 112 28.45 22.62 5.10
C GLY C 112 27.97 22.55 6.53
N GLN C 113 28.22 21.43 7.20
CA GLN C 113 27.86 21.27 8.60
C GLN C 113 28.63 20.09 9.17
N ALA C 114 28.64 20.01 10.50
CA ALA C 114 29.13 18.84 11.21
C ALA C 114 28.20 18.68 12.41
N ALA C 115 27.33 17.69 12.40
CA ALA C 115 26.42 17.44 13.52
C ALA C 115 26.49 16.06 14.18
N SER C 116 26.25 16.02 15.45
CA SER C 116 26.24 14.83 16.27
C SER C 116 27.52 14.07 16.04
N MET C 117 27.43 12.88 15.53
CA MET C 117 28.64 12.17 15.24
C MET C 117 29.50 12.94 14.23
N GLY C 118 28.95 13.77 13.35
CA GLY C 118 29.84 14.50 12.46
C GLY C 118 30.70 15.49 13.20
N ALA C 119 30.09 16.27 14.09
CA ALA C 119 30.86 17.16 14.97
C ALA C 119 31.85 16.37 15.80
N PHE C 120 31.43 15.20 16.30
CA PHE C 120 32.32 14.37 17.11
C PHE C 120 33.59 14.02 16.35
N LEU C 121 33.45 13.62 15.08
CA LEU C 121 34.62 13.21 14.32
C LEU C 121 35.46 14.42 13.90
N LEU C 122 34.81 15.51 13.50
CA LEU C 122 35.55 16.74 13.21
C LEU C 122 36.40 17.16 14.39
N SER C 123 35.89 16.98 15.62
CA SER C 123 36.67 17.33 16.80
C SER C 123 37.85 16.39 17.01
N ALA C 124 37.84 15.22 16.37
CA ALA C 124 38.83 14.19 16.63
C ALA C 124 40.06 14.28 15.75
N GLY C 125 40.05 15.14 14.73
CA GLY C 125 41.22 15.34 13.90
C GLY C 125 42.43 15.71 14.72
N GLU C 126 43.62 15.50 14.17
CA GLU C 126 44.84 15.76 14.91
C GLU C 126 44.83 17.15 15.54
N LYS C 127 45.25 17.18 16.80
CA LYS C 127 45.27 18.40 17.56
C LYS C 127 46.14 19.44 16.87
N GLY C 128 45.63 20.67 16.80
CA GLY C 128 46.20 21.70 15.96
C GLY C 128 45.80 21.61 14.51
N LYS C 129 45.23 20.49 14.08
CA LYS C 129 44.90 20.25 12.68
C LYS C 129 43.42 19.91 12.51
N ARG C 130 42.54 20.80 12.94
CA ARG C 130 41.11 20.66 12.77
C ARG C 130 40.56 22.01 12.34
N PHE C 131 39.75 22.04 11.29
CA PHE C 131 39.35 23.30 10.68
C PHE C 131 37.87 23.26 10.35
N ALA C 132 37.32 24.44 10.12
CA ALA C 132 36.01 24.58 9.50
C ALA C 132 36.06 25.75 8.55
N LEU C 133 35.18 25.72 7.57
CA LEU C 133 35.04 26.89 6.72
C LEU C 133 34.19 27.93 7.45
N PRO C 134 34.31 29.22 7.09
CA PRO C 134 33.68 30.26 7.93
C PRO C 134 32.17 30.19 7.96
N ASN C 135 31.53 29.50 7.02
CA ASN C 135 30.08 29.36 7.02
C ASN C 135 29.64 27.95 7.33
N SER C 136 30.49 27.16 7.99
CA SER C 136 30.06 25.90 8.55
C SER C 136 28.96 26.15 9.58
N ARG C 137 28.39 25.07 10.08
CA ARG C 137 27.62 25.17 11.32
C ARG C 137 27.70 23.82 11.98
N ILE C 138 28.02 23.83 13.27
CA ILE C 138 28.21 22.60 14.03
C ILE C 138 27.08 22.52 15.03
N MET C 139 26.69 21.31 15.37
CA MET C 139 25.66 21.14 16.39
C MET C 139 26.01 19.89 17.18
N ILE C 140 25.73 19.93 18.46
CA ILE C 140 25.98 18.80 19.35
C ILE C 140 24.72 18.50 20.13
N HIS C 141 24.56 17.23 20.50
CA HIS C 141 23.43 16.81 21.30
C HIS C 141 23.76 15.46 21.93
N GLN C 142 22.87 14.99 22.74
CA GLN C 142 23.03 13.72 23.43
C GLN C 142 22.47 12.58 22.59
N PRO C 143 22.89 11.35 22.86
CA PRO C 143 22.45 10.21 22.04
C PRO C 143 20.94 10.06 21.99
N LEU C 144 20.40 10.06 20.77
CA LEU C 144 18.99 9.74 20.55
C LEU C 144 18.81 8.24 20.50
N ILE C 145 17.67 7.77 20.00
CA ILE C 145 17.41 6.34 19.89
C ILE C 145 16.64 6.05 18.60
N SER C 146 15.55 6.79 18.39
CA SER C 146 14.71 6.60 17.21
C SER C 146 14.74 7.84 16.32
N GLY C 151 11.23 -4.27 24.02
CA GLY C 151 11.30 -5.61 24.58
C GLY C 151 10.70 -5.73 25.96
N GLN C 152 11.33 -6.53 26.81
CA GLN C 152 10.90 -6.67 28.20
C GLN C 152 11.59 -5.64 29.08
N ALA C 153 11.02 -5.45 30.29
CA ALA C 153 11.59 -4.51 31.24
C ALA C 153 13.00 -4.88 31.63
N SER C 154 13.34 -6.18 31.62
CA SER C 154 14.73 -6.58 31.83
C SER C 154 15.60 -6.16 30.66
N ASP C 155 15.15 -6.45 29.45
CA ASP C 155 15.89 -6.01 28.26
C ASP C 155 15.92 -4.50 28.17
N ILE C 156 14.80 -3.85 28.44
CA ILE C 156 14.74 -2.40 28.42
C ILE C 156 15.70 -1.82 29.45
N GLU C 157 15.82 -2.47 30.61
CA GLU C 157 16.72 -2.01 31.65
C GLU C 157 18.18 -2.16 31.21
N ILE C 158 18.53 -3.35 30.71
CA ILE C 158 19.86 -3.59 30.15
C ILE C 158 20.24 -2.49 29.18
N HIS C 159 19.33 -2.21 28.24
CA HIS C 159 19.65 -1.29 27.15
C HIS C 159 19.67 0.16 27.60
N ALA C 160 18.81 0.54 28.55
CA ALA C 160 18.86 1.90 29.08
C ALA C 160 20.17 2.14 29.81
N ARG C 161 20.59 1.18 30.63
CA ARG C 161 21.88 1.31 31.29
C ARG C 161 22.99 1.47 30.26
N GLU C 162 23.01 0.60 29.24
CA GLU C 162 24.05 0.69 28.22
C GLU C 162 24.04 2.04 27.51
N LEU C 163 22.85 2.53 27.14
CA LEU C 163 22.76 3.81 26.44
C LEU C 163 23.29 4.95 27.30
N LEU C 164 23.06 4.89 28.60
CA LEU C 164 23.62 5.94 29.45
C LEU C 164 25.14 5.81 29.53
N LYS C 165 25.66 4.58 29.55
CA LYS C 165 27.11 4.41 29.45
C LYS C 165 27.64 5.08 28.19
N ILE C 166 26.90 4.94 27.07
CA ILE C 166 27.30 5.56 25.82
C ILE C 166 27.37 7.08 25.96
N LYS C 167 26.25 7.70 26.34
CA LYS C 167 26.18 9.16 26.48
C LYS C 167 27.29 9.68 27.37
N GLU C 168 27.46 9.03 28.52
CA GLU C 168 28.39 9.39 29.58
C GLU C 168 29.84 9.04 29.25
N LYS C 169 30.07 8.31 28.15
CA LYS C 169 31.41 8.12 27.59
C LYS C 169 31.71 9.18 26.52
N LEU C 170 30.74 9.44 25.64
CA LEU C 170 30.93 10.41 24.57
C LEU C 170 31.21 11.80 25.14
N ASN C 171 30.52 12.17 26.21
CA ASN C 171 30.77 13.48 26.82
C ASN C 171 32.23 13.59 27.29
N ARG C 172 32.74 12.54 27.95
CA ARG C 172 34.08 12.62 28.50
C ARG C 172 35.16 12.52 27.42
N LEU C 173 34.83 11.94 26.26
CA LEU C 173 35.74 12.06 25.12
C LEU C 173 35.74 13.48 24.55
N MET C 174 34.54 14.07 24.43
CA MET C 174 34.44 15.41 23.86
C MET C 174 35.20 16.42 24.71
N ALA C 175 35.13 16.27 26.03
CA ALA C 175 35.90 17.14 26.92
C ALA C 175 37.38 17.11 26.56
N LYS C 176 37.96 15.92 26.58
CA LYS C 176 39.38 15.77 26.23
C LYS C 176 39.67 16.34 24.85
N HIS C 177 38.70 16.30 23.94
CA HIS C 177 38.88 16.97 22.65
C HIS C 177 39.01 18.48 22.82
N CYS C 178 38.21 19.07 23.71
CA CYS C 178 37.97 20.51 23.63
C CYS C 178 38.70 21.35 24.67
N ASP C 179 39.38 20.74 25.65
CA ASP C 179 39.81 21.46 26.85
C ASP C 179 38.65 22.27 27.43
N ARG C 180 37.66 21.52 27.89
CA ARG C 180 36.51 22.02 28.61
C ARG C 180 36.19 21.04 29.72
N ASP C 181 35.56 21.52 30.78
CA ASP C 181 35.18 20.62 31.85
C ASP C 181 34.05 19.70 31.39
N LEU C 182 34.22 18.40 31.65
CA LEU C 182 33.19 17.38 31.53
C LEU C 182 31.78 17.91 31.79
N ALA C 183 31.60 18.60 32.92
CA ALA C 183 30.28 19.09 33.30
C ALA C 183 29.73 20.06 32.27
N ASP C 184 30.58 20.96 31.76
CA ASP C 184 30.17 21.89 30.72
C ASP C 184 29.56 21.14 29.53
N LEU C 185 30.14 19.99 29.18
CA LEU C 185 29.59 19.17 28.10
C LEU C 185 28.25 18.56 28.50
N GLU C 186 28.25 17.76 29.58
CA GLU C 186 27.02 17.10 30.00
C GLU C 186 25.85 18.07 30.08
N ARG C 187 26.15 19.34 30.32
CA ARG C 187 25.14 20.37 30.41
C ARG C 187 24.79 20.93 29.03
N ASP C 188 25.80 21.32 28.25
CA ASP C 188 25.58 21.93 26.95
C ASP C 188 25.09 20.96 25.89
N THR C 189 25.05 19.66 26.20
CA THR C 189 24.52 18.67 25.28
C THR C 189 23.17 18.13 25.73
N ASP C 190 22.57 18.73 26.76
CA ASP C 190 21.25 18.27 27.21
C ASP C 190 20.24 18.35 26.08
N ARG C 191 20.25 19.43 25.33
CA ARG C 191 19.40 19.61 24.17
C ARG C 191 20.27 20.03 22.98
N ASP C 192 19.64 20.15 21.81
CA ASP C 192 20.37 20.51 20.60
C ASP C 192 21.06 21.85 20.78
N ASN C 193 22.40 21.85 20.68
CA ASN C 193 23.18 23.08 20.79
C ASN C 193 23.82 23.38 19.45
N PHE C 194 23.46 24.53 18.87
CA PHE C 194 23.94 24.94 17.56
C PHE C 194 24.98 26.03 17.71
N MET C 195 26.00 25.98 16.85
CA MET C 195 27.12 26.91 16.88
C MET C 195 27.54 27.23 15.46
N SER C 196 27.90 28.48 15.23
CA SER C 196 28.58 28.83 13.99
C SER C 196 30.01 28.30 14.04
N ALA C 197 30.77 28.54 12.97
CA ALA C 197 32.18 28.16 12.99
C ALA C 197 32.93 28.90 14.08
N GLU C 198 32.56 30.17 14.29
CA GLU C 198 33.23 31.02 15.27
C GLU C 198 33.01 30.50 16.68
N GLU C 199 31.76 30.23 17.06
CA GLU C 199 31.48 29.60 18.34
C GLU C 199 32.18 28.26 18.47
N ALA C 200 32.32 27.54 17.35
CA ALA C 200 32.99 26.25 17.38
C ALA C 200 34.46 26.40 17.77
N LYS C 201 35.17 27.33 17.13
CA LYS C 201 36.54 27.61 17.56
C LYS C 201 36.56 28.13 19.00
N GLU C 202 35.53 28.90 19.37
CA GLU C 202 35.46 29.50 20.70
C GLU C 202 35.46 28.42 21.78
N TYR C 203 34.62 27.39 21.61
CA TYR C 203 34.42 26.39 22.65
C TYR C 203 35.66 25.53 22.84
N GLY C 204 36.27 25.09 21.74
CA GLY C 204 37.39 24.18 21.80
C GLY C 204 37.27 23.11 20.74
N LEU C 205 36.25 23.27 19.89
CA LEU C 205 35.95 22.29 18.84
C LEU C 205 37.07 22.21 17.81
N ILE C 206 37.46 23.35 17.27
CA ILE C 206 38.29 23.42 16.08
C ILE C 206 39.34 24.51 16.24
N ASP C 207 40.46 24.35 15.54
CA ASP C 207 41.62 25.19 15.77
C ASP C 207 41.54 26.49 14.97
N GLN C 208 41.19 26.42 13.69
CA GLN C 208 41.14 27.61 12.87
C GLN C 208 39.97 27.52 11.89
N ILE C 209 39.46 28.69 11.54
CA ILE C 209 38.58 28.86 10.39
C ILE C 209 39.43 29.35 9.23
N LEU C 210 39.32 28.68 8.09
CA LEU C 210 40.12 29.01 6.93
C LEU C 210 39.35 29.96 6.03
N GLU C 211 39.94 31.12 5.75
CA GLU C 211 39.38 32.04 4.76
C GLU C 211 39.37 31.30 3.44
N ASN C 212 40.46 31.50 2.70
CA ASN C 212 40.90 30.61 1.63
C ASN C 212 42.18 29.92 2.10
N ARG C 213 43.27 29.95 1.34
CA ARG C 213 44.48 29.23 1.75
C ARG C 213 45.19 29.92 2.90
N ALA C 214 45.02 31.23 3.08
CA ALA C 214 45.61 31.92 4.21
C ALA C 214 45.03 31.40 5.52
N PHE D 36 41.25 -1.23 -9.42
CA PHE D 36 40.87 -1.87 -8.17
C PHE D 36 39.95 -1.01 -7.33
N ASP D 37 38.83 -1.56 -6.89
CA ASP D 37 38.10 -0.91 -5.82
C ASP D 37 38.96 -0.91 -4.55
N ILE D 38 38.52 -0.13 -3.55
CA ILE D 38 39.34 0.02 -2.35
C ILE D 38 39.44 -1.30 -1.58
N TYR D 39 38.38 -2.10 -1.62
CA TYR D 39 38.38 -3.34 -0.83
C TYR D 39 39.33 -4.36 -1.44
N SER D 40 39.44 -4.39 -2.77
CA SER D 40 40.43 -5.26 -3.40
C SER D 40 41.85 -4.83 -3.04
N ARG D 41 42.11 -3.52 -3.07
CA ARG D 41 43.43 -3.02 -2.69
C ARG D 41 43.79 -3.48 -1.29
N LEU D 42 42.88 -3.29 -0.33
CA LEU D 42 43.19 -3.74 1.02
C LEU D 42 43.23 -5.26 1.11
N LEU D 43 42.49 -5.95 0.26
CA LEU D 43 42.54 -7.39 0.22
C LEU D 43 43.90 -7.88 -0.26
N LYS D 44 44.58 -7.07 -1.07
CA LYS D 44 45.96 -7.37 -1.45
C LYS D 44 46.85 -7.46 -0.22
N GLU D 45 46.64 -6.57 0.75
CA GLU D 45 47.28 -6.62 2.07
C GLU D 45 46.71 -7.70 2.96
N ARG D 46 45.88 -8.60 2.42
CA ARG D 46 45.33 -9.74 3.15
C ARG D 46 44.35 -9.31 4.24
N ILE D 47 43.58 -8.26 3.97
CA ILE D 47 42.57 -7.75 4.90
C ILE D 47 41.19 -8.09 4.37
N VAL D 48 40.39 -8.77 5.20
CA VAL D 48 39.02 -9.14 4.87
C VAL D 48 38.10 -8.48 5.89
N PHE D 49 37.07 -7.80 5.41
CA PHE D 49 36.10 -7.13 6.27
C PHE D 49 34.85 -7.97 6.45
N LEU D 50 34.35 -7.99 7.68
CA LEU D 50 32.98 -8.39 7.98
C LEU D 50 32.26 -7.15 8.49
N VAL D 51 31.43 -6.55 7.66
CA VAL D 51 30.76 -5.29 7.95
C VAL D 51 29.25 -5.50 7.85
N GLY D 52 28.54 -5.14 8.90
CA GLY D 52 27.11 -5.28 8.91
C GLY D 52 26.68 -6.71 9.12
N PRO D 53 25.47 -7.05 8.67
CA PRO D 53 24.88 -8.35 9.01
C PRO D 53 25.64 -9.52 8.41
N VAL D 54 25.47 -10.68 9.06
CA VAL D 54 26.03 -11.94 8.59
C VAL D 54 24.95 -12.71 7.82
N THR D 55 24.74 -12.35 6.58
CA THR D 55 23.87 -13.12 5.71
C THR D 55 24.67 -14.23 5.04
N ASP D 56 23.96 -15.14 4.36
CA ASP D 56 24.63 -16.21 3.64
C ASP D 56 25.54 -15.65 2.55
N GLU D 57 25.05 -14.65 1.82
CA GLU D 57 25.85 -14.06 0.74
C GLU D 57 27.10 -13.38 1.30
N SER D 58 26.95 -12.55 2.33
CA SER D 58 28.09 -11.84 2.90
C SER D 58 29.08 -12.79 3.55
N ALA D 59 28.58 -13.71 4.38
CA ALA D 59 29.45 -14.68 5.03
C ALA D 59 30.21 -15.50 4.00
N ASN D 60 29.54 -15.87 2.90
CA ASN D 60 30.22 -16.68 1.91
C ASN D 60 31.22 -15.87 1.11
N LEU D 61 30.95 -14.59 0.88
CA LEU D 61 31.98 -13.75 0.27
C LEU D 61 33.23 -13.68 1.14
N VAL D 62 33.04 -13.60 2.46
CA VAL D 62 34.19 -13.60 3.34
C VAL D 62 34.90 -14.95 3.31
N VAL D 63 34.13 -16.04 3.25
CA VAL D 63 34.72 -17.37 3.09
C VAL D 63 35.58 -17.42 1.85
N ALA D 64 35.06 -16.90 0.74
CA ALA D 64 35.80 -16.88 -0.51
C ALA D 64 37.10 -16.09 -0.38
N GLN D 65 37.04 -14.93 0.26
CA GLN D 65 38.26 -14.13 0.42
C GLN D 65 39.28 -14.85 1.28
N LEU D 66 38.83 -15.54 2.32
CA LEU D 66 39.75 -16.33 3.13
C LEU D 66 40.44 -17.39 2.28
N LEU D 67 39.66 -18.12 1.48
CA LEU D 67 40.22 -19.18 0.65
C LEU D 67 41.24 -18.62 -0.35
N PHE D 68 40.89 -17.51 -1.00
CA PHE D 68 41.79 -16.96 -2.02
C PHE D 68 43.04 -16.36 -1.40
N LEU D 69 42.95 -15.78 -0.20
CA LEU D 69 44.17 -15.33 0.47
C LEU D 69 45.06 -16.50 0.81
N GLU D 70 44.47 -17.62 1.23
CA GLU D 70 45.27 -18.83 1.45
C GLU D 70 45.98 -19.25 0.17
N SER D 71 45.23 -19.37 -0.93
CA SER D 71 45.81 -19.67 -2.24
C SER D 71 46.97 -18.73 -2.55
N GLU D 72 46.71 -17.43 -2.46
CA GLU D 72 47.71 -16.40 -2.72
C GLU D 72 49.00 -16.65 -1.95
N ASN D 73 48.88 -17.03 -0.67
CA ASN D 73 50.06 -17.30 0.15
C ASN D 73 49.66 -17.94 1.48
N PRO D 74 49.90 -19.22 1.67
CA PRO D 74 49.52 -19.89 2.93
C PRO D 74 50.53 -19.75 4.05
N ASP D 75 51.61 -18.98 3.88
CA ASP D 75 52.52 -18.66 4.99
C ASP D 75 52.36 -17.22 5.45
N LYS D 76 51.27 -16.57 5.09
CA LYS D 76 50.96 -15.23 5.56
C LYS D 76 49.62 -15.23 6.27
N ASP D 77 49.52 -14.44 7.34
CA ASP D 77 48.33 -14.44 8.17
C ASP D 77 47.28 -13.49 7.59
N ILE D 78 46.03 -13.67 8.03
CA ILE D 78 44.88 -13.00 7.46
C ILE D 78 44.26 -12.08 8.52
N PHE D 79 43.84 -10.89 8.09
CA PHE D 79 43.30 -9.85 8.98
C PHE D 79 41.80 -9.72 8.73
N PHE D 80 41.00 -10.17 9.70
CA PHE D 80 39.55 -10.21 9.63
C PHE D 80 39.00 -9.05 10.43
N TYR D 81 38.47 -8.04 9.75
CA TYR D 81 38.01 -6.82 10.38
C TYR D 81 36.50 -6.92 10.62
N ILE D 82 36.11 -7.06 11.88
CA ILE D 82 34.72 -7.29 12.26
C ILE D 82 34.13 -6.00 12.82
N ASN D 83 33.12 -5.48 12.13
CA ASN D 83 32.21 -4.44 12.65
C ASN D 83 30.82 -4.92 12.25
N SER D 84 30.32 -5.91 12.99
CA SER D 84 29.08 -6.59 12.62
C SER D 84 28.23 -6.81 13.85
N PRO D 85 26.90 -6.71 13.70
CA PRO D 85 25.98 -7.02 14.81
C PRO D 85 25.59 -8.48 14.94
N GLY D 86 26.09 -9.35 14.06
CA GLY D 86 25.69 -10.74 14.04
C GLY D 86 24.93 -11.09 12.77
N GLY D 87 24.22 -12.21 12.78
CA GLY D 87 23.42 -12.59 11.63
C GLY D 87 23.08 -14.07 11.68
N SER D 88 22.91 -14.65 10.49
CA SER D 88 22.61 -16.07 10.37
C SER D 88 23.65 -16.89 11.10
N VAL D 89 23.25 -17.56 12.19
CA VAL D 89 24.15 -18.45 12.91
C VAL D 89 24.81 -19.44 11.96
N THR D 90 24.06 -19.92 10.97
CA THR D 90 24.63 -20.87 10.02
C THR D 90 25.68 -20.21 9.13
N ALA D 91 25.41 -19.00 8.64
CA ALA D 91 26.41 -18.28 7.86
C ALA D 91 27.65 -17.99 8.70
N GLY D 92 27.44 -17.54 9.94
CA GLY D 92 28.55 -17.35 10.85
C GLY D 92 29.37 -18.62 11.03
N MET D 93 28.69 -19.76 11.17
CA MET D 93 29.40 -21.04 11.26
C MET D 93 30.15 -21.35 9.98
N SER D 94 29.61 -20.94 8.83
CA SER D 94 30.30 -21.16 7.57
C SER D 94 31.64 -20.45 7.57
N ILE D 95 31.67 -19.20 8.06
CA ILE D 95 32.96 -18.53 8.19
C ILE D 95 33.83 -19.20 9.26
N TYR D 96 33.22 -19.51 10.41
CA TYR D 96 33.96 -20.08 11.55
C TYR D 96 34.72 -21.34 11.16
N ASP D 97 34.01 -22.32 10.60
CA ASP D 97 34.66 -23.57 10.24
C ASP D 97 35.78 -23.35 9.23
N THR D 98 35.70 -22.28 8.43
CA THR D 98 36.81 -21.92 7.56
C THR D 98 38.02 -21.53 8.39
N MET D 99 37.91 -20.41 9.15
CA MET D 99 39.02 -19.85 9.93
C MET D 99 40.04 -20.87 10.39
N ASN D 100 39.57 -21.90 11.11
CA ASN D 100 40.47 -22.90 11.67
C ASN D 100 41.04 -23.81 10.61
N PHE D 101 40.28 -24.04 9.54
CA PHE D 101 40.60 -25.10 8.59
C PHE D 101 41.72 -24.70 7.64
N ILE D 102 41.66 -23.49 7.09
CA ILE D 102 42.76 -23.00 6.28
C ILE D 102 44.01 -22.91 7.15
N LYS D 103 45.17 -22.91 6.48
CA LYS D 103 46.42 -22.97 7.23
C LYS D 103 46.73 -21.67 7.97
N PRO D 104 46.63 -20.48 7.36
CA PRO D 104 47.03 -19.27 8.08
C PRO D 104 46.21 -19.02 9.33
N ASP D 105 46.86 -18.43 10.32
CA ASP D 105 46.17 -17.84 11.45
C ASP D 105 45.23 -16.75 10.96
N VAL D 106 43.98 -16.81 11.37
CA VAL D 106 43.01 -15.76 11.06
C VAL D 106 42.95 -14.88 12.30
N SER D 107 43.59 -13.72 12.24
CA SER D 107 43.45 -12.74 13.30
C SER D 107 42.15 -11.98 13.09
N THR D 108 41.46 -11.69 14.19
CA THR D 108 40.22 -10.92 14.16
C THR D 108 40.45 -9.62 14.91
N LEU D 109 39.86 -8.55 14.40
CA LEU D 109 39.92 -7.24 15.04
C LEU D 109 38.52 -6.63 15.07
N CYS D 110 38.04 -6.33 16.28
CA CYS D 110 36.74 -5.68 16.45
C CYS D 110 36.92 -4.17 16.45
N LEU D 111 36.37 -3.49 15.45
CA LEU D 111 36.31 -2.04 15.43
C LEU D 111 34.85 -1.61 15.40
N GLY D 112 34.54 -0.56 16.15
CA GLY D 112 33.15 -0.16 16.33
C GLY D 112 32.41 -1.05 17.30
N GLN D 113 32.17 -2.30 16.89
CA GLN D 113 31.37 -3.23 17.68
C GLN D 113 31.48 -4.62 17.10
N ALA D 114 31.20 -5.61 17.95
CA ALA D 114 31.08 -7.00 17.53
C ALA D 114 30.01 -7.65 18.41
N ALA D 115 28.84 -7.87 17.85
CA ALA D 115 27.69 -8.36 18.60
C ALA D 115 27.24 -9.70 18.06
N SER D 116 26.81 -10.58 18.98
CA SER D 116 26.22 -11.86 18.65
C SER D 116 27.18 -12.69 17.79
N MET D 117 26.87 -12.85 16.50
CA MET D 117 27.73 -13.67 15.64
C MET D 117 29.06 -12.97 15.35
N GLY D 118 29.04 -11.66 15.15
CA GLY D 118 30.29 -10.93 14.99
C GLY D 118 31.24 -11.14 16.14
N ALA D 119 30.71 -11.07 17.37
CA ALA D 119 31.53 -11.33 18.55
C ALA D 119 32.04 -12.77 18.56
N PHE D 120 31.20 -13.72 18.15
CA PHE D 120 31.62 -15.12 18.09
C PHE D 120 32.82 -15.28 17.17
N LEU D 121 32.73 -14.73 15.96
CA LEU D 121 33.84 -14.83 15.03
C LEU D 121 35.07 -14.08 15.54
N LEU D 122 34.86 -12.99 16.30
CA LEU D 122 35.98 -12.30 16.91
C LEU D 122 36.71 -13.20 17.90
N SER D 123 35.96 -13.84 18.80
CA SER D 123 36.53 -14.81 19.73
C SER D 123 37.15 -16.00 19.02
N ALA D 124 36.88 -16.15 17.72
CA ALA D 124 37.37 -17.26 16.93
C ALA D 124 38.73 -16.99 16.32
N GLY D 125 39.19 -15.74 16.31
CA GLY D 125 40.50 -15.39 15.81
C GLY D 125 41.60 -16.23 16.41
N GLU D 126 42.73 -16.35 15.73
CA GLU D 126 43.78 -17.25 16.19
C GLU D 126 44.18 -16.88 17.61
N LYS D 127 44.11 -17.86 18.49
CA LYS D 127 44.33 -17.60 19.91
C LYS D 127 45.73 -17.05 20.14
N GLY D 128 45.79 -15.82 20.62
CA GLY D 128 46.97 -14.99 20.58
C GLY D 128 46.84 -13.83 19.62
N LYS D 129 45.80 -13.81 18.79
CA LYS D 129 45.62 -12.80 17.75
C LYS D 129 44.16 -12.38 17.65
N ARG D 130 43.55 -12.04 18.79
CA ARG D 130 42.18 -11.51 18.86
C ARG D 130 42.25 -10.10 19.44
N PHE D 131 42.02 -9.09 18.60
CA PHE D 131 42.22 -7.69 18.95
C PHE D 131 40.90 -6.94 18.96
N ALA D 132 40.87 -5.86 19.75
CA ALA D 132 39.80 -4.88 19.67
C ALA D 132 40.40 -3.48 19.62
N LEU D 133 39.64 -2.55 19.06
CA LEU D 133 40.01 -1.16 19.15
C LEU D 133 39.48 -0.58 20.46
N PRO D 134 40.04 0.54 20.93
CA PRO D 134 39.66 1.04 22.27
C PRO D 134 38.17 1.32 22.40
N ASN D 135 37.57 2.02 21.45
CA ASN D 135 36.18 2.44 21.60
C ASN D 135 35.19 1.44 21.00
N SER D 136 35.67 0.27 20.61
CA SER D 136 34.80 -0.82 20.23
C SER D 136 34.00 -1.28 21.44
N ARG D 137 33.08 -2.19 21.19
CA ARG D 137 32.56 -3.00 22.28
C ARG D 137 32.00 -4.29 21.72
N ILE D 138 31.74 -5.20 22.63
CA ILE D 138 31.34 -6.57 22.36
C ILE D 138 29.97 -6.77 22.97
N MET D 139 29.15 -7.59 22.34
CA MET D 139 27.89 -7.99 22.94
C MET D 139 27.71 -9.48 22.70
N ILE D 140 27.30 -10.17 23.74
CA ILE D 140 26.97 -11.58 23.61
C ILE D 140 25.61 -11.83 24.23
N HIS D 141 24.84 -12.69 23.58
CA HIS D 141 23.57 -13.13 24.14
C HIS D 141 23.22 -14.48 23.57
N GLN D 142 22.00 -14.94 23.91
CA GLN D 142 21.46 -16.21 23.50
C GLN D 142 20.75 -16.11 22.15
N PRO D 143 20.64 -17.22 21.43
CA PRO D 143 19.93 -17.21 20.15
C PRO D 143 18.47 -16.84 20.33
N LEU D 144 17.99 -16.04 19.40
CA LEU D 144 16.62 -15.53 19.41
C LEU D 144 16.05 -15.61 18.01
N ILE D 145 14.71 -15.49 17.93
CA ILE D 145 13.99 -15.39 16.66
C ILE D 145 12.81 -14.45 16.87
N GLY D 151 4.00 -23.71 12.62
CA GLY D 151 3.44 -24.94 12.11
C GLY D 151 2.74 -25.81 13.15
N GLN D 152 2.77 -27.12 12.93
CA GLN D 152 2.11 -28.04 13.85
C GLN D 152 2.97 -28.25 15.11
N ALA D 153 2.35 -28.88 16.11
CA ALA D 153 3.03 -29.04 17.40
C ALA D 153 4.26 -29.91 17.27
N SER D 154 4.19 -30.95 16.43
CA SER D 154 5.36 -31.80 16.21
C SER D 154 6.50 -31.00 15.60
N ASP D 155 6.20 -30.19 14.59
CA ASP D 155 7.25 -29.45 13.89
C ASP D 155 7.86 -28.38 14.79
N ILE D 156 7.03 -27.75 15.62
CA ILE D 156 7.55 -26.73 16.53
C ILE D 156 8.39 -27.39 17.62
N GLU D 157 7.95 -28.55 18.12
CA GLU D 157 8.79 -29.34 19.00
C GLU D 157 10.17 -29.58 18.38
N ILE D 158 10.17 -29.98 17.11
CA ILE D 158 11.41 -30.28 16.40
C ILE D 158 12.30 -29.05 16.33
N HIS D 159 11.75 -27.94 15.82
CA HIS D 159 12.56 -26.73 15.65
C HIS D 159 13.03 -26.17 16.99
N ALA D 160 12.20 -26.29 18.03
CA ALA D 160 12.59 -25.88 19.38
C ALA D 160 13.81 -26.67 19.80
N ARG D 161 13.65 -27.98 19.97
CA ARG D 161 14.73 -28.89 20.31
C ARG D 161 16.01 -28.53 19.55
N GLU D 162 15.85 -28.24 18.26
CA GLU D 162 17.01 -27.86 17.46
C GLU D 162 17.63 -26.54 17.93
N LEU D 163 16.79 -25.54 18.20
CA LEU D 163 17.29 -24.24 18.64
C LEU D 163 18.04 -24.37 19.96
N LEU D 164 17.49 -25.15 20.90
CA LEU D 164 18.21 -25.37 22.14
C LEU D 164 19.51 -26.13 21.91
N LYS D 165 19.55 -27.04 20.93
CA LYS D 165 20.82 -27.68 20.61
C LYS D 165 21.84 -26.68 20.07
N ILE D 166 21.39 -25.71 19.26
CA ILE D 166 22.27 -24.66 18.76
C ILE D 166 22.83 -23.84 19.92
N LYS D 167 21.93 -23.37 20.79
CA LYS D 167 22.30 -22.76 22.06
C LYS D 167 23.41 -23.53 22.78
N GLU D 168 23.20 -24.82 23.07
CA GLU D 168 24.22 -25.56 23.80
C GLU D 168 25.54 -25.58 23.03
N LYS D 169 25.48 -25.90 21.73
CA LYS D 169 26.66 -25.91 20.87
C LYS D 169 27.44 -24.60 20.99
N LEU D 170 26.74 -23.48 20.83
CA LEU D 170 27.39 -22.18 20.86
C LEU D 170 27.98 -21.87 22.23
N ASN D 171 27.26 -22.23 23.31
CA ASN D 171 27.80 -21.97 24.64
C ASN D 171 29.10 -22.74 24.86
N ARG D 172 29.17 -23.97 24.39
CA ARG D 172 30.36 -24.78 24.61
C ARG D 172 31.53 -24.25 23.78
N LEU D 173 31.29 -23.89 22.53
CA LEU D 173 32.34 -23.28 21.73
C LEU D 173 32.80 -21.96 22.34
N MET D 174 31.89 -21.21 22.96
CA MET D 174 32.24 -19.97 23.65
C MET D 174 33.17 -20.25 24.82
N ALA D 175 32.75 -21.15 25.73
CA ALA D 175 33.61 -21.52 26.85
C ALA D 175 34.99 -21.96 26.36
N LYS D 176 35.05 -22.55 25.17
CA LYS D 176 36.35 -22.95 24.64
C LYS D 176 37.17 -21.74 24.17
N HIS D 177 36.53 -20.80 23.45
CA HIS D 177 37.27 -19.62 23.00
C HIS D 177 37.83 -18.82 24.17
N CYS D 178 37.07 -18.71 25.26
CA CYS D 178 37.38 -17.78 26.33
C CYS D 178 37.93 -18.47 27.57
N ASP D 179 38.22 -19.79 27.49
CA ASP D 179 38.36 -20.68 28.64
C ASP D 179 37.71 -20.13 29.90
N ARG D 180 36.41 -20.26 29.99
CA ARG D 180 35.67 -20.00 31.21
C ARG D 180 34.78 -21.20 31.47
N ASP D 181 34.29 -21.31 32.70
CA ASP D 181 33.36 -22.39 33.00
C ASP D 181 32.09 -22.21 32.20
N LEU D 182 31.61 -23.31 31.62
CA LEU D 182 30.40 -23.27 30.80
C LEU D 182 29.25 -22.62 31.56
N ALA D 183 29.22 -22.82 32.87
CA ALA D 183 28.26 -22.15 33.74
C ALA D 183 28.29 -20.65 33.52
N ASP D 184 29.49 -20.05 33.58
CA ASP D 184 29.64 -18.63 33.27
C ASP D 184 28.92 -18.31 31.97
N LEU D 185 29.31 -18.99 30.89
CA LEU D 185 28.90 -18.59 29.55
C LEU D 185 27.38 -18.60 29.41
N GLU D 186 26.72 -19.69 29.82
CA GLU D 186 25.26 -19.68 29.69
C GLU D 186 24.62 -18.69 30.65
N ARG D 187 25.13 -18.61 31.88
CA ARG D 187 24.65 -17.62 32.82
C ARG D 187 25.01 -16.20 32.38
N ASP D 188 26.09 -16.05 31.61
CA ASP D 188 26.47 -14.76 31.06
C ASP D 188 25.96 -14.57 29.63
N THR D 189 24.98 -15.37 29.20
CA THR D 189 24.35 -15.15 27.91
C THR D 189 22.83 -15.27 28.00
N ASP D 190 22.26 -15.20 29.20
CA ASP D 190 20.81 -15.27 29.33
C ASP D 190 20.13 -14.10 28.64
N ARG D 191 20.75 -12.92 28.66
CA ARG D 191 20.28 -11.76 27.91
C ARG D 191 21.49 -11.00 27.37
N ASP D 192 21.27 -9.76 26.95
CA ASP D 192 22.31 -8.97 26.30
C ASP D 192 23.39 -8.58 27.30
N ASN D 193 24.63 -9.02 27.05
CA ASN D 193 25.77 -8.73 27.89
C ASN D 193 26.73 -7.89 27.06
N PHE D 194 26.88 -6.63 27.44
CA PHE D 194 27.76 -5.69 26.77
C PHE D 194 29.10 -5.63 27.49
N MET D 195 30.17 -5.45 26.71
CA MET D 195 31.53 -5.46 27.22
C MET D 195 32.31 -4.37 26.51
N SER D 196 33.08 -3.60 27.25
CA SER D 196 34.09 -2.78 26.59
C SER D 196 35.16 -3.71 26.01
N ALA D 197 36.08 -3.14 25.24
CA ALA D 197 37.21 -3.94 24.80
C ALA D 197 37.99 -4.48 25.99
N GLU D 198 38.13 -3.66 27.04
CA GLU D 198 38.78 -4.12 28.27
C GLU D 198 38.03 -5.29 28.88
N GLU D 199 36.70 -5.19 28.97
CA GLU D 199 35.90 -6.25 29.56
C GLU D 199 35.98 -7.53 28.72
N ALA D 200 35.97 -7.39 27.40
CA ALA D 200 36.18 -8.55 26.54
C ALA D 200 37.52 -9.21 26.82
N LYS D 201 38.57 -8.39 26.96
CA LYS D 201 39.89 -8.93 27.27
C LYS D 201 39.87 -9.76 28.54
N GLU D 202 39.43 -9.17 29.65
CA GLU D 202 39.37 -9.94 30.89
C GLU D 202 38.44 -11.14 30.76
N TYR D 203 37.51 -11.10 29.81
CA TYR D 203 36.60 -12.22 29.63
C TYR D 203 37.25 -13.38 28.87
N GLY D 204 38.23 -13.09 28.03
CA GLY D 204 38.84 -14.10 27.17
C GLY D 204 38.39 -14.05 25.74
N LEU D 205 37.45 -13.17 25.40
CA LEU D 205 37.01 -13.03 24.01
C LEU D 205 38.14 -12.56 23.12
N ILE D 206 38.79 -11.46 23.50
CA ILE D 206 39.91 -10.92 22.73
C ILE D 206 41.21 -11.12 23.52
N ASP D 207 42.30 -10.55 23.01
CA ASP D 207 43.59 -10.71 23.68
C ASP D 207 44.29 -9.38 23.90
N GLN D 208 44.16 -8.44 22.98
CA GLN D 208 44.91 -7.19 23.08
C GLN D 208 44.07 -6.03 22.53
N ILE D 209 44.12 -4.90 23.23
CA ILE D 209 43.54 -3.65 22.77
C ILE D 209 44.68 -2.78 22.23
N LEU D 210 44.40 -2.03 21.16
CA LEU D 210 45.46 -1.36 20.42
C LEU D 210 45.15 0.13 20.28
N GLU D 211 46.04 0.95 20.85
CA GLU D 211 45.88 2.40 20.78
C GLU D 211 46.28 2.94 19.41
N ASN D 212 47.56 2.76 19.06
CA ASN D 212 48.13 3.27 17.82
C ASN D 212 49.08 2.20 17.30
N ARG D 213 49.91 2.59 16.32
CA ARG D 213 50.84 1.64 15.74
C ARG D 213 51.96 1.24 16.71
N ALA D 214 52.20 2.06 17.74
CA ALA D 214 53.25 1.77 18.71
C ALA D 214 52.95 0.49 19.50
N PHE E 36 40.28 -10.27 -12.02
CA PHE E 36 39.62 -11.56 -11.83
C PHE E 36 39.00 -11.61 -10.44
N ASP E 37 37.73 -11.22 -10.33
CA ASP E 37 37.06 -11.10 -9.04
C ASP E 37 37.18 -12.38 -8.20
N ILE E 38 36.95 -12.26 -6.89
CA ILE E 38 37.27 -13.32 -5.94
C ILE E 38 36.70 -14.65 -6.40
N TYR E 39 35.42 -14.65 -6.79
CA TYR E 39 34.77 -15.90 -7.15
C TYR E 39 35.29 -16.45 -8.47
N SER E 40 35.68 -15.58 -9.41
CA SER E 40 36.31 -16.06 -10.64
C SER E 40 37.66 -16.72 -10.34
N ARG E 41 38.47 -16.04 -9.52
CA ARG E 41 39.77 -16.54 -9.13
C ARG E 41 39.64 -17.90 -8.46
N LEU E 42 38.60 -18.07 -7.65
CA LEU E 42 38.40 -19.35 -6.97
C LEU E 42 37.79 -20.39 -7.88
N LEU E 43 37.03 -19.97 -8.90
CA LEU E 43 36.61 -20.91 -9.94
C LEU E 43 37.80 -21.52 -10.65
N LYS E 44 38.81 -20.70 -10.96
CA LYS E 44 39.98 -21.15 -11.74
C LYS E 44 40.48 -22.53 -11.35
N GLU E 45 40.49 -22.86 -10.06
CA GLU E 45 40.90 -24.20 -9.67
C GLU E 45 39.72 -25.02 -9.17
N ARG E 46 38.64 -25.04 -9.95
CA ARG E 46 37.60 -26.06 -9.87
C ARG E 46 36.82 -25.99 -8.56
N ILE E 47 36.52 -24.77 -8.10
CA ILE E 47 35.69 -24.54 -6.92
C ILE E 47 34.41 -23.85 -7.37
N VAL E 48 33.27 -24.48 -7.08
CA VAL E 48 31.95 -23.97 -7.49
C VAL E 48 31.09 -23.79 -6.25
N PHE E 49 30.43 -22.64 -6.15
CA PHE E 49 29.59 -22.30 -5.01
C PHE E 49 28.12 -22.31 -5.37
N LEU E 50 27.35 -23.05 -4.59
CA LEU E 50 25.89 -22.90 -4.52
C LEU E 50 25.58 -22.26 -3.18
N VAL E 51 25.19 -20.99 -3.20
CA VAL E 51 25.01 -20.21 -1.99
C VAL E 51 23.63 -19.57 -2.03
N GLY E 52 22.83 -19.81 -1.00
CA GLY E 52 21.47 -19.39 -0.99
C GLY E 52 20.56 -20.46 -1.56
N PRO E 53 19.36 -20.07 -1.95
CA PRO E 53 18.35 -21.06 -2.34
C PRO E 53 18.63 -21.63 -3.72
N VAL E 54 18.01 -22.78 -3.98
CA VAL E 54 18.07 -23.44 -5.28
C VAL E 54 16.92 -22.89 -6.12
N THR E 55 17.22 -21.93 -6.97
CA THR E 55 16.27 -21.40 -7.94
C THR E 55 16.64 -21.91 -9.33
N ASP E 56 15.82 -21.57 -10.32
CA ASP E 56 16.13 -21.96 -11.69
C ASP E 56 17.43 -21.33 -12.16
N GLU E 57 17.74 -20.12 -11.70
CA GLU E 57 18.92 -19.37 -12.15
C GLU E 57 20.18 -19.71 -11.35
N SER E 58 20.05 -19.79 -10.03
CA SER E 58 21.20 -20.15 -9.20
C SER E 58 21.65 -21.57 -9.47
N ALA E 59 20.74 -22.44 -9.92
CA ALA E 59 21.12 -23.79 -10.29
C ALA E 59 21.84 -23.82 -11.63
N ASN E 60 21.28 -23.11 -12.62
CA ASN E 60 21.88 -23.08 -13.95
C ASN E 60 23.27 -22.49 -13.94
N LEU E 61 23.54 -21.55 -13.02
CA LEU E 61 24.90 -21.03 -12.93
C LEU E 61 25.88 -22.13 -12.55
N VAL E 62 25.53 -22.92 -11.54
CA VAL E 62 26.40 -24.03 -11.13
C VAL E 62 26.51 -25.07 -12.22
N VAL E 63 25.41 -25.32 -12.93
CA VAL E 63 25.44 -26.27 -14.04
C VAL E 63 26.43 -25.81 -15.11
N ALA E 64 26.36 -24.53 -15.47
CA ALA E 64 27.30 -23.97 -16.45
C ALA E 64 28.73 -24.05 -15.95
N GLN E 65 28.95 -23.81 -14.65
CA GLN E 65 30.30 -23.93 -14.11
C GLN E 65 30.81 -25.36 -14.17
N LEU E 66 29.94 -26.33 -13.88
CA LEU E 66 30.35 -27.73 -13.95
C LEU E 66 30.73 -28.10 -15.38
N LEU E 67 29.90 -27.68 -16.35
CA LEU E 67 30.21 -27.95 -17.75
C LEU E 67 31.51 -27.27 -18.18
N PHE E 68 31.75 -26.05 -17.71
CA PHE E 68 32.97 -25.35 -18.08
C PHE E 68 34.19 -26.05 -17.49
N LEU E 69 34.13 -26.38 -16.19
CA LEU E 69 35.25 -27.05 -15.54
C LEU E 69 35.53 -28.41 -16.16
N GLU E 70 34.50 -29.06 -16.71
CA GLU E 70 34.75 -30.30 -17.45
C GLU E 70 35.38 -30.00 -18.80
N SER E 71 34.79 -29.06 -19.56
CA SER E 71 35.40 -28.59 -20.81
C SER E 71 36.84 -28.14 -20.63
N GLU E 72 37.23 -27.75 -19.42
CA GLU E 72 38.62 -27.45 -19.12
C GLU E 72 39.44 -28.70 -18.83
N ASN E 73 38.78 -29.78 -18.38
CA ASN E 73 39.44 -30.99 -17.91
C ASN E 73 38.39 -31.94 -17.37
N PRO E 74 37.92 -32.91 -18.15
CA PRO E 74 36.96 -33.89 -17.61
C PRO E 74 37.55 -34.86 -16.63
N ASP E 75 38.86 -34.79 -16.37
CA ASP E 75 39.56 -35.78 -15.58
C ASP E 75 40.02 -35.28 -14.22
N LYS E 76 40.02 -33.97 -13.98
CA LYS E 76 40.30 -33.44 -12.65
C LYS E 76 39.00 -33.11 -11.92
N ASP E 77 38.91 -33.59 -10.69
CA ASP E 77 37.75 -33.49 -9.82
C ASP E 77 37.26 -32.06 -9.67
N ILE E 78 35.99 -31.90 -9.31
CA ILE E 78 35.37 -30.60 -9.10
C ILE E 78 34.86 -30.54 -7.67
N PHE E 79 35.29 -29.52 -6.93
CA PHE E 79 34.86 -29.32 -5.56
C PHE E 79 33.69 -28.34 -5.54
N PHE E 80 32.58 -28.78 -4.96
CA PHE E 80 31.30 -28.07 -4.95
C PHE E 80 31.00 -27.62 -3.52
N TYR E 81 30.99 -26.31 -3.30
CA TYR E 81 30.80 -25.77 -1.96
C TYR E 81 29.35 -25.34 -1.81
N ILE E 82 28.66 -25.93 -0.83
CA ILE E 82 27.22 -25.81 -0.68
C ILE E 82 26.93 -25.17 0.67
N ASN E 83 26.25 -24.01 0.63
CA ASN E 83 25.64 -23.41 1.81
C ASN E 83 24.24 -23.01 1.36
N SER E 84 23.28 -23.93 1.46
CA SER E 84 21.97 -23.68 0.89
C SER E 84 20.85 -24.19 1.76
N PRO E 85 19.76 -23.43 1.87
CA PRO E 85 18.56 -23.92 2.58
C PRO E 85 17.78 -24.94 1.78
N GLY E 86 18.09 -25.11 0.50
CA GLY E 86 17.29 -25.91 -0.39
C GLY E 86 16.75 -25.05 -1.50
N GLY E 87 15.62 -25.45 -2.08
CA GLY E 87 15.01 -24.67 -3.14
C GLY E 87 14.16 -25.57 -4.03
N SER E 88 13.94 -25.09 -5.25
CA SER E 88 13.10 -25.80 -6.21
C SER E 88 13.65 -27.20 -6.46
N VAL E 89 12.73 -28.13 -6.76
CA VAL E 89 13.15 -29.50 -6.99
C VAL E 89 13.68 -29.68 -8.41
N THR E 90 13.05 -29.03 -9.39
CA THR E 90 13.51 -29.16 -10.78
C THR E 90 14.93 -28.61 -10.90
N ALA E 91 15.15 -27.42 -10.35
CA ALA E 91 16.47 -26.80 -10.41
C ALA E 91 17.53 -27.63 -9.71
N GLY E 92 17.16 -28.38 -8.69
CA GLY E 92 18.13 -29.21 -8.02
C GLY E 92 18.44 -30.48 -8.77
N MET E 93 17.44 -31.09 -9.43
CA MET E 93 17.76 -32.26 -10.22
C MET E 93 18.56 -31.90 -11.46
N SER E 94 18.42 -30.67 -11.96
CA SER E 94 19.29 -30.25 -13.07
C SER E 94 20.76 -30.34 -12.64
N ILE E 95 21.11 -29.78 -11.47
CA ILE E 95 22.48 -29.88 -10.97
C ILE E 95 22.83 -31.33 -10.66
N TYR E 96 21.88 -32.09 -10.14
CA TYR E 96 22.12 -33.49 -9.79
C TYR E 96 22.58 -34.29 -11.01
N ASP E 97 21.77 -34.27 -12.06
CA ASP E 97 22.11 -35.01 -13.27
C ASP E 97 23.31 -34.41 -13.98
N THR E 98 23.52 -33.10 -13.88
CA THR E 98 24.75 -32.51 -14.39
C THR E 98 25.96 -33.06 -13.63
N MET E 99 25.82 -33.24 -12.32
CA MET E 99 26.89 -33.79 -11.51
C MET E 99 27.24 -35.21 -11.97
N ASN E 100 26.21 -36.03 -12.14
CA ASN E 100 26.44 -37.44 -12.43
C ASN E 100 26.76 -37.71 -13.90
N PHE E 101 26.38 -36.78 -14.78
CA PHE E 101 26.62 -36.95 -16.21
C PHE E 101 28.08 -36.70 -16.54
N ILE E 102 28.62 -35.56 -16.13
CA ILE E 102 29.96 -35.14 -16.53
C ILE E 102 30.98 -36.19 -16.08
N LYS E 103 32.10 -36.22 -16.80
CA LYS E 103 33.16 -37.16 -16.43
C LYS E 103 33.77 -36.89 -15.07
N PRO E 104 34.14 -35.65 -14.70
CA PRO E 104 34.82 -35.45 -13.41
C PRO E 104 33.98 -35.98 -12.25
N ASP E 105 34.67 -36.55 -11.26
CA ASP E 105 34.05 -36.74 -9.97
C ASP E 105 33.66 -35.38 -9.41
N VAL E 106 32.46 -35.29 -8.85
CA VAL E 106 32.03 -34.10 -8.15
C VAL E 106 32.11 -34.39 -6.67
N SER E 107 33.08 -33.79 -5.99
CA SER E 107 33.12 -33.83 -4.54
C SER E 107 32.31 -32.67 -4.00
N THR E 108 31.66 -32.89 -2.86
CA THR E 108 30.77 -31.92 -2.27
C THR E 108 31.25 -31.55 -0.88
N LEU E 109 31.05 -30.29 -0.51
CA LEU E 109 31.52 -29.75 0.76
C LEU E 109 30.45 -28.83 1.32
N CYS E 110 29.88 -29.20 2.46
CA CYS E 110 28.86 -28.40 3.11
C CYS E 110 29.49 -27.45 4.12
N LEU E 111 29.14 -26.16 4.01
CA LEU E 111 29.61 -25.11 4.89
C LEU E 111 28.39 -24.36 5.41
N GLY E 112 28.34 -24.14 6.72
CA GLY E 112 27.17 -23.55 7.32
C GLY E 112 26.00 -24.50 7.37
N GLN E 113 25.32 -24.68 6.23
CA GLN E 113 24.18 -25.58 6.20
C GLN E 113 23.98 -26.12 4.79
N ALA E 114 23.35 -27.29 4.71
CA ALA E 114 22.85 -27.85 3.47
C ALA E 114 21.51 -28.50 3.81
N ALA E 115 20.43 -27.77 3.57
CA ALA E 115 19.11 -28.20 4.00
C ALA E 115 18.26 -28.58 2.79
N SER E 116 17.45 -29.62 2.96
CA SER E 116 16.50 -30.06 1.93
C SER E 116 17.21 -30.43 0.64
N MET E 117 17.06 -29.61 -0.40
CA MET E 117 17.75 -29.86 -1.68
C MET E 117 19.27 -29.78 -1.56
N GLY E 118 19.78 -28.80 -0.81
CA GLY E 118 21.20 -28.74 -0.58
C GLY E 118 21.73 -30.06 -0.03
N ALA E 119 21.01 -30.63 0.92
CA ALA E 119 21.38 -31.96 1.39
C ALA E 119 21.13 -33.06 0.36
N PHE E 120 20.31 -32.81 -0.67
CA PHE E 120 20.19 -33.83 -1.71
C PHE E 120 21.45 -33.86 -2.56
N LEU E 121 21.87 -32.70 -3.05
CA LEU E 121 23.05 -32.64 -3.91
C LEU E 121 24.32 -32.95 -3.15
N LEU E 122 24.39 -32.58 -1.87
CA LEU E 122 25.55 -32.96 -1.05
C LEU E 122 25.70 -34.47 -1.00
N SER E 123 24.59 -35.19 -0.90
CA SER E 123 24.65 -36.65 -0.93
C SER E 123 24.94 -37.18 -2.32
N ALA E 124 24.57 -36.42 -3.35
CA ALA E 124 24.81 -36.83 -4.73
C ALA E 124 26.27 -36.73 -5.14
N GLY E 125 27.13 -36.16 -4.30
CA GLY E 125 28.55 -36.11 -4.63
C GLY E 125 29.11 -37.49 -4.86
N GLU E 126 30.14 -37.56 -5.71
CA GLU E 126 30.80 -38.83 -5.99
C GLU E 126 31.13 -39.55 -4.68
N LYS E 127 30.69 -40.79 -4.57
CA LYS E 127 30.83 -41.49 -3.30
C LYS E 127 32.29 -41.62 -2.91
N GLY E 128 32.55 -41.52 -1.61
CA GLY E 128 33.87 -41.32 -1.10
C GLY E 128 34.33 -39.87 -1.05
N LYS E 129 33.54 -38.95 -1.60
CA LYS E 129 34.01 -37.59 -1.84
C LYS E 129 32.99 -36.57 -1.35
N ARG E 130 32.30 -36.88 -0.26
CA ARG E 130 31.29 -36.00 0.31
C ARG E 130 31.72 -35.59 1.71
N PHE E 131 31.70 -34.29 1.97
CA PHE E 131 32.30 -33.73 3.18
C PHE E 131 31.42 -32.63 3.73
N ALA E 132 31.42 -32.52 5.05
CA ALA E 132 30.87 -31.37 5.74
C ALA E 132 31.92 -30.78 6.66
N LEU E 133 31.75 -29.50 6.96
CA LEU E 133 32.57 -28.90 8.01
C LEU E 133 32.05 -29.37 9.37
N PRO E 134 32.86 -29.21 10.44
CA PRO E 134 32.45 -29.81 11.73
C PRO E 134 31.12 -29.30 12.23
N ASN E 135 30.88 -28.00 12.10
CA ASN E 135 29.68 -27.37 12.63
C ASN E 135 28.71 -26.97 11.54
N SER E 136 28.84 -27.56 10.34
CA SER E 136 27.78 -27.48 9.36
C SER E 136 26.63 -28.39 9.80
N ARG E 137 25.41 -27.97 9.51
CA ARG E 137 24.23 -28.72 9.93
C ARG E 137 23.43 -29.17 8.72
N ILE E 138 22.89 -30.38 8.81
CA ILE E 138 22.16 -31.00 7.71
C ILE E 138 20.70 -31.12 8.14
N MET E 139 19.80 -31.08 7.16
CA MET E 139 18.40 -31.39 7.40
C MET E 139 17.81 -32.05 6.17
N ILE E 140 17.02 -33.10 6.41
CA ILE E 140 16.25 -33.75 5.35
C ILE E 140 14.77 -33.64 5.70
N HIS E 141 13.94 -33.38 4.70
CA HIS E 141 12.50 -33.37 4.91
C HIS E 141 11.79 -33.81 3.64
N GLN E 142 10.56 -34.28 3.82
CA GLN E 142 9.73 -34.57 2.66
C GLN E 142 9.30 -33.26 2.00
N PRO E 143 8.99 -33.30 0.71
CA PRO E 143 8.64 -32.05 -0.01
C PRO E 143 7.39 -31.40 0.56
N LEU E 144 7.27 -30.10 0.26
CA LEU E 144 6.21 -29.28 0.82
C LEU E 144 6.10 -27.96 0.06
N ILE E 145 4.88 -27.59 -0.32
CA ILE E 145 4.68 -26.46 -1.23
C ILE E 145 4.25 -25.20 -0.48
N GLY E 151 -7.14 -24.82 -8.52
CA GLY E 151 -8.05 -25.11 -9.62
C GLY E 151 -9.14 -26.08 -9.23
N GLN E 152 -9.74 -26.73 -10.23
CA GLN E 152 -10.80 -27.69 -9.95
C GLN E 152 -10.23 -28.92 -9.24
N ALA E 153 -11.12 -29.84 -8.92
CA ALA E 153 -10.71 -31.07 -8.25
C ALA E 153 -9.84 -31.94 -9.15
N SER E 154 -10.09 -31.90 -10.46
CA SER E 154 -9.27 -32.67 -11.41
C SER E 154 -7.83 -32.23 -11.36
N ASP E 155 -7.59 -30.93 -11.55
CA ASP E 155 -6.24 -30.40 -11.59
C ASP E 155 -5.52 -30.63 -10.26
N ILE E 156 -6.24 -30.49 -9.15
CA ILE E 156 -5.65 -30.77 -7.84
C ILE E 156 -5.24 -32.23 -7.74
N GLU E 157 -6.12 -33.13 -8.18
CA GLU E 157 -5.81 -34.56 -8.17
C GLU E 157 -4.54 -34.84 -8.98
N ILE E 158 -4.41 -34.20 -10.13
CA ILE E 158 -3.23 -34.37 -10.99
C ILE E 158 -1.97 -33.93 -10.25
N HIS E 159 -1.92 -32.66 -9.82
CA HIS E 159 -0.71 -32.15 -9.18
C HIS E 159 -0.38 -32.90 -7.89
N ALA E 160 -1.40 -33.41 -7.20
CA ALA E 160 -1.14 -34.21 -6.01
C ALA E 160 -0.47 -35.52 -6.36
N ARG E 161 -0.97 -36.19 -7.40
CA ARG E 161 -0.30 -37.40 -7.89
C ARG E 161 1.15 -37.10 -8.24
N GLU E 162 1.40 -35.96 -8.90
CA GLU E 162 2.75 -35.60 -9.31
C GLU E 162 3.67 -35.36 -8.11
N LEU E 163 3.17 -34.66 -7.09
CA LEU E 163 4.01 -34.40 -5.92
C LEU E 163 4.27 -35.67 -5.12
N LEU E 164 3.28 -36.57 -5.01
CA LEU E 164 3.55 -37.84 -4.34
C LEU E 164 4.58 -38.65 -5.11
N LYS E 165 4.54 -38.58 -6.45
CA LYS E 165 5.56 -39.22 -7.26
C LYS E 165 6.94 -38.63 -6.99
N ILE E 166 7.03 -37.30 -6.94
CA ILE E 166 8.30 -36.62 -6.67
C ILE E 166 8.85 -37.08 -5.32
N LYS E 167 7.98 -37.12 -4.32
CA LYS E 167 8.40 -37.55 -2.99
C LYS E 167 8.97 -38.96 -3.04
N GLU E 168 8.23 -39.90 -3.66
CA GLU E 168 8.72 -41.27 -3.80
C GLU E 168 10.09 -41.32 -4.46
N LYS E 169 10.22 -40.66 -5.61
CA LYS E 169 11.47 -40.66 -6.36
C LYS E 169 12.63 -40.21 -5.49
N LEU E 170 12.43 -39.09 -4.77
CA LEU E 170 13.50 -38.57 -3.93
C LEU E 170 13.83 -39.54 -2.79
N ASN E 171 12.82 -40.16 -2.18
CA ASN E 171 13.10 -41.13 -1.12
C ASN E 171 13.90 -42.31 -1.64
N ARG E 172 13.63 -42.76 -2.87
CA ARG E 172 14.39 -43.90 -3.40
C ARG E 172 15.84 -43.51 -3.66
N LEU E 173 16.04 -42.40 -4.38
CA LEU E 173 17.40 -41.93 -4.64
C LEU E 173 18.15 -41.74 -3.34
N MET E 174 17.47 -41.23 -2.31
CA MET E 174 18.10 -41.05 -1.02
C MET E 174 18.38 -42.38 -0.33
N ALA E 175 17.50 -43.36 -0.51
CA ALA E 175 17.76 -44.70 0.00
C ALA E 175 19.06 -45.23 -0.59
N LYS E 176 19.34 -44.90 -1.84
CA LYS E 176 20.53 -45.48 -2.45
C LYS E 176 21.80 -44.68 -2.16
N HIS E 177 21.73 -43.35 -2.08
CA HIS E 177 22.96 -42.60 -1.73
C HIS E 177 23.52 -43.01 -0.37
N CYS E 178 22.66 -43.42 0.55
CA CYS E 178 23.04 -43.58 1.95
C CYS E 178 23.37 -45.00 2.34
N ASP E 179 23.02 -45.99 1.50
CA ASP E 179 23.05 -47.44 1.75
C ASP E 179 21.77 -47.88 2.45
N ARG E 180 20.77 -47.01 2.54
CA ARG E 180 19.66 -47.26 3.42
C ARG E 180 18.42 -47.74 2.67
N ASP E 181 17.50 -48.33 3.42
CA ASP E 181 16.26 -48.80 2.86
C ASP E 181 15.44 -47.61 2.33
N LEU E 182 14.44 -47.94 1.51
CA LEU E 182 13.44 -46.94 1.20
C LEU E 182 12.57 -46.65 2.41
N ALA E 183 12.35 -47.65 3.26
CA ALA E 183 11.59 -47.46 4.49
C ALA E 183 12.26 -46.42 5.38
N ASP E 184 13.59 -46.49 5.53
CA ASP E 184 14.29 -45.52 6.36
C ASP E 184 14.08 -44.10 5.87
N LEU E 185 14.06 -43.91 4.55
CA LEU E 185 13.91 -42.56 4.01
C LEU E 185 12.46 -42.08 4.07
N GLU E 186 11.49 -42.99 3.96
CA GLU E 186 10.10 -42.59 4.16
C GLU E 186 9.85 -42.16 5.59
N ARG E 187 10.29 -42.98 6.55
CA ARG E 187 10.05 -42.67 7.96
C ARG E 187 10.82 -41.43 8.40
N ASP E 188 12.12 -41.37 8.09
CA ASP E 188 12.97 -40.35 8.68
C ASP E 188 12.75 -38.96 8.09
N THR E 189 12.26 -38.86 6.86
CA THR E 189 12.01 -37.57 6.24
C THR E 189 10.55 -37.14 6.35
N ASP E 190 9.76 -37.78 7.20
CA ASP E 190 8.35 -37.42 7.33
C ASP E 190 8.20 -35.98 7.79
N ARG E 191 9.01 -35.55 8.75
CA ARG E 191 9.09 -34.16 9.17
C ARG E 191 10.57 -33.74 9.14
N ASP E 192 10.82 -32.45 9.42
CA ASP E 192 12.17 -31.90 9.37
C ASP E 192 13.12 -32.66 10.28
N ASN E 193 14.09 -33.35 9.68
CA ASN E 193 15.04 -34.22 10.39
C ASN E 193 16.40 -33.52 10.39
N PHE E 194 16.81 -33.05 11.58
CA PHE E 194 18.05 -32.31 11.75
C PHE E 194 19.20 -33.25 12.08
N MET E 195 20.38 -32.94 11.56
CA MET E 195 21.55 -33.79 11.67
C MET E 195 22.77 -32.94 11.99
N SER E 196 23.49 -33.30 13.04
CA SER E 196 24.86 -32.88 13.14
C SER E 196 25.65 -33.46 11.96
N ALA E 197 26.84 -32.93 11.74
CA ALA E 197 27.71 -33.50 10.70
C ALA E 197 28.01 -34.96 11.00
N GLU E 198 28.15 -35.31 12.28
CA GLU E 198 28.54 -36.66 12.67
C GLU E 198 27.41 -37.65 12.43
N GLU E 199 26.21 -37.30 12.90
CA GLU E 199 25.03 -38.12 12.62
C GLU E 199 24.86 -38.33 11.12
N ALA E 200 25.14 -37.29 10.33
CA ALA E 200 25.05 -37.42 8.88
C ALA E 200 26.10 -38.38 8.34
N LYS E 201 27.31 -38.34 8.89
CA LYS E 201 28.30 -39.36 8.59
C LYS E 201 27.72 -40.75 8.80
N GLU E 202 27.22 -41.00 10.02
CA GLU E 202 26.54 -42.26 10.34
C GLU E 202 25.56 -42.69 9.26
N TYR E 203 24.73 -41.75 8.81
CA TYR E 203 23.58 -42.05 7.96
C TYR E 203 23.95 -42.42 6.53
N GLY E 204 25.23 -42.42 6.17
CA GLY E 204 25.58 -42.54 4.77
C GLY E 204 25.32 -41.28 3.99
N LEU E 205 25.05 -40.18 4.70
CA LEU E 205 24.75 -38.91 4.08
C LEU E 205 25.98 -38.25 3.49
N ILE E 206 27.09 -38.33 4.19
CA ILE E 206 28.39 -37.92 3.74
C ILE E 206 29.37 -39.03 4.11
N ASP E 207 30.62 -38.82 3.77
CA ASP E 207 31.67 -39.79 4.05
C ASP E 207 32.57 -39.36 5.20
N GLN E 208 33.06 -38.13 5.21
CA GLN E 208 33.90 -37.67 6.32
C GLN E 208 33.63 -36.21 6.64
N ILE E 209 33.83 -35.88 7.92
CA ILE E 209 33.80 -34.53 8.45
C ILE E 209 35.24 -34.07 8.62
N LEU E 210 35.49 -32.79 8.36
CA LEU E 210 36.85 -32.27 8.20
C LEU E 210 37.14 -31.22 9.26
N GLU E 211 38.21 -31.42 10.03
CA GLU E 211 38.62 -30.43 11.02
C GLU E 211 39.43 -29.32 10.37
N ASN E 212 40.69 -29.60 10.04
CA ASN E 212 41.63 -28.59 9.56
C ASN E 212 42.29 -28.96 8.24
N PHE F 36 35.31 -12.85 -20.84
CA PHE F 36 34.03 -13.30 -21.36
C PHE F 36 33.30 -14.13 -20.31
N ASP F 37 32.07 -13.75 -20.01
CA ASP F 37 31.32 -14.36 -18.91
C ASP F 37 30.96 -15.81 -19.23
N ILE F 38 30.69 -16.59 -18.18
CA ILE F 38 30.55 -18.05 -18.28
C ILE F 38 29.69 -18.46 -19.46
N TYR F 39 28.60 -17.73 -19.70
CA TYR F 39 27.75 -18.03 -20.85
C TYR F 39 28.39 -17.56 -22.15
N SER F 40 29.19 -16.49 -22.10
CA SER F 40 29.93 -16.06 -23.28
C SER F 40 30.85 -17.16 -23.77
N ARG F 41 31.50 -17.88 -22.84
CA ARG F 41 32.36 -18.99 -23.23
C ARG F 41 31.56 -20.22 -23.63
N LEU F 42 30.61 -20.65 -22.80
CA LEU F 42 29.85 -21.84 -23.15
C LEU F 42 29.10 -21.66 -24.47
N LEU F 43 28.89 -20.41 -24.90
CA LEU F 43 28.40 -20.12 -26.23
C LEU F 43 29.46 -20.38 -27.31
N LYS F 44 30.71 -20.62 -26.93
CA LYS F 44 31.76 -20.90 -27.88
C LYS F 44 31.89 -22.39 -28.19
N GLU F 45 31.28 -23.25 -27.39
CA GLU F 45 31.04 -24.63 -27.76
C GLU F 45 29.64 -24.83 -28.32
N ARG F 46 29.03 -23.75 -28.80
CA ARG F 46 27.69 -23.77 -29.39
C ARG F 46 26.63 -24.28 -28.40
N ILE F 47 26.76 -23.87 -27.14
CA ILE F 47 25.77 -24.17 -26.11
C ILE F 47 24.95 -22.90 -25.86
N VAL F 48 23.63 -23.00 -26.02
CA VAL F 48 22.68 -21.94 -25.72
C VAL F 48 21.74 -22.45 -24.64
N PHE F 49 21.29 -21.55 -23.76
CA PHE F 49 20.44 -21.91 -22.64
C PHE F 49 19.10 -21.20 -22.72
N LEU F 50 18.07 -21.84 -22.16
CA LEU F 50 16.78 -21.21 -21.90
C LEU F 50 16.41 -21.54 -20.46
N VAL F 51 16.46 -20.53 -19.60
CA VAL F 51 16.19 -20.70 -18.18
C VAL F 51 14.98 -19.84 -17.82
N GLY F 52 14.13 -20.37 -16.96
CA GLY F 52 12.97 -19.64 -16.50
C GLY F 52 11.95 -19.41 -17.59
N PRO F 53 10.93 -18.61 -17.28
CA PRO F 53 9.81 -18.44 -18.21
C PRO F 53 10.26 -17.90 -19.56
N VAL F 54 9.40 -18.09 -20.55
CA VAL F 54 9.67 -17.71 -21.93
C VAL F 54 9.00 -16.36 -22.15
N THR F 55 9.78 -15.29 -22.05
CA THR F 55 9.31 -13.94 -22.27
C THR F 55 9.84 -13.42 -23.60
N ASP F 56 9.34 -12.25 -24.00
CA ASP F 56 9.83 -11.64 -25.23
C ASP F 56 11.35 -11.45 -25.18
N GLU F 57 11.88 -11.02 -24.04
CA GLU F 57 13.31 -10.74 -23.93
C GLU F 57 14.13 -12.02 -23.84
N SER F 58 13.73 -12.97 -22.98
CA SER F 58 14.45 -14.24 -22.91
C SER F 58 14.41 -14.97 -24.25
N ALA F 59 13.25 -14.95 -24.90
CA ALA F 59 13.11 -15.63 -26.19
C ALA F 59 14.01 -14.99 -27.25
N ASN F 60 13.91 -13.67 -27.42
CA ASN F 60 14.72 -13.06 -28.45
C ASN F 60 16.21 -13.09 -28.13
N LEU F 61 16.58 -13.22 -26.84
CA LEU F 61 17.98 -13.46 -26.52
C LEU F 61 18.43 -14.82 -27.05
N VAL F 62 17.61 -15.86 -26.81
CA VAL F 62 17.88 -17.15 -27.42
C VAL F 62 18.02 -17.01 -28.93
N VAL F 63 17.11 -16.24 -29.54
CA VAL F 63 17.10 -16.10 -30.99
C VAL F 63 18.39 -15.45 -31.48
N ALA F 64 18.82 -14.38 -30.82
CA ALA F 64 20.05 -13.70 -31.20
C ALA F 64 21.25 -14.63 -31.08
N GLN F 65 21.30 -15.43 -30.01
CA GLN F 65 22.40 -16.37 -29.85
C GLN F 65 22.41 -17.41 -30.97
N LEU F 66 21.22 -17.90 -31.35
CA LEU F 66 21.14 -18.88 -32.43
C LEU F 66 21.62 -18.28 -33.75
N LEU F 67 21.14 -17.08 -34.07
CA LEU F 67 21.58 -16.40 -35.28
C LEU F 67 23.08 -16.22 -35.29
N PHE F 68 23.66 -15.84 -34.16
CA PHE F 68 25.11 -15.74 -34.05
C PHE F 68 25.78 -17.06 -34.39
N LEU F 69 25.46 -18.11 -33.62
CA LEU F 69 26.14 -19.39 -33.79
C LEU F 69 26.01 -19.92 -35.21
N GLU F 70 24.94 -19.56 -35.91
CA GLU F 70 24.86 -19.93 -37.32
C GLU F 70 25.77 -19.06 -38.18
N SER F 71 25.75 -17.74 -37.98
CA SER F 71 26.57 -16.88 -38.81
C SER F 71 28.05 -17.15 -38.64
N GLU F 72 28.45 -17.69 -37.50
CA GLU F 72 29.85 -18.10 -37.30
C GLU F 72 30.12 -19.53 -37.75
N ASN F 73 29.07 -20.32 -38.04
CA ASN F 73 29.19 -21.64 -38.64
C ASN F 73 27.80 -22.24 -38.86
N PRO F 74 27.26 -22.15 -40.07
CA PRO F 74 25.92 -22.72 -40.34
C PRO F 74 25.91 -24.22 -40.53
N ASP F 75 26.99 -24.94 -40.19
CA ASP F 75 27.06 -26.38 -40.41
C ASP F 75 27.45 -27.19 -39.18
N LYS F 76 27.98 -26.57 -38.13
CA LYS F 76 28.05 -27.24 -36.84
C LYS F 76 26.72 -27.10 -36.12
N ASP F 77 26.31 -28.17 -35.45
CA ASP F 77 25.02 -28.18 -34.78
C ASP F 77 25.06 -27.34 -33.51
N ILE F 78 23.94 -26.67 -33.23
CA ILE F 78 23.79 -25.80 -32.06
C ILE F 78 23.05 -26.55 -30.98
N PHE F 79 23.52 -26.43 -29.74
CA PHE F 79 23.00 -27.18 -28.60
C PHE F 79 22.20 -26.27 -27.69
N PHE F 80 20.90 -26.53 -27.58
CA PHE F 80 19.94 -25.71 -26.86
C PHE F 80 19.54 -26.46 -25.59
N TYR F 81 19.97 -25.96 -24.44
CA TYR F 81 19.66 -26.57 -23.15
C TYR F 81 18.46 -25.84 -22.57
N ILE F 82 17.38 -26.56 -22.32
CA ILE F 82 16.10 -25.97 -21.95
C ILE F 82 15.78 -26.34 -20.51
N ASN F 83 15.53 -25.31 -19.67
CA ASN F 83 15.01 -25.46 -18.31
C ASN F 83 13.96 -24.35 -18.14
N SER F 84 12.75 -24.63 -18.61
CA SER F 84 11.73 -23.61 -18.69
C SER F 84 10.38 -24.16 -18.27
N PRO F 85 9.58 -23.36 -17.56
CA PRO F 85 8.19 -23.74 -17.26
C PRO F 85 7.23 -23.38 -18.37
N GLY F 86 7.69 -22.68 -19.40
CA GLY F 86 6.82 -22.18 -20.44
C GLY F 86 6.85 -20.67 -20.46
N GLY F 87 5.85 -20.06 -21.07
CA GLY F 87 5.78 -18.63 -21.10
C GLY F 87 5.00 -18.17 -22.32
N SER F 88 5.43 -17.03 -22.85
CA SER F 88 4.71 -16.38 -23.94
C SER F 88 4.77 -17.24 -25.20
N VAL F 89 3.61 -17.68 -25.67
CA VAL F 89 3.55 -18.51 -26.87
C VAL F 89 4.17 -17.79 -28.05
N THR F 90 3.83 -16.51 -28.25
CA THR F 90 4.47 -15.73 -29.30
C THR F 90 5.98 -15.69 -29.13
N ALA F 91 6.44 -15.46 -27.90
CA ALA F 91 7.87 -15.45 -27.64
C ALA F 91 8.50 -16.79 -27.95
N GLY F 92 7.85 -17.88 -27.53
CA GLY F 92 8.37 -19.20 -27.83
C GLY F 92 8.38 -19.52 -29.32
N MET F 93 7.45 -18.93 -30.07
CA MET F 93 7.38 -19.17 -31.50
C MET F 93 8.46 -18.43 -32.25
N SER F 94 8.83 -17.24 -31.76
CA SER F 94 10.04 -16.60 -32.28
C SER F 94 11.21 -17.59 -32.30
N ILE F 95 11.47 -18.20 -31.15
CA ILE F 95 12.53 -19.22 -31.05
C ILE F 95 12.26 -20.36 -32.03
N TYR F 96 11.16 -21.08 -31.83
CA TYR F 96 10.75 -22.19 -32.69
C TYR F 96 11.05 -21.95 -34.17
N ASP F 97 10.49 -20.87 -34.72
CA ASP F 97 10.68 -20.57 -36.13
C ASP F 97 12.13 -20.25 -36.45
N THR F 98 12.87 -19.67 -35.50
CA THR F 98 14.29 -19.44 -35.76
C THR F 98 15.06 -20.75 -35.85
N MET F 99 14.81 -21.68 -34.92
CA MET F 99 15.45 -22.99 -34.98
C MET F 99 15.18 -23.66 -36.32
N ASN F 100 13.90 -23.76 -36.70
CA ASN F 100 13.57 -24.36 -37.99
C ASN F 100 14.15 -23.57 -39.15
N PHE F 101 14.45 -22.30 -38.94
CA PHE F 101 14.96 -21.47 -40.04
C PHE F 101 16.44 -21.68 -40.27
N ILE F 102 17.23 -21.76 -39.21
CA ILE F 102 18.67 -21.73 -39.35
C ILE F 102 19.18 -23.09 -39.86
N LYS F 103 20.31 -23.03 -40.57
CA LYS F 103 20.88 -24.22 -41.19
C LYS F 103 21.41 -25.21 -40.15
N PRO F 104 22.18 -24.81 -39.14
CA PRO F 104 22.69 -25.80 -38.18
C PRO F 104 21.55 -26.54 -37.51
N ASP F 105 21.77 -27.83 -37.28
CA ASP F 105 20.81 -28.61 -36.53
C ASP F 105 20.79 -28.14 -35.08
N VAL F 106 19.59 -27.99 -34.53
CA VAL F 106 19.43 -27.57 -33.13
C VAL F 106 19.09 -28.80 -32.31
N SER F 107 20.06 -29.26 -31.53
CA SER F 107 19.87 -30.37 -30.60
C SER F 107 19.38 -29.84 -29.27
N THR F 108 18.19 -30.27 -28.86
CA THR F 108 17.59 -29.82 -27.60
C THR F 108 17.85 -30.83 -26.51
N LEU F 109 18.20 -30.34 -25.33
CA LEU F 109 18.35 -31.19 -24.14
C LEU F 109 17.62 -30.54 -22.98
N CYS F 110 16.72 -31.29 -22.36
CA CYS F 110 15.95 -30.80 -21.22
C CYS F 110 16.65 -31.15 -19.92
N LEU F 111 16.99 -30.12 -19.15
CA LEU F 111 17.49 -30.24 -17.80
C LEU F 111 16.54 -29.51 -16.87
N GLY F 112 16.31 -30.07 -15.67
CA GLY F 112 15.35 -29.47 -14.76
C GLY F 112 13.91 -29.72 -15.13
N GLN F 113 13.37 -28.91 -16.05
CA GLN F 113 12.02 -29.14 -16.53
C GLN F 113 11.86 -28.51 -17.90
N ALA F 114 11.08 -29.16 -18.75
CA ALA F 114 10.60 -28.58 -20.01
C ALA F 114 9.08 -28.70 -19.94
N ALA F 115 8.45 -27.65 -19.46
CA ALA F 115 7.01 -27.62 -19.33
C ALA F 115 6.46 -26.57 -20.27
N SER F 116 5.28 -26.87 -20.81
CA SER F 116 4.55 -25.91 -21.64
C SER F 116 5.35 -25.64 -22.91
N MET F 117 5.49 -24.39 -23.30
CA MET F 117 6.31 -23.99 -24.42
C MET F 117 7.76 -24.45 -24.24
N GLY F 118 8.21 -24.66 -23.01
CA GLY F 118 9.49 -25.29 -22.82
C GLY F 118 9.52 -26.70 -23.38
N ALA F 119 8.52 -27.50 -23.03
CA ALA F 119 8.35 -28.81 -23.64
C ALA F 119 8.15 -28.70 -25.14
N PHE F 120 7.51 -27.62 -25.59
CA PHE F 120 7.26 -27.47 -27.02
C PHE F 120 8.55 -27.23 -27.78
N LEU F 121 9.44 -26.39 -27.25
CA LEU F 121 10.72 -26.17 -27.89
C LEU F 121 11.66 -27.35 -27.72
N LEU F 122 11.48 -28.15 -26.67
CA LEU F 122 12.27 -29.36 -26.53
C LEU F 122 11.87 -30.40 -27.58
N SER F 123 10.57 -30.59 -27.78
CA SER F 123 10.09 -31.53 -28.77
C SER F 123 10.43 -31.11 -30.19
N ALA F 124 10.71 -29.82 -30.39
CA ALA F 124 10.89 -29.26 -31.72
C ALA F 124 12.33 -29.38 -32.23
N GLY F 125 13.20 -30.07 -31.50
CA GLY F 125 14.57 -30.25 -31.94
C GLY F 125 14.64 -31.06 -33.22
N GLU F 126 15.84 -31.05 -33.81
CA GLU F 126 16.06 -31.86 -35.00
C GLU F 126 15.89 -33.32 -34.66
N LYS F 127 15.07 -34.02 -35.43
CA LYS F 127 14.70 -35.38 -35.08
C LYS F 127 15.94 -36.26 -35.06
N GLY F 128 15.94 -37.22 -34.12
CA GLY F 128 17.15 -37.91 -33.77
C GLY F 128 18.04 -37.15 -32.82
N LYS F 129 17.81 -35.85 -32.63
CA LYS F 129 18.67 -35.02 -31.80
C LYS F 129 17.88 -34.32 -30.71
N ARG F 130 17.03 -35.06 -29.99
CA ARG F 130 16.30 -34.50 -28.87
C ARG F 130 16.52 -35.37 -27.65
N PHE F 131 16.77 -34.73 -26.50
CA PHE F 131 17.32 -35.41 -25.35
C PHE F 131 16.79 -34.80 -24.07
N ALA F 132 16.90 -35.56 -22.99
CA ALA F 132 16.51 -35.08 -21.67
C ALA F 132 17.30 -35.86 -20.63
N LEU F 133 17.81 -35.14 -19.62
CA LEU F 133 18.55 -35.79 -18.55
C LEU F 133 17.64 -36.80 -17.83
N PRO F 134 18.22 -37.78 -17.12
CA PRO F 134 17.40 -38.90 -16.61
C PRO F 134 16.25 -38.46 -15.72
N ASN F 135 16.46 -37.48 -14.84
CA ASN F 135 15.46 -37.07 -13.87
C ASN F 135 14.71 -35.82 -14.30
N SER F 136 14.74 -35.49 -15.59
CA SER F 136 13.97 -34.37 -16.11
C SER F 136 12.47 -34.61 -15.92
N ARG F 137 11.67 -33.66 -16.37
CA ARG F 137 10.22 -33.79 -16.30
C ARG F 137 9.62 -32.90 -17.36
N ILE F 138 8.71 -33.45 -18.15
CA ILE F 138 8.14 -32.73 -19.28
C ILE F 138 6.65 -32.60 -19.05
N MET F 139 6.13 -31.41 -19.27
CA MET F 139 4.73 -31.20 -18.95
C MET F 139 4.10 -30.53 -20.16
N ILE F 140 3.01 -31.10 -20.63
CA ILE F 140 2.26 -30.52 -21.73
C ILE F 140 0.83 -30.29 -21.28
N HIS F 141 0.24 -29.22 -21.78
CA HIS F 141 -1.17 -28.96 -21.54
C HIS F 141 -1.65 -27.95 -22.57
N GLN F 142 -2.96 -27.88 -22.74
CA GLN F 142 -3.55 -26.90 -23.64
C GLN F 142 -3.30 -25.50 -23.09
N PRO F 143 -3.49 -24.42 -23.89
CA PRO F 143 -3.14 -23.07 -23.42
C PRO F 143 -3.86 -22.60 -22.17
N LEU F 144 -3.54 -21.37 -21.76
CA LEU F 144 -4.09 -20.77 -20.55
C LEU F 144 -4.32 -19.28 -20.77
N ILE F 145 -4.94 -18.65 -19.78
CA ILE F 145 -4.91 -17.20 -19.61
C ILE F 145 -4.76 -16.86 -18.13
N GLY F 151 -12.92 -6.58 -22.90
CA GLY F 151 -13.57 -5.71 -23.88
C GLY F 151 -15.00 -6.12 -24.16
N GLN F 152 -15.52 -5.71 -25.32
CA GLN F 152 -16.89 -6.06 -25.70
C GLN F 152 -17.00 -7.57 -25.97
N ALA F 153 -18.23 -8.07 -25.85
CA ALA F 153 -18.50 -9.49 -26.15
C ALA F 153 -18.02 -9.86 -27.54
N SER F 154 -18.13 -8.93 -28.50
CA SER F 154 -17.55 -9.13 -29.82
C SER F 154 -16.07 -9.46 -29.72
N ASP F 155 -15.32 -8.62 -29.02
CA ASP F 155 -13.89 -8.86 -28.86
C ASP F 155 -13.62 -10.12 -28.04
N ILE F 156 -14.50 -10.45 -27.09
CA ILE F 156 -14.38 -11.72 -26.40
C ILE F 156 -14.40 -12.86 -27.40
N GLU F 157 -15.38 -12.88 -28.29
CA GLU F 157 -15.48 -13.93 -29.30
C GLU F 157 -14.23 -13.96 -30.17
N ILE F 158 -13.76 -12.79 -30.59
CA ILE F 158 -12.56 -12.71 -31.43
C ILE F 158 -11.40 -13.43 -30.74
N HIS F 159 -11.04 -12.98 -29.54
CA HIS F 159 -9.90 -13.56 -28.86
C HIS F 159 -10.15 -15.02 -28.49
N ALA F 160 -11.40 -15.42 -28.34
CA ALA F 160 -11.69 -16.80 -27.95
C ALA F 160 -11.46 -17.76 -29.12
N ARG F 161 -12.02 -17.43 -30.27
CA ARG F 161 -11.73 -18.22 -31.46
C ARG F 161 -10.23 -18.23 -31.75
N GLU F 162 -9.56 -17.10 -31.52
CA GLU F 162 -8.12 -17.08 -31.77
C GLU F 162 -7.38 -18.01 -30.82
N LEU F 163 -7.73 -18.01 -29.53
CA LEU F 163 -7.07 -18.90 -28.59
C LEU F 163 -7.36 -20.36 -28.91
N LEU F 164 -8.55 -20.66 -29.42
CA LEU F 164 -8.81 -22.04 -29.82
C LEU F 164 -8.00 -22.42 -31.05
N LYS F 165 -7.79 -21.47 -31.96
CA LYS F 165 -6.88 -21.72 -33.09
C LYS F 165 -5.47 -22.00 -32.59
N ILE F 166 -5.03 -21.27 -31.57
CA ILE F 166 -3.71 -21.52 -30.99
C ILE F 166 -3.67 -22.94 -30.41
N LYS F 167 -4.71 -23.34 -29.70
CA LYS F 167 -4.79 -24.71 -29.17
C LYS F 167 -4.67 -25.74 -30.30
N GLU F 168 -5.43 -25.52 -31.38
CA GLU F 168 -5.40 -26.40 -32.55
C GLU F 168 -4.00 -26.49 -33.15
N LYS F 169 -3.44 -25.34 -33.53
CA LYS F 169 -2.12 -25.26 -34.15
C LYS F 169 -1.06 -25.94 -33.30
N LEU F 170 -1.08 -25.68 -31.99
CA LEU F 170 -0.08 -26.28 -31.11
C LEU F 170 -0.28 -27.79 -31.01
N ASN F 171 -1.52 -28.25 -30.96
CA ASN F 171 -1.77 -29.69 -30.95
C ASN F 171 -1.23 -30.35 -32.21
N ARG F 172 -1.42 -29.70 -33.36
CA ARG F 172 -0.94 -30.26 -34.62
C ARG F 172 0.59 -30.30 -34.68
N LEU F 173 1.23 -29.17 -34.37
CA LEU F 173 2.69 -29.13 -34.37
C LEU F 173 3.27 -30.14 -33.40
N MET F 174 2.61 -30.35 -32.26
CA MET F 174 3.12 -31.31 -31.30
C MET F 174 2.92 -32.74 -31.76
N ALA F 175 1.79 -33.02 -32.44
CA ALA F 175 1.62 -34.34 -33.03
C ALA F 175 2.69 -34.60 -34.07
N LYS F 176 3.08 -33.56 -34.79
CA LYS F 176 4.20 -33.63 -35.72
C LYS F 176 5.49 -34.01 -35.00
N HIS F 177 5.90 -33.19 -34.03
CA HIS F 177 7.15 -33.44 -33.31
C HIS F 177 7.20 -34.85 -32.72
N CYS F 178 6.04 -35.44 -32.47
CA CYS F 178 5.97 -36.72 -31.78
C CYS F 178 5.58 -37.86 -32.72
N ASP F 179 5.34 -37.55 -34.00
CA ASP F 179 4.68 -38.46 -34.93
C ASP F 179 3.53 -39.19 -34.25
N ARG F 180 2.48 -38.46 -33.88
CA ARG F 180 1.31 -39.06 -33.29
C ARG F 180 0.07 -38.48 -33.95
N ASP F 181 -1.04 -39.18 -33.78
CA ASP F 181 -2.31 -38.67 -34.25
C ASP F 181 -2.62 -37.35 -33.56
N LEU F 182 -3.13 -36.40 -34.33
CA LEU F 182 -3.61 -35.16 -33.73
C LEU F 182 -4.52 -35.46 -32.53
N ALA F 183 -5.41 -36.45 -32.70
CA ALA F 183 -6.29 -36.86 -31.61
C ALA F 183 -5.51 -37.20 -30.35
N ASP F 184 -4.35 -37.87 -30.49
CA ASP F 184 -3.53 -38.22 -29.33
C ASP F 184 -3.14 -36.97 -28.55
N LEU F 185 -2.60 -35.96 -29.26
CA LEU F 185 -2.31 -34.59 -28.82
C LEU F 185 -3.46 -33.91 -28.09
N GLU F 186 -4.61 -33.77 -28.75
CA GLU F 186 -5.76 -33.14 -28.12
C GLU F 186 -6.12 -33.85 -26.83
N ARG F 187 -6.10 -35.17 -26.84
CA ARG F 187 -6.50 -35.94 -25.66
C ARG F 187 -5.44 -35.86 -24.57
N ASP F 188 -4.18 -35.64 -24.92
CA ASP F 188 -3.10 -35.66 -23.96
C ASP F 188 -2.66 -34.27 -23.52
N THR F 189 -3.28 -33.21 -24.02
CA THR F 189 -3.03 -31.86 -23.52
C THR F 189 -4.25 -31.23 -22.87
N ASP F 190 -5.31 -32.00 -22.63
CA ASP F 190 -6.53 -31.44 -22.06
C ASP F 190 -6.27 -30.83 -20.69
N ARG F 191 -5.53 -31.53 -19.84
CA ARG F 191 -5.14 -31.00 -18.55
C ARG F 191 -3.62 -31.14 -18.42
N ASP F 192 -3.12 -31.09 -17.20
CA ASP F 192 -1.68 -31.16 -16.98
C ASP F 192 -1.18 -32.57 -17.22
N ASN F 193 -0.19 -32.70 -18.11
CA ASN F 193 0.31 -33.98 -18.56
C ASN F 193 1.82 -34.03 -18.27
N PHE F 194 2.16 -34.59 -17.11
CA PHE F 194 3.54 -34.72 -16.66
C PHE F 194 4.14 -36.03 -17.13
N MET F 195 5.45 -36.00 -17.39
CA MET F 195 6.15 -37.07 -18.07
C MET F 195 7.54 -37.20 -17.48
N SER F 196 7.86 -38.40 -17.01
CA SER F 196 9.26 -38.77 -16.89
C SER F 196 9.89 -38.75 -18.29
N ALA F 197 11.23 -38.66 -18.33
CA ALA F 197 11.91 -38.65 -19.61
C ALA F 197 11.61 -39.91 -20.41
N GLU F 198 11.51 -41.05 -19.71
CA GLU F 198 11.03 -42.29 -20.30
C GLU F 198 9.73 -42.05 -21.06
N GLU F 199 8.75 -41.46 -20.37
CA GLU F 199 7.43 -41.29 -20.97
C GLU F 199 7.47 -40.35 -22.16
N ALA F 200 8.31 -39.31 -22.11
CA ALA F 200 8.38 -38.37 -23.21
C ALA F 200 9.11 -38.95 -24.42
N LYS F 201 10.08 -39.81 -24.18
CA LYS F 201 10.70 -40.59 -25.26
C LYS F 201 9.67 -41.51 -25.91
N GLU F 202 9.05 -42.37 -25.10
CA GLU F 202 8.03 -43.28 -25.61
C GLU F 202 6.92 -42.51 -26.30
N TYR F 203 6.56 -41.37 -25.73
CA TYR F 203 5.60 -40.53 -26.37
C TYR F 203 6.16 -39.85 -27.63
N GLY F 204 7.46 -39.98 -27.88
CA GLY F 204 8.08 -39.40 -29.05
C GLY F 204 8.48 -37.96 -28.91
N LEU F 205 8.31 -37.37 -27.72
CA LEU F 205 8.63 -35.96 -27.54
C LEU F 205 10.13 -35.73 -27.56
N ILE F 206 10.93 -36.73 -27.22
CA ILE F 206 12.38 -36.65 -27.31
C ILE F 206 12.88 -37.93 -27.98
N ASP F 207 14.17 -37.93 -28.32
CA ASP F 207 14.79 -39.08 -28.97
C ASP F 207 15.47 -40.00 -27.97
N GLN F 208 16.30 -39.47 -27.07
CA GLN F 208 16.94 -40.37 -26.12
C GLN F 208 17.12 -39.73 -24.75
N ILE F 209 17.28 -40.60 -23.76
CA ILE F 209 17.64 -40.27 -22.39
C ILE F 209 19.13 -40.45 -22.23
N LEU F 210 19.79 -39.49 -21.59
CA LEU F 210 21.25 -39.48 -21.46
C LEU F 210 21.65 -39.38 -20.00
N GLU F 211 22.03 -40.52 -19.40
CA GLU F 211 22.63 -40.48 -18.07
C GLU F 211 23.94 -39.72 -18.09
N ASN F 212 24.77 -39.97 -19.10
CA ASN F 212 26.08 -39.32 -19.15
C ASN F 212 26.57 -39.32 -20.60
N ARG F 213 27.89 -39.37 -20.77
CA ARG F 213 28.50 -39.19 -22.08
C ARG F 213 28.50 -40.46 -22.91
N ALA F 214 28.50 -41.61 -22.26
CA ALA F 214 28.54 -42.89 -22.95
C ALA F 214 27.25 -43.20 -23.69
N VAL G 22 23.78 -9.48 -20.86
CA VAL G 22 23.94 -10.00 -22.21
C VAL G 22 25.34 -10.59 -22.38
N PRO G 23 25.41 -11.82 -22.90
CA PRO G 23 26.73 -12.45 -23.06
C PRO G 23 27.57 -11.72 -24.09
N THR G 24 28.88 -11.66 -23.81
CA THR G 24 29.83 -10.92 -24.64
C THR G 24 30.54 -11.88 -25.59
N VAL G 25 30.61 -11.51 -26.86
CA VAL G 25 31.29 -12.33 -27.86
C VAL G 25 32.21 -11.50 -28.73
N PHE G 36 32.53 -7.75 -27.77
CA PHE G 36 31.20 -7.47 -28.28
C PHE G 36 30.16 -8.24 -27.51
N ASP G 37 28.96 -7.69 -27.35
CA ASP G 37 27.84 -8.44 -26.81
C ASP G 37 26.89 -8.82 -27.95
N ILE G 38 25.96 -9.73 -27.63
CA ILE G 38 25.28 -10.51 -28.67
C ILE G 38 24.46 -9.62 -29.60
N TYR G 39 23.66 -8.71 -29.04
CA TYR G 39 22.86 -7.84 -29.89
C TYR G 39 23.76 -6.93 -30.70
N SER G 40 24.94 -6.61 -30.18
CA SER G 40 25.89 -5.77 -30.89
C SER G 40 26.63 -6.54 -31.96
N ARG G 41 27.00 -7.79 -31.67
CA ARG G 41 27.61 -8.61 -32.70
C ARG G 41 26.66 -8.76 -33.88
N LEU G 42 25.37 -8.99 -33.60
CA LEU G 42 24.40 -9.05 -34.69
C LEU G 42 24.19 -7.69 -35.34
N LEU G 43 24.28 -6.61 -34.57
CA LEU G 43 24.32 -5.28 -35.15
C LEU G 43 25.38 -5.22 -36.25
N LYS G 44 26.51 -5.88 -36.04
CA LYS G 44 27.51 -5.92 -37.11
C LYS G 44 27.13 -6.82 -38.27
N GLU G 45 26.00 -7.53 -38.21
CA GLU G 45 25.37 -8.11 -39.39
C GLU G 45 24.23 -7.24 -39.90
N ARG G 46 24.16 -5.98 -39.45
CA ARG G 46 23.07 -5.06 -39.77
C ARG G 46 21.72 -5.58 -39.30
N ILE G 47 21.73 -6.28 -38.16
CA ILE G 47 20.51 -6.83 -37.55
C ILE G 47 20.04 -5.86 -36.47
N VAL G 48 18.85 -5.30 -36.65
CA VAL G 48 18.22 -4.41 -35.68
C VAL G 48 17.03 -5.14 -35.07
N PHE G 49 16.90 -5.07 -33.75
CA PHE G 49 15.83 -5.75 -33.03
C PHE G 49 14.86 -4.76 -32.40
N LEU G 50 13.59 -5.11 -32.43
CA LEU G 50 12.55 -4.45 -31.65
C LEU G 50 11.79 -5.54 -30.89
N VAL G 51 12.01 -5.61 -29.59
CA VAL G 51 11.45 -6.67 -28.75
C VAL G 51 10.56 -6.03 -27.69
N GLY G 52 9.30 -6.48 -27.64
CA GLY G 52 8.35 -5.93 -26.71
C GLY G 52 7.58 -4.76 -27.31
N PRO G 53 6.90 -4.00 -26.46
CA PRO G 53 6.00 -2.95 -26.95
C PRO G 53 6.75 -1.68 -27.34
N VAL G 54 6.00 -0.78 -27.97
CA VAL G 54 6.56 0.42 -28.59
C VAL G 54 6.49 1.57 -27.60
N THR G 55 7.65 2.01 -27.13
CA THR G 55 7.77 3.20 -26.30
C THR G 55 8.69 4.19 -27.00
N ASP G 56 8.48 5.48 -26.73
CA ASP G 56 9.39 6.51 -27.22
C ASP G 56 10.84 6.09 -26.99
N GLU G 57 11.11 5.49 -25.84
CA GLU G 57 12.37 4.86 -25.46
C GLU G 57 12.90 3.91 -26.54
N SER G 58 12.26 2.75 -26.69
CA SER G 58 12.77 1.74 -27.62
C SER G 58 12.61 2.18 -29.05
N ALA G 59 11.56 2.96 -29.35
CA ALA G 59 11.41 3.52 -30.69
C ALA G 59 12.62 4.34 -31.09
N ASN G 60 13.10 5.20 -30.19
CA ASN G 60 14.28 5.98 -30.55
C ASN G 60 15.56 5.17 -30.51
N LEU G 61 15.64 4.13 -29.67
CA LEU G 61 16.78 3.24 -29.74
C LEU G 61 16.89 2.61 -31.14
N VAL G 62 15.76 2.14 -31.66
CA VAL G 62 15.74 1.53 -32.99
C VAL G 62 16.04 2.57 -34.07
N VAL G 63 15.46 3.76 -33.93
CA VAL G 63 15.75 4.85 -34.87
C VAL G 63 17.25 5.13 -34.91
N ALA G 64 17.88 5.12 -33.73
CA ALA G 64 19.32 5.34 -33.64
C ALA G 64 20.09 4.25 -34.37
N GLN G 65 19.71 2.98 -34.16
CA GLN G 65 20.41 1.91 -34.86
C GLN G 65 20.27 2.03 -36.37
N LEU G 66 19.08 2.41 -36.84
CA LEU G 66 18.90 2.53 -38.30
C LEU G 66 19.75 3.65 -38.87
N LEU G 67 19.76 4.81 -38.21
CA LEU G 67 20.62 5.89 -38.68
C LEU G 67 22.09 5.50 -38.60
N PHE G 68 22.45 4.69 -37.61
CA PHE G 68 23.84 4.22 -37.48
C PHE G 68 24.21 3.32 -38.64
N LEU G 69 23.32 2.40 -39.02
CA LEU G 69 23.60 1.51 -40.13
C LEU G 69 23.59 2.23 -41.46
N GLU G 70 22.90 3.37 -41.57
CA GLU G 70 23.05 4.14 -42.81
C GLU G 70 24.36 4.92 -42.83
N SER G 71 24.72 5.56 -41.70
CA SER G 71 26.04 6.19 -41.61
C SER G 71 27.17 5.20 -41.81
N GLU G 72 26.91 3.92 -41.53
CA GLU G 72 27.89 2.86 -41.74
C GLU G 72 27.88 2.39 -43.20
N ASN G 73 26.68 2.20 -43.76
CA ASN G 73 26.54 1.72 -45.13
C ASN G 73 25.23 2.25 -45.68
N PRO G 74 25.26 3.39 -46.38
CA PRO G 74 24.01 4.00 -46.88
C PRO G 74 23.46 3.30 -48.12
N ASP G 75 23.90 2.07 -48.37
CA ASP G 75 23.55 1.40 -49.61
C ASP G 75 23.01 0.00 -49.37
N LYS G 76 23.70 -0.78 -48.53
CA LYS G 76 23.26 -2.15 -48.26
C LYS G 76 21.90 -2.18 -47.58
N ASP G 77 21.40 -3.37 -47.28
CA ASP G 77 20.07 -3.53 -46.73
C ASP G 77 20.15 -3.68 -45.22
N ILE G 78 19.26 -2.98 -44.51
CA ILE G 78 19.15 -3.08 -43.06
C ILE G 78 18.08 -4.10 -42.72
N PHE G 79 18.38 -4.99 -41.78
CA PHE G 79 17.51 -6.12 -41.45
C PHE G 79 16.92 -5.88 -40.07
N PHE G 80 15.60 -5.67 -40.03
CA PHE G 80 14.90 -5.24 -38.83
C PHE G 80 13.98 -6.38 -38.38
N TYR G 81 14.18 -6.84 -37.15
CA TYR G 81 13.44 -7.98 -36.59
C TYR G 81 12.39 -7.48 -35.62
N ILE G 82 11.14 -7.97 -35.77
CA ILE G 82 9.99 -7.46 -35.03
C ILE G 82 9.38 -8.58 -34.21
N ASN G 83 9.23 -8.35 -32.89
CA ASN G 83 8.49 -9.23 -31.98
C ASN G 83 7.83 -8.28 -30.97
N SER G 84 6.66 -7.76 -31.34
CA SER G 84 6.09 -6.60 -30.65
C SER G 84 4.58 -6.69 -30.59
N PRO G 85 3.97 -6.19 -29.50
CA PRO G 85 2.50 -6.09 -29.44
C PRO G 85 1.93 -4.77 -29.93
N GLY G 86 2.76 -3.79 -30.24
CA GLY G 86 2.30 -2.47 -30.60
C GLY G 86 2.71 -1.43 -29.55
N GLY G 87 2.09 -0.28 -29.63
CA GLY G 87 2.37 0.74 -28.63
C GLY G 87 1.97 2.13 -29.12
N SER G 88 2.75 3.11 -28.69
CA SER G 88 2.44 4.50 -28.99
C SER G 88 2.49 4.75 -30.50
N VAL G 89 1.62 5.63 -30.96
CA VAL G 89 1.48 5.87 -32.40
C VAL G 89 2.56 6.81 -32.90
N THR G 90 2.85 7.90 -32.18
CA THR G 90 3.92 8.79 -32.60
C THR G 90 5.30 8.15 -32.42
N ALA G 91 5.44 7.33 -31.37
CA ALA G 91 6.68 6.56 -31.20
C ALA G 91 6.93 5.68 -32.42
N GLY G 92 5.89 5.02 -32.92
CA GLY G 92 6.05 4.20 -34.11
C GLY G 92 6.23 5.03 -35.37
N MET G 93 5.61 6.21 -35.42
CA MET G 93 5.74 7.07 -36.59
C MET G 93 7.16 7.58 -36.72
N SER G 94 7.86 7.79 -35.60
CA SER G 94 9.27 8.18 -35.66
C SER G 94 10.09 7.11 -36.37
N ILE G 95 9.90 5.84 -35.98
CA ILE G 95 10.59 4.74 -36.67
C ILE G 95 10.22 4.73 -38.15
N TYR G 96 8.92 4.64 -38.43
CA TYR G 96 8.39 4.69 -39.79
C TYR G 96 9.10 5.74 -40.64
N ASP G 97 9.21 6.96 -40.12
CA ASP G 97 9.81 8.03 -40.90
C ASP G 97 11.33 7.88 -40.99
N THR G 98 11.95 7.23 -40.01
CA THR G 98 13.36 6.86 -40.17
C THR G 98 13.53 5.91 -41.35
N MET G 99 12.70 4.87 -41.41
CA MET G 99 12.52 4.08 -42.61
C MET G 99 12.15 5.01 -43.76
N ASN G 100 12.25 4.54 -45.00
CA ASN G 100 11.89 5.34 -46.17
C ASN G 100 12.88 6.49 -46.38
N PHE G 101 12.94 7.42 -45.42
CA PHE G 101 13.83 8.58 -45.55
C PHE G 101 15.25 8.16 -45.85
N ILE G 102 15.82 7.33 -44.97
CA ILE G 102 17.16 6.81 -45.21
C ILE G 102 17.18 6.12 -46.56
N LYS G 103 18.24 6.37 -47.33
CA LYS G 103 18.46 5.63 -48.57
C LYS G 103 18.43 4.11 -48.36
N PRO G 104 19.05 3.55 -47.33
CA PRO G 104 19.06 2.09 -47.22
C PRO G 104 17.65 1.49 -47.21
N ASP G 105 17.54 0.30 -47.76
CA ASP G 105 16.29 -0.45 -47.71
C ASP G 105 16.18 -1.14 -46.36
N VAL G 106 15.02 -0.99 -45.72
CA VAL G 106 14.81 -1.65 -44.44
C VAL G 106 13.89 -2.84 -44.66
N SER G 107 14.48 -4.01 -44.87
CA SER G 107 13.71 -5.23 -44.87
C SER G 107 13.16 -5.49 -43.47
N THR G 108 11.96 -6.03 -43.41
CA THR G 108 11.30 -6.33 -42.15
C THR G 108 11.04 -7.82 -42.07
N LEU G 109 11.23 -8.39 -40.89
CA LEU G 109 10.88 -9.78 -40.63
C LEU G 109 10.21 -9.86 -39.26
N CYS G 110 8.99 -10.37 -39.23
CA CYS G 110 8.30 -10.59 -37.97
C CYS G 110 8.64 -11.96 -37.41
N LEU G 111 8.88 -12.02 -36.11
CA LEU G 111 9.01 -13.28 -35.40
C LEU G 111 8.24 -13.17 -34.08
N GLY G 112 7.59 -14.27 -33.69
CA GLY G 112 6.82 -14.26 -32.47
C GLY G 112 5.47 -13.58 -32.60
N GLN G 113 5.48 -12.27 -32.84
CA GLN G 113 4.25 -11.50 -32.99
C GLN G 113 4.59 -10.11 -33.49
N ALA G 114 3.64 -9.49 -34.18
CA ALA G 114 3.80 -8.11 -34.62
C ALA G 114 2.39 -7.54 -34.74
N ALA G 115 1.87 -7.04 -33.63
CA ALA G 115 0.50 -6.55 -33.55
C ALA G 115 0.47 -5.03 -33.46
N SER G 116 -0.61 -4.46 -33.97
CA SER G 116 -0.91 -3.04 -33.84
C SER G 116 0.12 -2.19 -34.56
N MET G 117 0.90 -1.40 -33.82
CA MET G 117 1.95 -0.63 -34.47
C MET G 117 3.08 -1.53 -34.95
N GLY G 118 3.27 -2.67 -34.29
CA GLY G 118 4.22 -3.65 -34.81
C GLY G 118 3.86 -4.11 -36.21
N ALA G 119 2.60 -4.49 -36.41
CA ALA G 119 2.14 -4.87 -37.74
C ALA G 119 2.23 -3.70 -38.71
N PHE G 120 1.95 -2.48 -38.21
CA PHE G 120 2.06 -1.31 -39.07
C PHE G 120 3.49 -1.18 -39.60
N LEU G 121 4.48 -1.32 -38.73
CA LEU G 121 5.87 -1.23 -39.17
C LEU G 121 6.24 -2.38 -40.09
N LEU G 122 5.84 -3.61 -39.74
CA LEU G 122 6.11 -4.76 -40.59
C LEU G 122 5.61 -4.51 -42.01
N SER G 123 4.38 -4.00 -42.14
CA SER G 123 3.88 -3.62 -43.44
C SER G 123 4.58 -2.40 -44.00
N ALA G 124 5.29 -1.66 -43.17
CA ALA G 124 5.97 -0.45 -43.61
C ALA G 124 7.36 -0.71 -44.20
N GLY G 125 7.84 -1.95 -44.17
CA GLY G 125 9.13 -2.26 -44.74
C GLY G 125 9.18 -2.01 -46.23
N GLU G 126 10.40 -2.02 -46.77
CA GLU G 126 10.61 -1.83 -48.21
C GLU G 126 9.81 -2.88 -48.98
N LYS G 127 9.00 -2.42 -49.93
CA LYS G 127 8.12 -3.34 -50.65
C LYS G 127 8.93 -4.41 -51.37
N GLY G 128 8.49 -5.65 -51.22
CA GLY G 128 9.27 -6.79 -51.65
C GLY G 128 10.19 -7.35 -50.59
N LYS G 129 10.38 -6.64 -49.48
CA LYS G 129 11.28 -7.05 -48.40
C LYS G 129 10.56 -7.11 -47.06
N ARG G 130 9.29 -7.50 -47.06
CA ARG G 130 8.53 -7.70 -45.83
C ARG G 130 8.24 -9.18 -45.67
N PHE G 131 8.57 -9.73 -44.51
CA PHE G 131 8.61 -11.17 -44.30
C PHE G 131 8.06 -11.52 -42.93
N ALA G 132 7.63 -12.77 -42.80
CA ALA G 132 7.25 -13.33 -41.52
C ALA G 132 7.61 -14.80 -41.51
N LEU G 133 8.11 -15.27 -40.37
CA LEU G 133 8.37 -16.68 -40.17
C LEU G 133 7.03 -17.42 -40.17
N PRO G 134 7.05 -18.76 -40.24
CA PRO G 134 5.79 -19.48 -40.50
C PRO G 134 4.77 -19.37 -39.39
N ASN G 135 5.19 -19.54 -38.14
CA ASN G 135 4.25 -19.57 -37.02
C ASN G 135 4.12 -18.23 -36.30
N SER G 136 4.62 -17.15 -36.90
CA SER G 136 4.40 -15.83 -36.34
C SER G 136 2.92 -15.45 -36.46
N ARG G 137 2.55 -14.38 -35.76
CA ARG G 137 1.17 -13.96 -35.68
C ARG G 137 1.12 -12.45 -35.88
N ILE G 138 0.21 -12.00 -36.74
CA ILE G 138 0.08 -10.58 -37.09
C ILE G 138 -1.33 -10.14 -36.74
N MET G 139 -1.46 -9.07 -35.97
CA MET G 139 -2.77 -8.55 -35.64
C MET G 139 -2.83 -7.07 -35.98
N ILE G 140 -4.00 -6.64 -36.45
CA ILE G 140 -4.26 -5.24 -36.76
C ILE G 140 -5.56 -4.81 -36.07
N HIS G 141 -5.59 -3.57 -35.59
CA HIS G 141 -6.78 -3.04 -34.95
C HIS G 141 -6.72 -1.52 -34.95
N GLN G 142 -7.87 -0.89 -34.68
CA GLN G 142 -7.96 0.56 -34.66
C GLN G 142 -7.22 1.12 -33.45
N PRO G 143 -6.87 2.41 -33.47
CA PRO G 143 -6.03 2.95 -32.40
C PRO G 143 -6.78 3.01 -31.07
N LEU G 144 -6.11 2.56 -30.02
CA LEU G 144 -6.65 2.53 -28.67
C LEU G 144 -6.28 3.80 -27.92
N ILE G 145 -6.88 3.95 -26.73
CA ILE G 145 -6.48 4.94 -25.73
C ILE G 145 -6.11 4.22 -24.44
N SER G 146 -5.09 4.72 -23.76
CA SER G 146 -4.73 4.23 -22.43
C SER G 146 -5.73 4.73 -21.38
N GLY G 151 -10.73 16.20 -19.40
CA GLY G 151 -10.88 17.62 -19.12
C GLY G 151 -12.22 18.20 -19.53
N GLN G 152 -12.20 19.42 -20.04
CA GLN G 152 -13.41 20.09 -20.50
C GLN G 152 -13.99 19.37 -21.70
N ALA G 153 -15.24 19.69 -22.01
CA ALA G 153 -15.84 19.20 -23.26
C ALA G 153 -15.08 19.73 -24.46
N SER G 154 -14.50 20.92 -24.34
CA SER G 154 -13.68 21.46 -25.43
C SER G 154 -12.44 20.61 -25.65
N ASP G 155 -11.71 20.31 -24.57
CA ASP G 155 -10.48 19.53 -24.70
C ASP G 155 -10.77 18.12 -25.20
N ILE G 156 -11.85 17.51 -24.72
CA ILE G 156 -12.20 16.16 -25.12
C ILE G 156 -12.63 16.12 -26.58
N GLU G 157 -13.43 17.11 -27.01
CA GLU G 157 -13.75 17.27 -28.42
C GLU G 157 -12.47 17.33 -29.25
N ILE G 158 -11.54 18.22 -28.87
CA ILE G 158 -10.30 18.40 -29.62
C ILE G 158 -9.56 17.08 -29.76
N HIS G 159 -9.30 16.41 -28.64
CA HIS G 159 -8.43 15.23 -28.68
C HIS G 159 -9.11 14.02 -29.28
N ALA G 160 -10.42 13.87 -29.12
CA ALA G 160 -11.12 12.78 -29.78
C ALA G 160 -11.10 12.95 -31.29
N ARG G 161 -11.33 14.17 -31.77
CA ARG G 161 -11.23 14.40 -33.21
C ARG G 161 -9.79 14.21 -33.69
N GLU G 162 -8.80 14.52 -32.85
CA GLU G 162 -7.42 14.21 -33.18
C GLU G 162 -7.23 12.71 -33.39
N LEU G 163 -7.76 11.91 -32.45
CA LEU G 163 -7.71 10.46 -32.60
C LEU G 163 -8.43 10.00 -33.86
N LEU G 164 -9.51 10.66 -34.26
CA LEU G 164 -10.19 10.26 -35.49
C LEU G 164 -9.30 10.50 -36.71
N LYS G 165 -8.67 11.68 -36.77
CA LYS G 165 -7.73 11.93 -37.87
C LYS G 165 -6.58 10.93 -37.85
N ILE G 166 -6.13 10.53 -36.65
CA ILE G 166 -5.04 9.56 -36.55
C ILE G 166 -5.47 8.20 -37.04
N LYS G 167 -6.64 7.74 -36.61
CA LYS G 167 -7.19 6.45 -37.06
C LYS G 167 -7.34 6.43 -38.57
N GLU G 168 -7.75 7.55 -39.15
CA GLU G 168 -7.97 7.63 -40.58
C GLU G 168 -6.64 7.64 -41.35
N LYS G 169 -5.65 8.38 -40.84
CA LYS G 169 -4.31 8.36 -41.42
C LYS G 169 -3.69 6.97 -41.36
N LEU G 170 -3.86 6.27 -40.23
CA LEU G 170 -3.30 4.92 -40.10
C LEU G 170 -3.97 3.96 -41.06
N ASN G 171 -5.31 4.00 -41.14
CA ASN G 171 -6.01 3.16 -42.10
C ASN G 171 -5.50 3.40 -43.51
N ARG G 172 -5.26 4.66 -43.87
CA ARG G 172 -4.82 4.99 -45.23
C ARG G 172 -3.42 4.46 -45.50
N LEU G 173 -2.48 4.72 -44.59
CA LEU G 173 -1.12 4.21 -44.77
C LEU G 173 -1.10 2.69 -44.84
N MET G 174 -1.91 2.04 -44.02
CA MET G 174 -1.94 0.58 -44.05
C MET G 174 -2.55 0.08 -45.35
N ALA G 175 -3.56 0.78 -45.87
CA ALA G 175 -4.09 0.42 -47.18
C ALA G 175 -3.04 0.57 -48.27
N LYS G 176 -2.10 1.50 -48.07
CA LYS G 176 -1.01 1.64 -49.04
C LYS G 176 0.05 0.56 -48.86
N HIS G 177 0.28 0.09 -47.64
CA HIS G 177 1.27 -0.97 -47.43
C HIS G 177 0.75 -2.32 -47.89
N CYS G 178 -0.54 -2.59 -47.70
CA CYS G 178 -1.16 -3.84 -48.13
C CYS G 178 -1.64 -3.76 -49.57
N ASP G 179 -1.33 -2.67 -50.26
CA ASP G 179 -1.56 -2.49 -51.69
C ASP G 179 -3.02 -2.75 -52.10
N ARG G 180 -3.90 -2.84 -51.12
CA ARG G 180 -5.32 -3.00 -51.38
C ARG G 180 -6.03 -1.69 -51.10
N ASP G 181 -7.36 -1.70 -51.24
CA ASP G 181 -8.15 -0.50 -51.07
C ASP G 181 -8.16 -0.07 -49.60
N LEU G 182 -8.90 1.01 -49.32
CA LEU G 182 -8.98 1.50 -47.95
C LEU G 182 -10.10 0.76 -47.22
N ALA G 183 -11.31 0.77 -47.78
CA ALA G 183 -12.52 0.22 -47.15
C ALA G 183 -12.24 -1.10 -46.45
N ASP G 184 -11.41 -1.95 -47.08
CA ASP G 184 -10.98 -3.18 -46.42
C ASP G 184 -10.29 -2.88 -45.11
N LEU G 185 -9.48 -1.83 -45.05
CA LEU G 185 -8.71 -1.55 -43.84
C LEU G 185 -9.60 -1.04 -42.72
N GLU G 186 -10.56 -0.16 -43.04
CA GLU G 186 -11.51 0.32 -42.04
C GLU G 186 -12.37 -0.82 -41.52
N ARG G 187 -12.93 -1.63 -42.42
CA ARG G 187 -13.76 -2.74 -41.97
C ARG G 187 -12.95 -3.73 -41.13
N ASP G 188 -11.71 -4.01 -41.53
CA ASP G 188 -10.95 -5.09 -40.92
C ASP G 188 -10.25 -4.69 -39.64
N THR G 189 -10.01 -3.40 -39.42
CA THR G 189 -9.38 -2.94 -38.19
C THR G 189 -10.38 -2.37 -37.18
N ASP G 190 -11.68 -2.60 -37.40
CA ASP G 190 -12.68 -2.13 -36.43
C ASP G 190 -12.51 -2.83 -35.10
N ARG G 191 -12.29 -4.14 -35.12
CA ARG G 191 -11.92 -4.91 -33.94
C ARG G 191 -10.68 -5.73 -34.26
N ASP G 192 -10.10 -6.31 -33.21
CA ASP G 192 -8.88 -7.09 -33.34
C ASP G 192 -8.99 -8.08 -34.49
N ASN G 193 -8.07 -7.98 -35.44
CA ASN G 193 -8.04 -8.84 -36.62
C ASN G 193 -6.70 -9.58 -36.61
N PHE G 194 -6.75 -10.86 -36.23
CA PHE G 194 -5.57 -11.70 -36.16
C PHE G 194 -5.39 -12.49 -37.45
N MET G 195 -4.14 -12.83 -37.75
CA MET G 195 -3.76 -13.43 -39.02
C MET G 195 -2.51 -14.28 -38.80
N SER G 196 -2.48 -15.43 -39.46
CA SER G 196 -1.28 -16.24 -39.51
C SER G 196 -0.28 -15.62 -40.48
N ALA G 197 0.87 -16.30 -40.67
CA ALA G 197 1.87 -15.80 -41.59
C ALA G 197 1.35 -15.75 -43.03
N GLU G 198 0.36 -16.56 -43.36
CA GLU G 198 -0.14 -16.69 -44.72
C GLU G 198 -1.28 -15.71 -45.02
N GLU G 199 -2.17 -15.52 -44.06
CA GLU G 199 -3.26 -14.56 -44.25
C GLU G 199 -2.73 -13.14 -44.40
N ALA G 200 -1.63 -12.82 -43.71
CA ALA G 200 -1.05 -11.48 -43.82
C ALA G 200 -0.42 -11.27 -45.18
N LYS G 201 0.25 -12.29 -45.71
CA LYS G 201 0.81 -12.20 -47.06
C LYS G 201 -0.29 -12.00 -48.09
N GLU G 202 -1.36 -12.81 -48.01
CA GLU G 202 -2.49 -12.59 -48.91
C GLU G 202 -3.17 -11.25 -48.67
N TYR G 203 -3.03 -10.69 -47.47
CA TYR G 203 -3.55 -9.35 -47.20
C TYR G 203 -2.68 -8.27 -47.83
N GLY G 204 -1.38 -8.51 -47.94
CA GLY G 204 -0.45 -7.49 -48.38
C GLY G 204 0.39 -6.89 -47.26
N LEU G 205 0.32 -7.45 -46.06
CA LEU G 205 1.16 -6.96 -44.97
C LEU G 205 2.61 -7.34 -45.21
N ILE G 206 2.86 -8.59 -45.59
CA ILE G 206 4.19 -9.07 -45.93
C ILE G 206 4.17 -9.55 -47.37
N ASP G 207 5.34 -9.97 -47.87
CA ASP G 207 5.46 -10.47 -49.22
C ASP G 207 5.79 -11.95 -49.31
N GLN G 208 6.59 -12.49 -48.39
CA GLN G 208 6.88 -13.92 -48.42
C GLN G 208 7.04 -14.46 -47.02
N ILE G 209 6.73 -15.74 -46.89
CA ILE G 209 7.00 -16.54 -45.70
C ILE G 209 8.30 -17.30 -45.94
N LEU G 210 9.05 -17.57 -44.86
CA LEU G 210 10.32 -18.28 -44.98
C LEU G 210 10.40 -19.36 -43.90
N GLU G 211 10.60 -20.61 -44.32
CA GLU G 211 10.82 -21.72 -43.41
C GLU G 211 12.29 -21.87 -43.03
N ASN G 212 13.16 -22.02 -44.02
CA ASN G 212 14.59 -21.85 -43.86
C ASN G 212 15.09 -20.99 -45.01
N ARG G 213 16.40 -20.79 -45.05
CA ARG G 213 16.98 -19.99 -46.14
C ARG G 213 16.70 -20.61 -47.50
N ALA G 214 16.54 -21.94 -47.55
CA ALA G 214 16.19 -22.60 -48.81
C ALA G 214 14.89 -22.08 -49.39
N SER G 215 13.96 -21.64 -48.53
CA SER G 215 12.66 -21.15 -48.97
C SER G 215 12.76 -19.94 -49.89
N LEU G 216 13.95 -19.68 -50.43
CA LEU G 216 14.18 -18.50 -51.21
C LEU G 216 14.41 -18.79 -52.69
N LEU H 21 -29.70 -0.56 5.17
CA LEU H 21 -30.19 -0.09 3.88
C LEU H 21 -31.51 -0.75 3.48
N VAL H 22 -31.97 -1.69 4.30
CA VAL H 22 -33.21 -2.42 4.01
C VAL H 22 -34.36 -1.65 4.61
N PRO H 23 -35.34 -1.20 3.81
CA PRO H 23 -36.46 -0.43 4.35
C PRO H 23 -37.27 -1.25 5.35
N THR H 24 -37.77 -0.56 6.38
CA THR H 24 -38.70 -1.11 7.34
C THR H 24 -40.11 -1.13 6.75
N VAL H 25 -41.01 -1.89 7.37
CA VAL H 25 -42.41 -1.89 6.94
C VAL H 25 -43.33 -1.85 8.15
N ASP H 37 -38.07 -4.66 8.76
CA ASP H 37 -37.48 -4.60 7.43
C ASP H 37 -38.16 -5.57 6.46
N ILE H 38 -37.88 -5.42 5.17
CA ILE H 38 -38.72 -6.02 4.14
C ILE H 38 -38.55 -7.54 4.10
N TYR H 39 -37.33 -8.03 4.33
CA TYR H 39 -37.13 -9.47 4.36
C TYR H 39 -37.77 -10.10 5.59
N SER H 40 -37.78 -9.39 6.72
CA SER H 40 -38.53 -9.86 7.87
C SER H 40 -39.99 -10.04 7.52
N ARG H 41 -40.58 -9.04 6.85
CA ARG H 41 -41.96 -9.14 6.41
C ARG H 41 -42.16 -10.39 5.57
N LEU H 42 -41.34 -10.55 4.54
CA LEU H 42 -41.48 -11.69 3.65
C LEU H 42 -41.30 -13.01 4.37
N LEU H 43 -40.52 -13.01 5.45
CA LEU H 43 -40.20 -14.24 6.13
C LEU H 43 -41.44 -15.00 6.56
N LYS H 44 -42.57 -14.32 6.74
CA LYS H 44 -43.81 -15.02 7.10
C LYS H 44 -44.75 -15.15 5.91
N GLU H 45 -44.33 -14.74 4.71
CA GLU H 45 -44.81 -15.47 3.52
C GLU H 45 -44.08 -16.77 3.36
N ARG H 46 -43.32 -17.08 4.41
CA ARG H 46 -42.45 -18.26 4.48
C ARG H 46 -41.41 -18.26 3.38
N ILE H 47 -41.12 -17.09 2.81
CA ILE H 47 -40.11 -16.91 1.78
C ILE H 47 -38.76 -16.67 2.47
N VAL H 48 -37.78 -17.52 2.15
CA VAL H 48 -36.41 -17.36 2.63
C VAL H 48 -35.52 -17.11 1.44
N PHE H 49 -34.73 -16.03 1.51
CA PHE H 49 -33.82 -15.69 0.43
C PHE H 49 -32.42 -16.25 0.67
N LEU H 50 -31.75 -16.59 -0.43
CA LEU H 50 -30.31 -16.78 -0.48
C LEU H 50 -29.79 -15.98 -1.66
N VAL H 51 -28.86 -15.07 -1.39
CA VAL H 51 -28.35 -14.14 -2.39
C VAL H 51 -26.85 -14.00 -2.21
N GLY H 52 -26.13 -13.99 -3.32
CA GLY H 52 -24.69 -13.90 -3.29
C GLY H 52 -24.07 -15.16 -2.73
N PRO H 53 -22.77 -15.11 -2.43
CA PRO H 53 -22.04 -16.31 -2.04
C PRO H 53 -22.69 -17.05 -0.87
N VAL H 54 -22.42 -18.34 -0.81
CA VAL H 54 -22.82 -19.20 0.29
C VAL H 54 -21.65 -19.27 1.26
N THR H 55 -21.81 -18.65 2.43
CA THR H 55 -20.77 -18.61 3.45
C THR H 55 -21.35 -19.13 4.76
N ASP H 56 -20.46 -19.50 5.67
CA ASP H 56 -20.90 -19.98 6.98
C ASP H 56 -21.96 -19.04 7.57
N GLU H 57 -21.75 -17.74 7.45
CA GLU H 57 -22.67 -16.76 8.01
C GLU H 57 -24.00 -16.75 7.27
N SER H 58 -23.98 -16.59 5.94
CA SER H 58 -25.23 -16.49 5.19
C SER H 58 -25.95 -17.84 5.13
N ALA H 59 -25.19 -18.92 5.01
CA ALA H 59 -25.80 -20.25 5.07
C ALA H 59 -26.45 -20.49 6.42
N ASN H 60 -25.80 -20.08 7.51
CA ASN H 60 -26.41 -20.28 8.81
C ASN H 60 -27.61 -19.37 9.03
N LEU H 61 -27.60 -18.17 8.45
CA LEU H 61 -28.77 -17.32 8.53
C LEU H 61 -29.97 -17.98 7.87
N VAL H 62 -29.76 -18.59 6.70
CA VAL H 62 -30.84 -19.35 6.06
C VAL H 62 -31.24 -20.53 6.94
N VAL H 63 -30.25 -21.22 7.52
CA VAL H 63 -30.53 -22.34 8.41
C VAL H 63 -31.44 -21.91 9.55
N ALA H 64 -31.22 -20.71 10.09
CA ALA H 64 -32.05 -20.19 11.17
C ALA H 64 -33.46 -19.90 10.69
N GLN H 65 -33.59 -19.17 9.58
CA GLN H 65 -34.91 -18.85 9.06
C GLN H 65 -35.75 -20.11 8.82
N LEU H 66 -35.10 -21.20 8.41
CA LEU H 66 -35.84 -22.43 8.15
C LEU H 66 -36.46 -23.00 9.43
N LEU H 67 -35.64 -23.17 10.48
CA LEU H 67 -36.16 -23.65 11.75
C LEU H 67 -37.25 -22.75 12.29
N PHE H 68 -37.09 -21.43 12.12
CA PHE H 68 -38.12 -20.49 12.56
C PHE H 68 -39.45 -20.79 11.89
N LEU H 69 -39.45 -20.83 10.56
CA LEU H 69 -40.69 -21.12 9.83
C LEU H 69 -41.27 -22.47 10.19
N GLU H 70 -40.43 -23.45 10.51
CA GLU H 70 -40.97 -24.74 10.91
C GLU H 70 -41.64 -24.65 12.28
N SER H 71 -41.01 -23.96 13.22
CA SER H 71 -41.58 -23.81 14.56
C SER H 71 -42.93 -23.12 14.48
N GLU H 72 -43.02 -22.03 13.73
CA GLU H 72 -44.30 -21.32 13.61
C GLU H 72 -45.36 -22.20 12.97
N ASN H 73 -44.97 -23.08 12.05
CA ASN H 73 -45.92 -23.96 11.39
C ASN H 73 -45.19 -25.10 10.70
N PRO H 74 -45.08 -26.27 11.33
CA PRO H 74 -44.32 -27.37 10.73
C PRO H 74 -45.13 -28.13 9.71
N ASP H 75 -46.18 -27.48 9.16
CA ASP H 75 -47.06 -28.12 8.20
C ASP H 75 -47.34 -27.22 7.00
N LYS H 76 -46.62 -26.13 6.84
CA LYS H 76 -46.76 -25.24 5.69
C LYS H 76 -45.46 -25.25 4.91
N ASP H 77 -45.57 -25.16 3.58
CA ASP H 77 -44.40 -25.18 2.72
C ASP H 77 -43.58 -23.91 2.89
N ILE H 78 -42.28 -24.05 2.75
CA ILE H 78 -41.35 -22.93 2.74
C ILE H 78 -40.92 -22.67 1.32
N PHE H 79 -40.71 -21.40 0.97
CA PHE H 79 -40.42 -20.98 -0.39
C PHE H 79 -39.00 -20.41 -0.42
N PHE H 80 -38.03 -21.29 -0.62
CA PHE H 80 -36.62 -20.94 -0.58
C PHE H 80 -36.19 -20.43 -1.96
N TYR H 81 -35.91 -19.14 -2.03
CA TYR H 81 -35.57 -18.48 -3.28
C TYR H 81 -34.06 -18.24 -3.31
N ILE H 82 -33.43 -18.57 -4.44
CA ILE H 82 -31.97 -18.69 -4.55
C ILE H 82 -31.51 -17.83 -5.73
N ASN H 83 -30.58 -16.89 -5.45
CA ASN H 83 -29.88 -16.13 -6.50
C ASN H 83 -28.42 -16.05 -6.05
N SER H 84 -27.72 -17.18 -6.12
CA SER H 84 -26.39 -17.30 -5.59
C SER H 84 -25.44 -17.89 -6.63
N PRO H 85 -24.20 -17.41 -6.69
CA PRO H 85 -23.18 -18.07 -7.51
C PRO H 85 -22.47 -19.22 -6.82
N GLY H 86 -22.96 -19.65 -5.68
CA GLY H 86 -22.36 -20.74 -4.93
C GLY H 86 -21.41 -20.23 -3.87
N GLY H 87 -20.75 -21.19 -3.22
CA GLY H 87 -19.78 -20.87 -2.19
C GLY H 87 -19.28 -22.12 -1.51
N SER H 88 -18.88 -21.96 -0.25
CA SER H 88 -18.35 -23.07 0.53
C SER H 88 -19.29 -24.27 0.47
N VAL H 89 -18.70 -25.46 0.47
CA VAL H 89 -19.53 -26.66 0.33
C VAL H 89 -20.09 -27.08 1.69
N THR H 90 -19.29 -26.95 2.76
CA THR H 90 -19.84 -27.24 4.09
C THR H 90 -20.93 -26.25 4.45
N ALA H 91 -20.71 -24.96 4.14
CA ALA H 91 -21.77 -23.97 4.29
C ALA H 91 -23.01 -24.39 3.52
N GLY H 92 -22.85 -24.81 2.26
CA GLY H 92 -23.99 -25.25 1.48
C GLY H 92 -24.66 -26.47 2.06
N MET H 93 -23.89 -27.37 2.67
CA MET H 93 -24.47 -28.57 3.25
C MET H 93 -25.25 -28.26 4.52
N SER H 94 -24.92 -27.17 5.21
CA SER H 94 -25.78 -26.67 6.26
C SER H 94 -27.22 -26.57 5.74
N ILE H 95 -27.42 -25.71 4.73
CA ILE H 95 -28.74 -25.50 4.15
C ILE H 95 -29.31 -26.80 3.60
N TYR H 96 -28.46 -27.62 2.97
CA TYR H 96 -28.96 -28.83 2.32
C TYR H 96 -29.54 -29.79 3.35
N ASP H 97 -28.74 -30.20 4.32
CA ASP H 97 -29.21 -31.17 5.29
C ASP H 97 -30.31 -30.61 6.18
N THR H 98 -30.34 -29.30 6.42
CA THR H 98 -31.47 -28.73 7.13
C THR H 98 -32.75 -28.83 6.29
N MET H 99 -32.63 -28.55 5.00
CA MET H 99 -33.75 -28.65 4.07
C MET H 99 -34.44 -30.00 4.16
N ASN H 100 -33.68 -31.07 4.41
CA ASN H 100 -34.22 -32.41 4.43
C ASN H 100 -34.70 -32.83 5.81
N PHE H 101 -34.38 -32.06 6.84
CA PHE H 101 -34.69 -32.45 8.21
C PHE H 101 -35.99 -31.85 8.73
N ILE H 102 -36.31 -30.61 8.37
CA ILE H 102 -37.54 -30.03 8.87
C ILE H 102 -38.75 -30.67 8.18
N LYS H 103 -39.90 -30.56 8.84
CA LYS H 103 -41.16 -31.13 8.36
C LYS H 103 -41.73 -30.42 7.13
N PRO H 104 -41.57 -29.10 6.98
CA PRO H 104 -42.09 -28.45 5.76
C PRO H 104 -41.43 -28.98 4.49
N ASP H 105 -42.20 -28.91 3.40
CA ASP H 105 -41.63 -29.01 2.06
C ASP H 105 -40.87 -27.73 1.77
N VAL H 106 -39.61 -27.86 1.37
CA VAL H 106 -38.77 -26.70 1.06
C VAL H 106 -38.76 -26.54 -0.46
N SER H 107 -39.76 -25.82 -0.97
CA SER H 107 -39.88 -25.58 -2.40
C SER H 107 -38.87 -24.52 -2.84
N THR H 108 -37.96 -24.89 -3.74
CA THR H 108 -36.94 -23.96 -4.20
C THR H 108 -37.36 -23.25 -5.47
N LEU H 109 -36.81 -22.05 -5.64
CA LEU H 109 -36.96 -21.29 -6.87
C LEU H 109 -35.63 -20.61 -7.18
N CYS H 110 -35.37 -20.42 -8.46
CA CYS H 110 -34.19 -19.72 -8.93
C CYS H 110 -34.62 -18.48 -9.71
N LEU H 111 -34.08 -17.32 -9.33
CA LEU H 111 -34.11 -16.13 -10.16
C LEU H 111 -32.68 -15.63 -10.33
N GLY H 112 -32.38 -15.11 -11.50
CA GLY H 112 -31.04 -14.66 -11.80
C GLY H 112 -30.07 -15.80 -12.05
N GLN H 113 -29.61 -16.43 -10.98
CA GLN H 113 -28.66 -17.52 -11.14
C GLN H 113 -28.56 -18.36 -9.87
N ALA H 114 -28.53 -19.67 -10.08
CA ALA H 114 -28.12 -20.62 -9.05
C ALA H 114 -27.00 -21.44 -9.67
N ALA H 115 -25.77 -21.15 -9.27
CA ALA H 115 -24.59 -21.80 -9.83
C ALA H 115 -23.87 -22.59 -8.76
N SER H 116 -23.32 -23.73 -9.15
CA SER H 116 -22.46 -24.55 -8.28
C SER H 116 -23.30 -24.98 -7.08
N MET H 117 -22.91 -24.66 -5.84
CA MET H 117 -23.72 -25.08 -4.71
C MET H 117 -25.10 -24.42 -4.71
N GLY H 118 -25.18 -23.19 -5.22
CA GLY H 118 -26.48 -22.58 -5.43
C GLY H 118 -27.37 -23.44 -6.32
N ALA H 119 -26.76 -24.10 -7.32
CA ALA H 119 -27.50 -25.06 -8.14
C ALA H 119 -27.63 -26.41 -7.47
N PHE H 120 -26.74 -26.74 -6.54
CA PHE H 120 -26.90 -27.98 -5.78
C PHE H 120 -28.13 -27.92 -4.90
N LEU H 121 -28.45 -26.72 -4.39
CA LEU H 121 -29.57 -26.57 -3.47
C LEU H 121 -30.88 -26.43 -4.21
N LEU H 122 -30.87 -25.78 -5.37
CA LEU H 122 -32.07 -25.65 -6.17
C LEU H 122 -32.62 -27.02 -6.56
N SER H 123 -31.73 -27.96 -6.90
CA SER H 123 -32.12 -29.33 -7.19
C SER H 123 -32.47 -30.13 -5.94
N ALA H 124 -32.16 -29.58 -4.77
CA ALA H 124 -32.43 -30.24 -3.50
C ALA H 124 -33.85 -29.99 -2.99
N GLY H 125 -34.58 -29.05 -3.58
CA GLY H 125 -35.93 -28.80 -3.14
C GLY H 125 -36.80 -30.03 -3.24
N GLU H 126 -37.96 -29.94 -2.59
CA GLU H 126 -38.88 -31.08 -2.56
C GLU H 126 -39.32 -31.38 -3.99
N LYS H 127 -39.23 -32.65 -4.38
CA LYS H 127 -39.46 -33.03 -5.76
C LYS H 127 -40.92 -32.73 -6.13
N GLY H 128 -41.08 -32.03 -7.25
CA GLY H 128 -42.36 -31.48 -7.64
C GLY H 128 -42.51 -30.01 -7.29
N LYS H 129 -41.60 -29.47 -6.48
CA LYS H 129 -41.71 -28.09 -6.01
C LYS H 129 -40.43 -27.29 -6.27
N ARG H 130 -39.55 -27.79 -7.14
CA ARG H 130 -38.37 -27.04 -7.59
C ARG H 130 -38.71 -26.33 -8.89
N PHE H 131 -38.51 -25.00 -8.90
CA PHE H 131 -38.96 -24.19 -10.03
C PHE H 131 -37.83 -23.25 -10.47
N ALA H 132 -38.14 -22.46 -11.49
CA ALA H 132 -37.21 -21.46 -11.99
C ALA H 132 -37.99 -20.47 -12.83
N LEU H 133 -37.49 -19.26 -12.90
CA LEU H 133 -38.07 -18.19 -13.70
C LEU H 133 -37.49 -18.24 -15.11
N PRO H 134 -38.17 -17.61 -16.09
CA PRO H 134 -37.78 -17.82 -17.50
C PRO H 134 -36.31 -17.67 -17.82
N ASN H 135 -35.69 -16.57 -17.43
CA ASN H 135 -34.34 -16.25 -17.87
C ASN H 135 -33.30 -16.38 -16.75
N SER H 136 -33.57 -17.24 -15.76
CA SER H 136 -32.53 -17.59 -14.80
C SER H 136 -31.41 -18.37 -15.49
N ARG H 137 -30.35 -18.62 -14.76
CA ARG H 137 -29.20 -19.35 -15.29
C ARG H 137 -28.68 -20.30 -14.22
N ILE H 138 -28.75 -21.60 -14.50
CA ILE H 138 -28.11 -22.58 -13.62
C ILE H 138 -26.73 -22.87 -14.19
N MET H 139 -25.79 -23.25 -13.33
CA MET H 139 -24.55 -23.83 -13.81
C MET H 139 -24.06 -24.81 -12.76
N ILE H 140 -23.55 -25.95 -13.21
CA ILE H 140 -23.00 -26.96 -12.33
C ILE H 140 -21.58 -27.30 -12.78
N HIS H 141 -20.73 -27.65 -11.82
CA HIS H 141 -19.37 -28.08 -12.12
C HIS H 141 -18.79 -28.77 -10.89
N GLN H 142 -17.64 -29.41 -11.10
CA GLN H 142 -16.98 -30.14 -10.04
C GLN H 142 -16.48 -29.19 -8.96
N PRO H 143 -16.02 -29.72 -7.81
CA PRO H 143 -15.42 -28.88 -6.77
C PRO H 143 -14.38 -27.88 -7.23
N LEU H 144 -13.93 -27.06 -6.28
CA LEU H 144 -12.96 -26.00 -6.55
C LEU H 144 -12.14 -25.77 -5.28
N ILE H 145 -11.06 -25.00 -5.43
CA ILE H 145 -10.17 -24.58 -4.35
C ILE H 145 -9.31 -23.43 -4.88
N SER H 146 -8.94 -22.50 -4.00
CA SER H 146 -8.06 -21.40 -4.38
C SER H 146 -6.59 -21.81 -4.34
N GLY H 151 1.38 -26.89 2.34
CA GLY H 151 1.82 -27.80 3.40
C GLY H 151 2.69 -28.95 2.91
N GLN H 152 2.95 -29.91 3.79
CA GLN H 152 3.76 -31.05 3.42
C GLN H 152 3.04 -31.92 2.41
N ALA H 153 3.83 -32.74 1.71
CA ALA H 153 3.26 -33.73 0.79
C ALA H 153 2.24 -34.61 1.50
N SER H 154 2.57 -35.05 2.71
CA SER H 154 1.63 -35.86 3.48
C SER H 154 0.33 -35.13 3.76
N ASP H 155 0.39 -33.80 3.94
CA ASP H 155 -0.82 -33.04 4.26
C ASP H 155 -1.66 -32.76 3.01
N ILE H 156 -0.99 -32.29 1.95
CA ILE H 156 -1.68 -32.04 0.68
C ILE H 156 -2.32 -33.32 0.18
N GLU H 157 -1.65 -34.45 0.42
CA GLU H 157 -2.23 -35.78 0.21
C GLU H 157 -3.62 -35.89 0.82
N ILE H 158 -3.74 -35.58 2.11
CA ILE H 158 -5.00 -35.74 2.83
C ILE H 158 -6.05 -34.77 2.31
N HIS H 159 -5.65 -33.52 2.09
CA HIS H 159 -6.62 -32.52 1.64
C HIS H 159 -7.16 -32.88 0.25
N ALA H 160 -6.29 -33.37 -0.63
CA ALA H 160 -6.76 -33.81 -1.95
C ALA H 160 -7.69 -35.02 -1.81
N ARG H 161 -7.36 -35.96 -0.93
CA ARG H 161 -8.21 -37.12 -0.73
C ARG H 161 -9.62 -36.71 -0.30
N GLU H 162 -9.71 -35.79 0.65
CA GLU H 162 -11.03 -35.33 1.07
C GLU H 162 -11.75 -34.61 -0.05
N LEU H 163 -11.05 -33.75 -0.80
CA LEU H 163 -11.68 -33.08 -1.93
C LEU H 163 -12.24 -34.07 -2.93
N LEU H 164 -11.59 -35.23 -3.08
CA LEU H 164 -12.09 -36.25 -4.00
C LEU H 164 -13.32 -36.97 -3.43
N LYS H 165 -13.26 -37.34 -2.14
CA LYS H 165 -14.45 -37.84 -1.46
C LYS H 165 -15.64 -36.92 -1.70
N ILE H 166 -15.40 -35.61 -1.65
CA ILE H 166 -16.48 -34.64 -1.76
C ILE H 166 -16.95 -34.50 -3.21
N LYS H 167 -16.02 -34.57 -4.18
CA LYS H 167 -16.45 -34.57 -5.58
C LYS H 167 -17.39 -35.74 -5.85
N GLU H 168 -17.05 -36.92 -5.34
CA GLU H 168 -17.90 -38.10 -5.53
C GLU H 168 -19.23 -37.95 -4.79
N LYS H 169 -19.17 -37.45 -3.55
CA LYS H 169 -20.37 -37.22 -2.75
C LYS H 169 -21.35 -36.28 -3.46
N LEU H 170 -20.86 -35.09 -3.84
CA LEU H 170 -21.64 -34.14 -4.61
C LEU H 170 -22.22 -34.79 -5.85
N ASN H 171 -21.40 -35.55 -6.58
CA ASN H 171 -21.86 -36.18 -7.81
C ASN H 171 -23.03 -37.13 -7.54
N ARG H 172 -22.91 -37.99 -6.52
CA ARG H 172 -23.96 -38.96 -6.27
C ARG H 172 -25.24 -38.29 -5.80
N LEU H 173 -25.14 -37.35 -4.86
CA LEU H 173 -26.33 -36.66 -4.37
C LEU H 173 -26.99 -35.88 -5.48
N MET H 174 -26.18 -35.14 -6.23
CA MET H 174 -26.67 -34.51 -7.45
C MET H 174 -27.38 -35.55 -8.30
N ALA H 175 -26.78 -36.73 -8.49
CA ALA H 175 -27.36 -37.71 -9.38
C ALA H 175 -28.72 -38.15 -8.87
N LYS H 176 -28.89 -38.22 -7.55
CA LYS H 176 -30.20 -38.55 -6.98
C LYS H 176 -31.20 -37.42 -7.22
N HIS H 177 -30.75 -36.17 -7.18
CA HIS H 177 -31.67 -35.04 -7.28
C HIS H 177 -32.32 -34.97 -8.67
N CYS H 178 -31.54 -35.06 -9.74
CA CYS H 178 -32.16 -35.05 -11.06
C CYS H 178 -32.63 -36.42 -11.49
N ASP H 179 -32.60 -37.42 -10.60
CA ASP H 179 -33.05 -38.77 -10.91
C ASP H 179 -32.23 -39.34 -12.08
N ARG H 180 -30.91 -39.20 -11.98
CA ARG H 180 -30.00 -39.45 -13.09
C ARG H 180 -28.95 -40.48 -12.71
N ASP H 181 -28.18 -40.88 -13.72
CA ASP H 181 -27.02 -41.73 -13.52
C ASP H 181 -25.85 -40.90 -13.02
N LEU H 182 -25.12 -41.47 -12.05
CA LEU H 182 -23.95 -40.78 -11.50
C LEU H 182 -22.92 -40.44 -12.58
N ALA H 183 -22.84 -41.28 -13.62
CA ALA H 183 -21.89 -41.04 -14.70
C ALA H 183 -22.27 -39.80 -15.50
N ASP H 184 -23.56 -39.60 -15.75
CA ASP H 184 -24.02 -38.36 -16.38
C ASP H 184 -23.46 -37.15 -15.64
N LEU H 185 -23.47 -37.20 -14.31
CA LEU H 185 -23.06 -36.03 -13.54
C LEU H 185 -21.55 -35.86 -13.55
N GLU H 186 -20.79 -36.94 -13.44
CA GLU H 186 -19.35 -36.82 -13.61
C GLU H 186 -19.01 -36.20 -14.96
N ARG H 187 -19.69 -36.63 -16.02
CA ARG H 187 -19.43 -36.11 -17.35
C ARG H 187 -19.79 -34.63 -17.44
N ASP H 188 -20.98 -34.28 -16.93
CA ASP H 188 -21.55 -32.96 -17.12
C ASP H 188 -21.02 -31.92 -16.15
N THR H 189 -20.27 -32.33 -15.12
CA THR H 189 -19.74 -31.37 -14.16
C THR H 189 -18.23 -31.23 -14.22
N ASP H 190 -17.58 -31.86 -15.21
CA ASP H 190 -16.13 -31.77 -15.27
C ASP H 190 -15.68 -30.33 -15.49
N ARG H 191 -16.45 -29.56 -16.25
CA ARG H 191 -16.22 -28.13 -16.39
C ARG H 191 -17.52 -27.37 -16.17
N ASP H 192 -17.53 -26.06 -16.42
CA ASP H 192 -18.71 -25.25 -16.17
C ASP H 192 -19.82 -25.62 -17.14
N ASN H 193 -20.87 -26.26 -16.64
CA ASN H 193 -22.05 -26.63 -17.43
C ASN H 193 -23.16 -25.64 -17.14
N PHE H 194 -23.35 -24.68 -18.04
CA PHE H 194 -24.45 -23.73 -17.95
C PHE H 194 -25.72 -24.30 -18.56
N MET H 195 -26.86 -24.03 -17.91
CA MET H 195 -28.17 -24.51 -18.31
C MET H 195 -29.19 -23.38 -18.25
N SER H 196 -30.01 -23.32 -19.30
CA SER H 196 -31.25 -22.59 -19.28
C SER H 196 -32.27 -23.35 -18.42
N ALA H 197 -33.40 -22.67 -18.17
CA ALA H 197 -34.42 -23.28 -17.31
C ALA H 197 -35.01 -24.52 -17.96
N GLU H 198 -35.27 -24.48 -19.27
CA GLU H 198 -35.66 -25.68 -20.00
C GLU H 198 -34.62 -26.78 -19.85
N GLU H 199 -33.34 -26.42 -19.98
CA GLU H 199 -32.26 -27.41 -19.94
C GLU H 199 -32.09 -27.96 -18.52
N ALA H 200 -32.20 -27.10 -17.51
CA ALA H 200 -32.12 -27.59 -16.14
C ALA H 200 -33.33 -28.44 -15.78
N LYS H 201 -34.50 -28.09 -16.32
CA LYS H 201 -35.69 -28.92 -16.15
C LYS H 201 -35.46 -30.30 -16.72
N GLU H 202 -35.22 -30.37 -18.03
CA GLU H 202 -34.98 -31.65 -18.69
C GLU H 202 -33.91 -32.45 -17.95
N TYR H 203 -32.87 -31.76 -17.47
CA TYR H 203 -31.83 -32.43 -16.72
C TYR H 203 -32.33 -33.08 -15.44
N GLY H 204 -33.46 -32.61 -14.91
CA GLY H 204 -33.97 -33.10 -13.65
C GLY H 204 -33.64 -32.25 -12.44
N LEU H 205 -32.99 -31.11 -12.64
CA LEU H 205 -32.63 -30.23 -11.54
C LEU H 205 -33.84 -29.54 -10.95
N ILE H 206 -34.62 -28.91 -11.82
CA ILE H 206 -35.86 -28.27 -11.45
C ILE H 206 -37.00 -29.12 -12.00
N ASP H 207 -38.21 -28.84 -11.53
CA ASP H 207 -39.38 -29.57 -11.97
C ASP H 207 -40.25 -28.76 -12.93
N GLN H 208 -40.22 -27.44 -12.85
CA GLN H 208 -41.07 -26.62 -13.69
C GLN H 208 -40.39 -25.28 -13.91
N ILE H 209 -40.90 -24.55 -14.90
CA ILE H 209 -40.46 -23.19 -15.23
C ILE H 209 -41.66 -22.28 -15.07
N LEU H 210 -41.49 -21.19 -14.32
CA LEU H 210 -42.60 -20.33 -13.96
C LEU H 210 -42.40 -18.95 -14.57
N GLU H 211 -43.34 -18.56 -15.42
CA GLU H 211 -43.37 -17.25 -16.08
C GLU H 211 -44.28 -16.27 -15.36
N ASN H 212 -45.41 -16.74 -14.82
CA ASN H 212 -46.25 -15.94 -13.94
C ASN H 212 -47.09 -16.83 -13.03
N ARG H 213 -48.24 -16.32 -12.59
CA ARG H 213 -49.03 -17.08 -11.62
C ARG H 213 -49.80 -18.23 -12.26
N ALA H 214 -50.19 -18.10 -13.54
CA ALA H 214 -50.82 -19.19 -14.28
C ALA H 214 -49.71 -20.05 -14.89
N SER H 215 -49.14 -20.93 -14.05
CA SER H 215 -48.05 -21.81 -14.46
C SER H 215 -47.89 -22.97 -13.48
N LEU I 21 -29.25 -6.64 8.34
CA LEU I 21 -28.29 -7.72 8.19
C LEU I 21 -28.85 -9.04 8.73
N VAL I 22 -29.65 -8.97 9.78
CA VAL I 22 -30.23 -10.16 10.40
C VAL I 22 -31.72 -9.91 10.65
N PRO I 23 -32.60 -10.76 10.14
CA PRO I 23 -34.04 -10.43 10.15
C PRO I 23 -34.66 -10.58 11.53
N THR I 24 -35.47 -9.58 11.89
CA THR I 24 -36.37 -9.66 13.03
C THR I 24 -37.62 -10.44 12.63
N VAL I 25 -38.41 -10.83 13.63
CA VAL I 25 -39.67 -11.52 13.34
C VAL I 25 -40.79 -10.96 14.21
N ASP I 37 -34.25 -9.77 16.37
CA ASP I 37 -33.67 -10.55 15.28
C ASP I 37 -33.87 -12.05 15.49
N ILE I 38 -33.63 -12.83 14.44
CA ILE I 38 -34.00 -14.23 14.44
C ILE I 38 -33.16 -15.03 15.44
N TYR I 39 -31.94 -14.59 15.72
CA TYR I 39 -31.06 -15.39 16.57
C TYR I 39 -31.52 -15.35 18.02
N SER I 40 -31.89 -14.17 18.50
CA SER I 40 -32.57 -14.07 19.80
C SER I 40 -33.78 -14.99 19.83
N ARG I 41 -34.51 -15.06 18.72
CA ARG I 41 -35.77 -15.76 18.70
C ARG I 41 -35.58 -17.26 18.75
N LEU I 42 -34.50 -17.77 18.16
CA LEU I 42 -34.15 -19.17 18.35
C LEU I 42 -33.51 -19.42 19.70
N LEU I 43 -32.88 -18.39 20.28
CA LEU I 43 -32.45 -18.49 21.66
C LEU I 43 -33.64 -18.76 22.57
N LYS I 44 -34.78 -18.12 22.27
CA LYS I 44 -36.03 -18.44 22.96
C LYS I 44 -36.35 -19.94 22.94
N GLU I 45 -35.67 -20.71 22.11
CA GLU I 45 -35.92 -22.15 21.98
C GLU I 45 -34.75 -22.96 22.50
N ARG I 46 -33.78 -22.29 23.12
CA ARG I 46 -32.56 -22.92 23.68
C ARG I 46 -31.63 -23.41 22.58
N ILE I 47 -31.60 -22.70 21.46
CA ILE I 47 -30.69 -22.97 20.35
C ILE I 47 -29.54 -21.97 20.43
N VAL I 48 -28.34 -22.47 20.75
CA VAL I 48 -27.12 -21.68 20.70
C VAL I 48 -26.33 -22.05 19.45
N PHE I 49 -25.84 -21.05 18.74
CA PHE I 49 -25.01 -21.26 17.56
C PHE I 49 -23.55 -20.92 17.87
N LEU I 50 -22.64 -21.69 17.29
CA LEU I 50 -21.25 -21.29 17.09
C LEU I 50 -20.98 -21.38 15.59
N VAL I 51 -20.82 -20.23 14.95
CA VAL I 51 -20.69 -20.15 13.50
C VAL I 51 -19.39 -19.42 13.20
N GLY I 52 -18.43 -20.13 12.64
CA GLY I 52 -17.16 -19.55 12.28
C GLY I 52 -16.07 -19.91 13.26
N PRO I 53 -14.97 -19.16 13.23
CA PRO I 53 -13.83 -19.48 14.09
C PRO I 53 -14.07 -19.10 15.54
N VAL I 54 -13.59 -19.95 16.44
CA VAL I 54 -13.66 -19.70 17.87
C VAL I 54 -12.67 -18.59 18.24
N THR I 55 -13.19 -17.39 18.48
CA THR I 55 -12.44 -16.25 18.97
C THR I 55 -12.81 -15.98 20.43
N ASP I 56 -12.16 -14.96 21.01
CA ASP I 56 -12.54 -14.52 22.36
C ASP I 56 -13.98 -14.05 22.39
N GLU I 57 -14.34 -13.18 21.45
CA GLU I 57 -15.64 -12.52 21.50
C GLU I 57 -16.75 -13.48 21.12
N SER I 58 -16.52 -14.38 20.17
CA SER I 58 -17.56 -15.33 19.79
C SER I 58 -17.74 -16.43 20.85
N ALA I 59 -16.62 -16.94 21.39
CA ALA I 59 -16.72 -17.93 22.46
C ALA I 59 -17.38 -17.34 23.69
N ASN I 60 -17.07 -16.08 24.01
CA ASN I 60 -17.73 -15.45 25.15
C ASN I 60 -19.21 -15.14 24.85
N LEU I 61 -19.52 -14.81 23.59
CA LEU I 61 -20.92 -14.66 23.20
C LEU I 61 -21.68 -15.98 23.36
N VAL I 62 -20.97 -17.10 23.28
CA VAL I 62 -21.59 -18.39 23.55
C VAL I 62 -21.72 -18.64 25.06
N VAL I 63 -20.69 -18.28 25.82
CA VAL I 63 -20.74 -18.47 27.27
C VAL I 63 -21.90 -17.69 27.87
N ALA I 64 -22.11 -16.45 27.40
CA ALA I 64 -23.22 -15.63 27.86
C ALA I 64 -24.55 -16.35 27.65
N GLN I 65 -24.73 -16.97 26.48
CA GLN I 65 -26.00 -17.61 26.19
C GLN I 65 -26.20 -18.87 27.03
N LEU I 66 -25.14 -19.65 27.27
CA LEU I 66 -25.28 -20.79 28.17
C LEU I 66 -25.66 -20.37 29.58
N LEU I 67 -25.03 -19.32 30.10
CA LEU I 67 -25.37 -18.86 31.45
C LEU I 67 -26.81 -18.36 31.51
N PHE I 68 -27.21 -17.55 30.52
CA PHE I 68 -28.56 -16.99 30.52
C PHE I 68 -29.62 -18.08 30.39
N LEU I 69 -29.34 -19.15 29.63
CA LEU I 69 -30.30 -20.24 29.53
C LEU I 69 -30.31 -21.14 30.76
N GLU I 70 -29.19 -21.27 31.45
CA GLU I 70 -29.22 -21.98 32.73
C GLU I 70 -30.05 -21.21 33.75
N SER I 71 -29.83 -19.89 33.82
CA SER I 71 -30.63 -19.05 34.71
C SER I 71 -32.11 -19.12 34.34
N GLU I 72 -32.42 -18.99 33.06
CA GLU I 72 -33.82 -18.91 32.63
C GLU I 72 -34.57 -20.21 32.90
N ASN I 73 -33.89 -21.35 32.81
CA ASN I 73 -34.48 -22.64 33.13
C ASN I 73 -33.38 -23.70 33.20
N PRO I 74 -32.88 -24.02 34.40
CA PRO I 74 -31.82 -25.02 34.51
C PRO I 74 -32.30 -26.46 34.42
N ASP I 75 -33.58 -26.70 34.17
CA ASP I 75 -34.12 -28.05 34.11
C ASP I 75 -34.39 -28.51 32.68
N LYS I 76 -34.03 -27.69 31.69
CA LYS I 76 -34.25 -28.00 30.28
C LYS I 76 -32.91 -28.08 29.55
N ASP I 77 -32.88 -28.87 28.48
CA ASP I 77 -31.67 -28.99 27.68
C ASP I 77 -31.44 -27.72 26.86
N ILE I 78 -30.17 -27.40 26.64
CA ILE I 78 -29.77 -26.39 25.67
C ILE I 78 -29.26 -27.10 24.43
N PHE I 79 -29.50 -26.51 23.27
CA PHE I 79 -29.17 -27.12 21.98
C PHE I 79 -28.09 -26.28 21.30
N PHE I 80 -26.86 -26.78 21.31
CA PHE I 80 -25.68 -26.09 20.81
C PHE I 80 -25.40 -26.59 19.38
N TYR I 81 -25.50 -25.67 18.42
CA TYR I 81 -25.38 -26.00 16.99
C TYR I 81 -24.04 -25.48 16.47
N ILE I 82 -23.13 -26.39 16.12
CA ILE I 82 -21.75 -26.03 15.77
C ILE I 82 -21.54 -26.19 14.27
N ASN I 83 -21.12 -25.10 13.62
CA ASN I 83 -20.63 -25.09 12.23
C ASN I 83 -19.36 -24.23 12.27
N SER I 84 -18.25 -24.85 12.65
CA SER I 84 -17.04 -24.08 12.94
C SER I 84 -15.79 -24.80 12.43
N PRO I 85 -14.87 -24.08 11.80
CA PRO I 85 -13.54 -24.65 11.54
C PRO I 85 -12.66 -24.75 12.78
N GLY I 86 -13.05 -24.18 13.91
CA GLY I 86 -12.26 -24.19 15.12
C GLY I 86 -11.61 -22.83 15.37
N GLY I 87 -10.65 -22.82 16.29
CA GLY I 87 -9.96 -21.58 16.59
C GLY I 87 -9.15 -21.68 17.87
N SER I 88 -9.06 -20.54 18.57
CA SER I 88 -8.23 -20.47 19.77
C SER I 88 -8.62 -21.54 20.78
N VAL I 89 -7.63 -22.03 21.51
CA VAL I 89 -7.85 -23.13 22.43
C VAL I 89 -8.33 -22.64 23.81
N THR I 90 -7.86 -21.48 24.26
CA THR I 90 -8.40 -20.93 25.50
C THR I 90 -9.83 -20.45 25.31
N ALA I 91 -10.09 -19.75 24.21
CA ALA I 91 -11.45 -19.36 23.88
C ALA I 91 -12.37 -20.57 23.85
N GLY I 92 -11.89 -21.68 23.30
CA GLY I 92 -12.71 -22.90 23.28
C GLY I 92 -12.83 -23.53 24.64
N MET I 93 -11.77 -23.48 25.44
CA MET I 93 -11.79 -24.05 26.78
C MET I 93 -12.84 -23.34 27.65
N SER I 94 -13.02 -22.04 27.44
CA SER I 94 -14.05 -21.33 28.19
C SER I 94 -15.42 -21.96 27.92
N ILE I 95 -15.76 -22.16 26.64
CA ILE I 95 -17.01 -22.81 26.30
C ILE I 95 -17.08 -24.21 26.90
N TYR I 96 -16.01 -24.99 26.73
CA TYR I 96 -15.98 -26.37 27.23
C TYR I 96 -16.30 -26.45 28.72
N ASP I 97 -15.48 -25.76 29.52
CA ASP I 97 -15.70 -25.72 30.96
C ASP I 97 -17.09 -25.21 31.30
N THR I 98 -17.64 -24.30 30.47
CA THR I 98 -18.99 -23.82 30.73
C THR I 98 -20.03 -24.89 30.41
N MET I 99 -19.80 -25.69 29.37
CA MET I 99 -20.69 -26.80 29.05
C MET I 99 -20.74 -27.77 30.22
N ASN I 100 -19.62 -27.98 30.88
CA ASN I 100 -19.59 -28.88 32.03
C ASN I 100 -20.03 -28.25 33.34
N PHE I 101 -19.94 -26.93 33.46
CA PHE I 101 -20.24 -26.27 34.73
C PHE I 101 -21.73 -26.30 35.02
N ILE I 102 -22.52 -25.73 34.10
CA ILE I 102 -23.95 -25.54 34.28
C ILE I 102 -24.66 -26.88 34.47
N LYS I 103 -25.88 -26.82 34.93
CA LYS I 103 -26.72 -27.97 35.21
C LYS I 103 -27.36 -28.56 33.95
N PRO I 104 -27.90 -27.75 33.03
CA PRO I 104 -28.59 -28.33 31.86
C PRO I 104 -27.66 -29.17 30.99
N ASP I 105 -28.22 -30.29 30.49
CA ASP I 105 -27.55 -31.08 29.48
C ASP I 105 -27.39 -30.26 28.20
N VAL I 106 -26.16 -30.08 27.74
CA VAL I 106 -25.90 -29.36 26.50
C VAL I 106 -25.80 -30.38 25.38
N SER I 107 -26.75 -30.34 24.46
CA SER I 107 -26.83 -31.30 23.36
C SER I 107 -26.23 -30.67 22.11
N THR I 108 -25.16 -31.26 21.59
CA THR I 108 -24.46 -30.71 20.45
C THR I 108 -25.00 -31.30 19.15
N LEU I 109 -24.97 -30.46 18.11
CA LEU I 109 -25.34 -30.87 16.76
C LEU I 109 -24.35 -30.28 15.78
N CYS I 110 -23.68 -31.14 15.03
CA CYS I 110 -22.86 -30.67 13.91
C CYS I 110 -23.74 -30.45 12.68
N LEU I 111 -23.53 -29.30 12.02
CA LEU I 111 -24.17 -28.98 10.75
C LEU I 111 -23.14 -28.34 9.84
N GLY I 112 -22.81 -29.01 8.74
CA GLY I 112 -21.74 -28.53 7.87
C GLY I 112 -20.39 -29.12 8.23
N GLN I 113 -19.63 -28.43 9.09
CA GLN I 113 -18.36 -28.95 9.58
C GLN I 113 -18.12 -28.52 11.01
N ALA I 114 -17.59 -29.43 11.81
CA ALA I 114 -17.07 -29.16 13.14
C ALA I 114 -15.61 -29.61 13.10
N ALA I 115 -14.74 -28.69 12.73
CA ALA I 115 -13.33 -28.99 12.53
C ALA I 115 -12.50 -28.44 13.68
N SER I 116 -11.44 -29.17 14.03
CA SER I 116 -10.46 -28.74 15.01
C SER I 116 -11.12 -28.55 16.37
N MET I 117 -11.26 -27.29 16.82
CA MET I 117 -11.89 -27.06 18.12
C MET I 117 -13.37 -27.38 18.06
N GLY I 118 -14.06 -26.91 17.02
CA GLY I 118 -15.47 -27.22 16.82
C GLY I 118 -15.79 -28.69 17.04
N ALA I 119 -14.93 -29.57 16.53
CA ALA I 119 -15.10 -31.00 16.78
C ALA I 119 -14.94 -31.32 18.26
N PHE I 120 -13.99 -30.67 18.92
CA PHE I 120 -13.77 -30.90 20.34
C PHE I 120 -15.01 -30.56 21.15
N LEU I 121 -15.61 -29.40 20.85
CA LEU I 121 -16.87 -29.00 21.46
C LEU I 121 -17.95 -30.04 21.19
N LEU I 122 -18.20 -30.34 19.91
CA LEU I 122 -19.21 -31.32 19.54
C LEU I 122 -19.06 -32.62 20.31
N SER I 123 -17.82 -33.11 20.45
CA SER I 123 -17.58 -34.32 21.21
C SER I 123 -17.75 -34.10 22.70
N ALA I 124 -17.70 -32.85 23.17
CA ALA I 124 -17.86 -32.58 24.59
C ALA I 124 -19.31 -32.59 25.05
N GLY I 125 -20.28 -32.65 24.14
CA GLY I 125 -21.68 -32.67 24.51
C GLY I 125 -22.06 -33.78 25.47
N GLU I 126 -23.22 -33.64 26.11
CA GLU I 126 -23.70 -34.68 27.02
C GLU I 126 -23.75 -36.02 26.30
N LYS I 127 -23.15 -37.04 26.89
CA LYS I 127 -23.09 -38.34 26.24
C LYS I 127 -24.50 -38.92 26.14
N GLY I 128 -24.95 -39.11 24.91
CA GLY I 128 -26.33 -39.48 24.61
C GLY I 128 -27.08 -38.41 23.85
N LYS I 129 -26.53 -37.20 23.73
CA LYS I 129 -27.24 -36.08 23.14
C LYS I 129 -26.41 -35.37 22.07
N ARG I 130 -25.41 -36.03 21.51
CA ARG I 130 -24.54 -35.44 20.49
C ARG I 130 -24.90 -36.02 19.13
N PHE I 131 -25.11 -35.14 18.15
CA PHE I 131 -25.65 -35.54 16.86
C PHE I 131 -24.92 -34.80 15.74
N ALA I 132 -25.22 -35.22 14.51
CA ALA I 132 -24.71 -34.54 13.33
C ALA I 132 -25.69 -34.77 12.19
N LEU I 133 -25.87 -33.76 11.35
CA LEU I 133 -26.61 -33.96 10.11
C LEU I 133 -25.76 -34.77 9.14
N PRO I 134 -26.38 -35.60 8.30
CA PRO I 134 -25.65 -36.74 7.69
C PRO I 134 -24.51 -36.33 6.77
N ASN I 135 -24.58 -35.18 6.10
CA ASN I 135 -23.50 -34.73 5.24
C ASN I 135 -22.60 -33.72 5.91
N SER I 136 -22.62 -33.65 7.24
CA SER I 136 -21.69 -32.80 7.95
C SER I 136 -20.36 -33.52 8.06
N ARG I 137 -19.28 -32.79 7.90
CA ARG I 137 -17.94 -33.37 7.95
C ARG I 137 -17.23 -32.93 9.22
N ILE I 138 -16.55 -33.88 9.85
CA ILE I 138 -15.87 -33.64 11.11
C ILE I 138 -14.38 -33.74 10.84
N MET I 139 -13.59 -33.02 11.62
CA MET I 139 -12.14 -33.04 11.45
C MET I 139 -11.46 -32.89 12.80
N ILE I 140 -10.43 -33.71 13.04
CA ILE I 140 -9.59 -33.54 14.22
C ILE I 140 -8.12 -33.59 13.83
N HIS I 141 -7.30 -32.77 14.48
CA HIS I 141 -5.86 -32.77 14.25
C HIS I 141 -5.16 -32.27 15.50
N GLN I 142 -3.83 -32.39 15.50
CA GLN I 142 -3.02 -31.90 16.60
C GLN I 142 -2.94 -30.38 16.57
N PRO I 143 -2.63 -29.74 17.71
CA PRO I 143 -2.61 -28.28 17.76
C PRO I 143 -1.69 -27.67 16.71
N LEU I 144 -2.18 -26.60 16.09
CA LEU I 144 -1.46 -25.83 15.10
C LEU I 144 -1.08 -24.49 15.69
N ILE I 145 -0.07 -23.85 15.09
CA ILE I 145 0.38 -22.52 15.51
C ILE I 145 0.86 -21.79 14.27
N SER I 146 0.56 -20.50 14.19
CA SER I 146 0.96 -19.72 13.03
C SER I 146 1.20 -18.25 13.40
N GLY I 151 11.23 -14.92 20.14
CA GLY I 151 12.12 -14.45 21.18
C GLY I 151 13.35 -15.32 21.34
N GLN I 152 14.03 -15.17 22.48
CA GLN I 152 15.25 -15.92 22.73
C GLN I 152 14.96 -17.42 22.83
N ALA I 153 16.04 -18.21 22.86
CA ALA I 153 15.91 -19.65 22.94
C ALA I 153 15.16 -20.08 24.20
N SER I 154 15.45 -19.43 25.32
CA SER I 154 14.76 -19.73 26.57
C SER I 154 13.25 -19.58 26.40
N ASP I 155 12.83 -18.41 25.90
CA ASP I 155 11.40 -18.14 25.70
C ASP I 155 10.77 -19.17 24.79
N ILE I 156 11.52 -19.63 23.79
CA ILE I 156 10.95 -20.50 22.78
C ILE I 156 10.79 -21.93 23.31
N GLU I 157 11.81 -22.44 24.01
CA GLU I 157 11.64 -23.67 24.77
C GLU I 157 10.43 -23.57 25.68
N ILE I 158 10.27 -22.41 26.34
CA ILE I 158 9.19 -22.25 27.31
C ILE I 158 7.84 -22.40 26.62
N HIS I 159 7.62 -21.66 25.54
CA HIS I 159 6.34 -21.73 24.84
C HIS I 159 6.12 -23.09 24.21
N ALA I 160 7.18 -23.76 23.75
CA ALA I 160 7.02 -25.09 23.14
C ALA I 160 6.59 -26.11 24.19
N ARG I 161 7.12 -26.00 25.40
CA ARG I 161 6.62 -26.84 26.48
C ARG I 161 5.11 -26.63 26.66
N GLU I 162 4.64 -25.37 26.53
CA GLU I 162 3.21 -25.15 26.74
C GLU I 162 2.38 -25.60 25.54
N LEU I 163 2.96 -25.60 24.34
CA LEU I 163 2.23 -26.20 23.24
C LEU I 163 2.13 -27.71 23.43
N LEU I 164 3.13 -28.33 24.06
CA LEU I 164 3.14 -29.79 24.15
C LEU I 164 2.20 -30.30 25.22
N LYS I 165 2.23 -29.73 26.45
CA LYS I 165 1.22 -30.18 27.43
C LYS I 165 -0.16 -29.91 26.86
N ILE I 166 -0.33 -28.84 26.06
CA ILE I 166 -1.64 -28.59 25.46
C ILE I 166 -2.05 -29.71 24.53
N LYS I 167 -1.15 -30.12 23.63
CA LYS I 167 -1.44 -31.25 22.75
C LYS I 167 -1.86 -32.48 23.54
N GLU I 168 -1.10 -32.80 24.60
CA GLU I 168 -1.36 -34.02 25.34
C GLU I 168 -2.61 -33.91 26.20
N LYS I 169 -2.95 -32.71 26.68
CA LYS I 169 -4.20 -32.50 27.40
C LYS I 169 -5.41 -32.61 26.47
N LEU I 170 -5.28 -32.08 25.26
CA LEU I 170 -6.36 -32.22 24.29
C LEU I 170 -6.58 -33.69 23.95
N ASN I 171 -5.50 -34.45 23.82
CA ASN I 171 -5.63 -35.89 23.58
C ASN I 171 -6.28 -36.60 24.77
N ARG I 172 -5.85 -36.26 25.99
CA ARG I 172 -6.52 -36.63 27.24
C ARG I 172 -8.04 -36.55 27.10
N LEU I 173 -8.52 -35.31 26.92
CA LEU I 173 -9.95 -35.06 26.94
C LEU I 173 -10.66 -35.76 25.79
N MET I 174 -10.05 -35.79 24.61
CA MET I 174 -10.74 -36.37 23.46
C MET I 174 -10.83 -37.88 23.56
N ALA I 175 -9.77 -38.54 24.05
CA ALA I 175 -9.87 -39.96 24.32
C ALA I 175 -10.91 -40.24 25.39
N LYS I 176 -11.09 -39.33 26.34
CA LYS I 176 -12.19 -39.48 27.29
C LYS I 176 -13.54 -39.42 26.59
N HIS I 177 -13.79 -38.35 25.82
CA HIS I 177 -15.09 -38.16 25.19
C HIS I 177 -15.45 -39.30 24.25
N CYS I 178 -14.45 -39.95 23.67
CA CYS I 178 -14.66 -40.99 22.69
C CYS I 178 -14.76 -42.37 23.30
N ASP I 179 -14.57 -42.50 24.61
CA ASP I 179 -14.38 -43.78 25.26
C ASP I 179 -13.29 -44.58 24.54
N ARG I 180 -12.32 -43.85 24.03
CA ARG I 180 -11.20 -44.42 23.28
C ARG I 180 -9.94 -44.30 24.12
N ASP I 181 -9.02 -45.22 23.90
CA ASP I 181 -7.76 -45.15 24.62
C ASP I 181 -6.91 -44.01 24.07
N LEU I 182 -5.97 -43.55 24.90
CA LEU I 182 -5.24 -42.32 24.59
C LEU I 182 -4.37 -42.49 23.35
N ALA I 183 -3.65 -43.61 23.26
CA ALA I 183 -2.79 -43.86 22.11
C ALA I 183 -3.56 -43.73 20.80
N ASP I 184 -4.80 -44.21 20.78
CA ASP I 184 -5.63 -44.10 19.58
C ASP I 184 -5.73 -42.66 19.13
N LEU I 185 -5.96 -41.74 20.08
CA LEU I 185 -6.11 -40.33 19.74
C LEU I 185 -4.77 -39.72 19.35
N GLU I 186 -3.73 -39.97 20.15
CA GLU I 186 -2.40 -39.46 19.83
C GLU I 186 -2.02 -39.81 18.39
N ARG I 187 -2.28 -41.04 17.99
CA ARG I 187 -2.03 -41.48 16.62
C ARG I 187 -2.93 -40.76 15.63
N ASP I 188 -4.24 -40.79 15.87
CA ASP I 188 -5.18 -40.28 14.86
C ASP I 188 -5.21 -38.77 14.75
N THR I 189 -4.34 -38.00 15.42
CA THR I 189 -4.37 -36.54 15.30
C THR I 189 -3.04 -35.96 14.88
N ASP I 190 -2.06 -36.79 14.47
CA ASP I 190 -0.76 -36.23 14.09
C ASP I 190 -0.87 -35.38 12.84
N ARG I 191 -1.82 -35.67 11.97
CA ARG I 191 -2.21 -34.78 10.88
C ARG I 191 -3.72 -34.80 10.76
N ASP I 192 -4.26 -33.97 9.87
CA ASP I 192 -5.70 -33.86 9.70
C ASP I 192 -6.36 -35.22 9.50
N ASN I 193 -7.38 -35.49 10.30
CA ASN I 193 -8.19 -36.70 10.15
C ASN I 193 -9.61 -36.21 9.88
N PHE I 194 -9.99 -36.27 8.61
CA PHE I 194 -11.36 -35.99 8.21
C PHE I 194 -12.22 -37.22 8.47
N MET I 195 -13.46 -36.99 8.88
CA MET I 195 -14.41 -38.04 9.20
C MET I 195 -15.76 -37.66 8.65
N SER I 196 -16.52 -38.68 8.25
CA SER I 196 -17.91 -38.52 7.93
C SER I 196 -18.75 -38.64 9.20
N ALA I 197 -20.04 -38.34 9.07
CA ALA I 197 -20.96 -38.55 10.18
C ALA I 197 -20.86 -39.97 10.73
N GLU I 198 -20.97 -40.97 9.84
CA GLU I 198 -20.90 -42.36 10.27
C GLU I 198 -19.55 -42.69 10.90
N GLU I 199 -18.47 -42.18 10.30
CA GLU I 199 -17.15 -42.41 10.87
C GLU I 199 -17.00 -41.72 12.23
N ALA I 200 -17.50 -40.50 12.36
CA ALA I 200 -17.47 -39.82 13.66
C ALA I 200 -18.21 -40.63 14.71
N LYS I 201 -19.39 -41.16 14.34
CA LYS I 201 -20.12 -42.05 15.23
C LYS I 201 -19.27 -43.23 15.67
N GLU I 202 -18.65 -43.92 14.71
CA GLU I 202 -17.86 -45.10 15.05
C GLU I 202 -16.67 -44.74 15.94
N TYR I 203 -16.11 -43.54 15.75
CA TYR I 203 -14.98 -43.14 16.59
C TYR I 203 -15.38 -43.01 18.05
N GLY I 204 -16.59 -42.51 18.29
CA GLY I 204 -17.00 -42.09 19.61
C GLY I 204 -17.16 -40.59 19.75
N LEU I 205 -17.11 -39.86 18.64
CA LEU I 205 -17.20 -38.41 18.67
C LEU I 205 -18.63 -37.91 18.78
N ILE I 206 -19.60 -38.67 18.25
CA ILE I 206 -21.01 -38.38 18.44
C ILE I 206 -21.71 -39.67 18.83
N ASP I 207 -23.03 -39.55 19.03
CA ASP I 207 -23.86 -40.67 19.47
C ASP I 207 -24.77 -41.19 18.37
N GLN I 208 -25.36 -40.30 17.58
CA GLN I 208 -26.28 -40.69 16.53
C GLN I 208 -26.24 -39.65 15.42
N ILE I 209 -26.80 -40.02 14.28
CA ILE I 209 -26.96 -39.11 13.14
C ILE I 209 -28.45 -38.90 12.90
N LEU I 210 -28.80 -37.69 12.50
CA LEU I 210 -30.19 -37.29 12.33
C LEU I 210 -30.46 -36.98 10.87
N GLU I 211 -31.51 -37.60 10.32
CA GLU I 211 -31.98 -37.31 8.97
C GLU I 211 -33.24 -36.48 8.99
N ASN I 212 -34.32 -37.01 9.56
CA ASN I 212 -35.46 -36.20 9.98
C ASN I 212 -35.93 -36.70 11.34
N ARG I 213 -36.62 -35.82 12.07
CA ARG I 213 -36.95 -36.03 13.49
C ARG I 213 -37.57 -37.41 13.77
N ASP J 18 -30.05 -6.31 25.70
CA ASP J 18 -29.23 -7.37 25.13
C ASP J 18 -28.83 -8.39 26.18
N TYR J 39 -25.88 -9.17 27.53
CA TYR J 39 -24.91 -8.85 28.56
C TYR J 39 -25.51 -7.96 29.64
N SER J 40 -26.49 -7.12 29.26
CA SER J 40 -27.25 -6.38 30.27
C SER J 40 -28.06 -7.33 31.14
N ARG J 41 -28.72 -8.30 30.51
CA ARG J 41 -29.48 -9.29 31.28
C ARG J 41 -28.56 -10.10 32.19
N LEU J 42 -27.33 -10.35 31.75
CA LEU J 42 -26.36 -10.97 32.64
C LEU J 42 -25.88 -10.02 33.72
N LEU J 43 -25.96 -8.72 33.47
CA LEU J 43 -25.66 -7.73 34.50
C LEU J 43 -26.74 -7.75 35.59
N LYS J 44 -28.00 -8.02 35.20
CA LYS J 44 -29.11 -8.18 36.12
C LYS J 44 -28.79 -9.21 37.19
N GLU J 45 -27.75 -10.01 36.95
CA GLU J 45 -27.33 -11.04 37.90
C GLU J 45 -25.94 -10.74 38.47
N ARG J 46 -25.46 -9.50 38.33
CA ARG J 46 -24.23 -9.04 38.98
C ARG J 46 -22.99 -9.78 38.47
N ILE J 47 -22.96 -10.07 37.17
CA ILE J 47 -21.84 -10.74 36.52
C ILE J 47 -21.20 -9.78 35.53
N VAL J 48 -19.88 -9.60 35.67
CA VAL J 48 -19.11 -8.70 34.79
C VAL J 48 -18.07 -9.52 34.05
N PHE J 49 -17.88 -9.21 32.77
CA PHE J 49 -17.00 -9.97 31.89
C PHE J 49 -15.77 -9.15 31.53
N LEU J 50 -14.60 -9.79 31.57
CA LEU J 50 -13.38 -9.27 30.96
C LEU J 50 -12.95 -10.25 29.88
N VAL J 51 -13.16 -9.86 28.62
CA VAL J 51 -12.86 -10.72 27.48
C VAL J 51 -11.87 -10.00 26.58
N GLY J 52 -10.68 -10.57 26.43
CA GLY J 52 -9.73 -10.06 25.49
C GLY J 52 -8.83 -8.99 26.06
N PRO J 53 -8.27 -8.16 25.18
CA PRO J 53 -7.19 -7.25 25.61
C PRO J 53 -7.70 -6.15 26.52
N VAL J 54 -6.88 -5.84 27.53
CA VAL J 54 -7.18 -4.78 28.49
C VAL J 54 -6.74 -3.45 27.88
N THR J 55 -7.70 -2.62 27.47
CA THR J 55 -7.43 -1.28 26.97
C THR J 55 -8.10 -0.26 27.89
N ASP J 56 -8.01 1.01 27.52
CA ASP J 56 -8.68 2.06 28.30
C ASP J 56 -10.19 1.93 28.17
N GLU J 57 -10.72 2.25 26.99
CA GLU J 57 -12.16 2.28 26.75
C GLU J 57 -12.87 0.98 27.10
N SER J 58 -12.11 -0.07 27.44
CA SER J 58 -12.68 -1.34 27.87
C SER J 58 -12.58 -1.55 29.38
N ALA J 59 -11.39 -1.33 29.94
CA ALA J 59 -11.25 -1.37 31.40
C ALA J 59 -12.21 -0.39 32.05
N ASN J 60 -12.42 0.77 31.42
CA ASN J 60 -13.39 1.70 31.97
C ASN J 60 -14.78 1.11 31.95
N LEU J 61 -15.23 0.59 30.80
CA LEU J 61 -16.53 -0.09 30.74
C LEU J 61 -16.69 -1.06 31.91
N VAL J 62 -15.63 -1.79 32.23
CA VAL J 62 -15.66 -2.65 33.42
C VAL J 62 -15.88 -1.80 34.67
N VAL J 63 -15.17 -0.68 34.78
CA VAL J 63 -15.31 0.20 35.94
C VAL J 63 -16.75 0.72 36.06
N ALA J 64 -17.36 1.06 34.92
CA ALA J 64 -18.72 1.57 34.90
C ALA J 64 -19.70 0.52 35.39
N GLN J 65 -19.55 -0.72 34.91
CA GLN J 65 -20.41 -1.79 35.42
C GLN J 65 -20.20 -2.03 36.91
N LEU J 66 -18.94 -1.95 37.37
CA LEU J 66 -18.67 -2.16 38.79
C LEU J 66 -19.34 -1.09 39.65
N LEU J 67 -19.18 0.17 39.25
CA LEU J 67 -19.79 1.27 39.99
C LEU J 67 -21.32 1.17 39.98
N PHE J 68 -21.90 0.81 38.83
CA PHE J 68 -23.33 0.61 38.78
C PHE J 68 -23.78 -0.46 39.76
N LEU J 69 -23.17 -1.65 39.69
CA LEU J 69 -23.61 -2.75 40.52
C LEU J 69 -23.41 -2.45 42.00
N GLU J 70 -22.43 -1.61 42.35
CA GLU J 70 -22.36 -1.15 43.73
C GLU J 70 -23.48 -0.15 44.03
N SER J 71 -23.77 0.73 43.08
CA SER J 71 -24.87 1.67 43.23
C SER J 71 -26.21 0.97 43.43
N GLU J 72 -26.33 -0.29 43.04
CA GLU J 72 -27.60 -0.99 43.10
C GLU J 72 -27.73 -1.96 44.28
N ASN J 73 -26.62 -2.37 44.90
CA ASN J 73 -26.69 -3.20 46.11
C ASN J 73 -25.30 -3.37 46.70
N PRO J 74 -24.90 -2.47 47.61
CA PRO J 74 -23.50 -2.52 48.12
C PRO J 74 -23.11 -3.78 48.84
N ASP J 75 -24.05 -4.58 49.34
CA ASP J 75 -23.67 -5.73 50.17
C ASP J 75 -23.39 -6.99 49.37
N LYS J 76 -24.04 -7.16 48.22
CA LYS J 76 -23.98 -8.44 47.51
C LYS J 76 -22.65 -8.63 46.78
N ASP J 77 -22.21 -9.87 46.72
CA ASP J 77 -21.04 -10.23 45.93
C ASP J 77 -21.27 -9.92 44.46
N ILE J 78 -20.21 -9.47 43.80
CA ILE J 78 -20.21 -9.29 42.34
C ILE J 78 -19.28 -10.36 41.78
N PHE J 79 -19.55 -10.80 40.54
CA PHE J 79 -18.75 -11.83 39.90
C PHE J 79 -18.09 -11.26 38.66
N PHE J 80 -16.76 -11.36 38.62
CA PHE J 80 -15.93 -10.82 37.57
C PHE J 80 -15.34 -11.97 36.75
N TYR J 81 -15.73 -12.06 35.49
CA TYR J 81 -15.33 -13.17 34.64
C TYR J 81 -14.21 -12.71 33.71
N ILE J 82 -13.07 -13.40 33.77
CA ILE J 82 -11.86 -12.97 33.10
C ILE J 82 -11.46 -14.02 32.07
N ASN J 83 -11.58 -13.67 30.79
CA ASN J 83 -10.95 -14.40 29.71
C ASN J 83 -10.06 -13.39 29.01
N SER J 84 -8.88 -13.15 29.59
CA SER J 84 -8.07 -12.03 29.16
C SER J 84 -6.62 -12.44 28.96
N PRO J 85 -6.01 -12.01 27.86
CA PRO J 85 -4.57 -12.18 27.65
C PRO J 85 -3.71 -11.12 28.32
N GLY J 86 -4.31 -10.12 28.94
CA GLY J 86 -3.59 -9.02 29.53
C GLY J 86 -3.77 -7.74 28.75
N GLY J 87 -2.84 -6.82 28.94
CA GLY J 87 -2.88 -5.58 28.21
C GLY J 87 -2.26 -4.45 29.04
N SER J 88 -2.75 -3.24 28.77
CA SER J 88 -2.20 -2.04 29.37
C SER J 88 -2.25 -2.11 30.89
N VAL J 89 -1.14 -1.78 31.53
CA VAL J 89 -1.06 -1.95 32.98
C VAL J 89 -1.88 -0.89 33.72
N THR J 90 -1.92 0.34 33.19
CA THR J 90 -2.66 1.38 33.88
C THR J 90 -4.17 1.21 33.76
N ALA J 91 -4.66 0.71 32.63
CA ALA J 91 -6.09 0.36 32.56
C ALA J 91 -6.42 -0.74 33.57
N GLY J 92 -5.59 -1.77 33.61
CA GLY J 92 -5.76 -2.78 34.64
C GLY J 92 -5.66 -2.22 36.04
N MET J 93 -4.93 -1.11 36.21
CA MET J 93 -4.80 -0.53 37.53
C MET J 93 -6.03 0.25 37.92
N SER J 94 -6.65 0.93 36.94
CA SER J 94 -7.98 1.48 37.16
C SER J 94 -8.93 0.37 37.65
N ILE J 95 -8.93 -0.77 36.95
CA ILE J 95 -9.79 -1.88 37.38
C ILE J 95 -9.44 -2.35 38.78
N TYR J 96 -8.15 -2.45 39.09
CA TYR J 96 -7.70 -2.96 40.38
C TYR J 96 -8.11 -2.05 41.52
N ASP J 97 -7.79 -0.75 41.41
CA ASP J 97 -8.18 0.20 42.43
C ASP J 97 -9.71 0.24 42.58
N THR J 98 -10.43 0.12 41.47
CA THR J 98 -11.89 0.10 41.54
C THR J 98 -12.40 -1.11 42.30
N MET J 99 -11.79 -2.28 42.09
CA MET J 99 -12.19 -3.47 42.85
C MET J 99 -11.91 -3.29 44.33
N ASN J 100 -10.75 -2.74 44.67
CA ASN J 100 -10.40 -2.57 46.08
C ASN J 100 -11.27 -1.52 46.75
N PHE J 101 -11.71 -0.52 45.99
CA PHE J 101 -12.47 0.61 46.50
C PHE J 101 -13.82 0.16 47.02
N ILE J 102 -14.73 -0.19 46.10
CA ILE J 102 -16.07 -0.67 46.44
C ILE J 102 -15.96 -1.85 47.40
N LYS J 103 -16.94 -1.99 48.29
CA LYS J 103 -16.87 -3.10 49.22
C LYS J 103 -17.96 -4.15 48.97
N PRO J 104 -18.66 -4.15 47.82
CA PRO J 104 -19.13 -5.45 47.32
C PRO J 104 -17.92 -6.34 47.06
N ASP J 105 -17.85 -7.46 47.77
CA ASP J 105 -16.79 -8.43 47.51
C ASP J 105 -16.85 -8.85 46.05
N VAL J 106 -15.69 -8.92 45.41
CA VAL J 106 -15.59 -9.25 43.99
C VAL J 106 -14.97 -10.64 43.88
N SER J 107 -15.73 -11.56 43.32
CA SER J 107 -15.27 -12.93 43.07
C SER J 107 -14.77 -13.02 41.63
N THR J 108 -13.47 -13.22 41.47
CA THR J 108 -12.93 -13.43 40.14
C THR J 108 -13.12 -14.89 39.72
N LEU J 109 -13.35 -15.07 38.43
CA LEU J 109 -13.44 -16.40 37.83
C LEU J 109 -12.66 -16.39 36.53
N CYS J 110 -11.64 -17.24 36.44
CA CYS J 110 -10.90 -17.40 35.19
C CYS J 110 -11.59 -18.46 34.35
N LEU J 111 -12.04 -18.05 33.17
CA LEU J 111 -12.63 -18.93 32.18
C LEU J 111 -11.82 -18.79 30.90
N GLY J 112 -11.21 -19.89 30.46
CA GLY J 112 -10.28 -19.80 29.36
C GLY J 112 -8.89 -19.45 29.86
N GLN J 113 -8.51 -18.19 29.77
CA GLN J 113 -7.19 -17.79 30.25
C GLN J 113 -7.25 -16.49 31.02
N ALA J 114 -6.28 -16.34 31.93
CA ALA J 114 -5.92 -15.07 32.53
C ALA J 114 -4.41 -14.97 32.46
N ALA J 115 -3.91 -14.02 31.68
CA ALA J 115 -2.48 -13.88 31.49
C ALA J 115 -2.06 -12.43 31.69
N SER J 116 -0.92 -12.24 32.35
CA SER J 116 -0.32 -10.92 32.58
C SER J 116 -1.29 -10.12 33.45
N MET J 117 -1.67 -8.90 33.04
CA MET J 117 -2.67 -8.15 33.80
C MET J 117 -3.91 -9.00 34.08
N GLY J 118 -4.37 -9.75 33.07
CA GLY J 118 -5.52 -10.61 33.28
C GLY J 118 -5.33 -11.60 34.41
N ALA J 119 -4.12 -12.14 34.56
CA ALA J 119 -3.83 -12.98 35.70
C ALA J 119 -3.81 -12.16 36.99
N PHE J 120 -3.19 -10.99 36.94
CA PHE J 120 -3.13 -10.09 38.08
C PHE J 120 -4.52 -9.86 38.66
N LEU J 121 -5.43 -9.34 37.84
CA LEU J 121 -6.79 -9.06 38.28
C LEU J 121 -7.50 -10.30 38.80
N LEU J 122 -7.07 -11.50 38.39
CA LEU J 122 -7.68 -12.70 38.92
C LEU J 122 -7.20 -12.99 40.34
N SER J 123 -5.91 -12.74 40.61
CA SER J 123 -5.40 -12.83 41.96
C SER J 123 -5.90 -11.69 42.84
N ALA J 124 -6.35 -10.60 42.22
CA ALA J 124 -6.86 -9.46 42.96
C ALA J 124 -8.24 -9.71 43.54
N GLY J 125 -8.94 -10.75 43.07
CA GLY J 125 -10.26 -11.03 43.57
C GLY J 125 -10.27 -11.27 45.07
N GLU J 126 -11.46 -11.14 45.65
CA GLU J 126 -11.62 -11.30 47.09
C GLU J 126 -11.01 -12.61 47.55
N LYS J 127 -10.05 -12.53 48.47
CA LYS J 127 -9.38 -13.70 49.00
C LYS J 127 -10.41 -14.73 49.45
N GLY J 128 -10.26 -15.96 48.96
CA GLY J 128 -11.26 -16.99 49.12
C GLY J 128 -12.31 -17.05 48.04
N LYS J 129 -12.46 -15.97 47.26
CA LYS J 129 -13.48 -15.88 46.22
C LYS J 129 -12.89 -15.93 44.82
N ARG J 130 -11.63 -16.33 44.66
CA ARG J 130 -10.98 -16.42 43.36
C ARG J 130 -11.00 -17.88 42.90
N PHE J 131 -11.41 -18.11 41.65
CA PHE J 131 -11.59 -19.46 41.16
C PHE J 131 -11.05 -19.56 39.74
N ALA J 132 -11.12 -20.78 39.19
CA ALA J 132 -10.81 -21.04 37.80
C ALA J 132 -11.48 -22.33 37.38
N LEU J 133 -12.07 -22.32 36.19
CA LEU J 133 -12.62 -23.54 35.61
C LEU J 133 -11.49 -24.52 35.29
N PRO J 134 -11.78 -25.83 35.30
CA PRO J 134 -10.68 -26.82 35.40
C PRO J 134 -9.68 -26.76 34.26
N ASN J 135 -10.09 -26.31 33.07
CA ASN J 135 -9.18 -26.23 31.92
C ASN J 135 -8.77 -24.79 31.63
N SER J 136 -8.89 -23.89 32.60
CA SER J 136 -8.33 -22.56 32.47
C SER J 136 -6.81 -22.63 32.43
N ARG J 137 -6.20 -21.57 31.93
CA ARG J 137 -4.75 -21.43 31.99
C ARG J 137 -4.41 -20.04 32.48
N ILE J 138 -3.38 -19.95 33.33
CA ILE J 138 -2.96 -18.68 33.89
C ILE J 138 -1.50 -18.46 33.50
N MET J 139 -1.14 -17.20 33.28
CA MET J 139 0.23 -16.91 32.88
C MET J 139 0.68 -15.59 33.49
N ILE J 140 1.89 -15.59 34.04
CA ILE J 140 2.47 -14.41 34.66
C ILE J 140 3.83 -14.13 34.05
N HIS J 141 4.18 -12.85 33.98
CA HIS J 141 5.48 -12.41 33.49
C HIS J 141 5.69 -10.94 33.86
N GLN J 142 6.93 -10.48 33.67
CA GLN J 142 7.32 -9.11 33.96
C GLN J 142 6.78 -8.16 32.89
N PRO J 143 6.79 -6.85 33.14
CA PRO J 143 6.31 -5.89 32.12
C PRO J 143 7.24 -5.81 30.93
N LEU J 144 6.75 -5.11 29.90
CA LEU J 144 7.43 -5.10 28.61
C LEU J 144 6.96 -3.91 27.78
N ILE J 145 7.72 -3.60 26.73
CA ILE J 145 7.44 -2.51 25.81
C ILE J 145 7.93 -2.91 24.43
N SER J 146 7.22 -2.47 23.40
CA SER J 146 7.68 -2.69 22.03
C SER J 146 7.88 -1.36 21.29
N GLY J 151 13.37 8.18 22.19
CA GLY J 151 13.67 9.60 22.28
C GLY J 151 15.06 9.89 22.81
N GLN J 152 15.23 11.04 23.46
CA GLN J 152 16.51 11.40 24.03
C GLN J 152 16.88 10.43 25.15
N ALA J 153 18.18 10.33 25.41
CA ALA J 153 18.67 9.36 26.40
C ALA J 153 18.09 9.64 27.77
N SER J 154 17.93 10.91 28.14
CA SER J 154 17.31 11.25 29.41
C SER J 154 15.86 10.77 29.46
N ASP J 155 15.15 10.87 28.34
CA ASP J 155 13.78 10.40 28.29
C ASP J 155 13.71 8.89 28.45
N ILE J 156 14.58 8.18 27.72
CA ILE J 156 14.70 6.74 27.90
C ILE J 156 14.96 6.42 29.37
N GLU J 157 15.82 7.19 30.03
CA GLU J 157 16.16 6.90 31.41
C GLU J 157 14.97 7.13 32.34
N ILE J 158 14.29 8.27 32.18
CA ILE J 158 13.09 8.56 32.96
C ILE J 158 12.10 7.40 32.85
N HIS J 159 11.73 7.07 31.60
CA HIS J 159 10.67 6.10 31.39
C HIS J 159 11.10 4.67 31.68
N ALA J 160 12.40 4.38 31.64
CA ALA J 160 12.88 3.06 32.02
C ALA J 160 12.89 2.90 33.54
N ARG J 161 13.38 3.92 34.25
CA ARG J 161 13.25 3.93 35.71
C ARG J 161 11.80 3.76 36.11
N GLU J 162 10.90 4.47 35.42
CA GLU J 162 9.47 4.28 35.57
C GLU J 162 9.07 2.82 35.38
N LEU J 163 9.54 2.20 34.30
CA LEU J 163 9.13 0.84 33.97
C LEU J 163 9.58 -0.15 35.04
N LEU J 164 10.80 0.01 35.57
CA LEU J 164 11.19 -0.88 36.66
C LEU J 164 10.49 -0.53 37.98
N LYS J 165 10.10 0.73 38.18
CA LYS J 165 9.22 1.05 39.30
C LYS J 165 7.94 0.23 39.21
N ILE J 166 7.37 0.17 38.01
CA ILE J 166 6.14 -0.57 37.78
C ILE J 166 6.37 -2.07 37.95
N LYS J 167 7.54 -2.53 37.52
CA LYS J 167 7.89 -3.95 37.69
C LYS J 167 7.88 -4.33 39.16
N GLU J 168 8.57 -3.53 39.99
CA GLU J 168 8.60 -3.81 41.42
C GLU J 168 7.22 -3.65 42.05
N LYS J 169 6.44 -2.67 41.57
CA LYS J 169 5.07 -2.48 42.03
C LYS J 169 4.25 -3.75 41.84
N LEU J 170 4.21 -4.25 40.61
CA LEU J 170 3.43 -5.45 40.31
C LEU J 170 3.95 -6.66 41.07
N ASN J 171 5.27 -6.76 41.21
CA ASN J 171 5.86 -7.87 41.97
C ASN J 171 5.36 -7.85 43.42
N ARG J 172 5.37 -6.67 44.03
CA ARG J 172 4.98 -6.55 45.43
C ARG J 172 3.49 -6.82 45.61
N LEU J 173 2.68 -6.36 44.66
CA LEU J 173 1.24 -6.61 44.75
C LEU J 173 0.90 -8.08 44.53
N MET J 174 1.59 -8.72 43.58
CA MET J 174 1.40 -10.14 43.31
C MET J 174 1.77 -11.00 44.52
N ALA J 175 2.93 -10.73 45.12
CA ALA J 175 3.34 -11.51 46.29
C ALA J 175 2.27 -11.46 47.38
N LYS J 176 1.67 -10.28 47.60
CA LYS J 176 0.63 -10.16 48.60
C LYS J 176 -0.64 -10.89 48.17
N HIS J 177 -1.07 -10.71 46.93
CA HIS J 177 -2.24 -11.41 46.42
C HIS J 177 -2.12 -12.91 46.60
N CYS J 178 -0.91 -13.43 46.42
CA CYS J 178 -0.65 -14.87 46.52
C CYS J 178 -0.07 -15.27 47.85
N ASP J 179 0.19 -14.32 48.74
CA ASP J 179 0.80 -14.58 50.04
C ASP J 179 2.02 -15.48 49.89
N ARG J 180 2.95 -15.00 49.08
CA ARG J 180 4.26 -15.59 48.89
C ARG J 180 5.30 -14.51 49.10
N ASP J 181 6.57 -14.90 49.10
CA ASP J 181 7.60 -13.90 49.27
C ASP J 181 7.88 -13.20 47.94
N LEU J 182 8.50 -12.02 48.04
CA LEU J 182 8.74 -11.19 46.87
C LEU J 182 9.74 -11.84 45.92
N ALA J 183 10.73 -12.54 46.48
CA ALA J 183 11.74 -13.19 45.65
C ALA J 183 11.11 -14.21 44.71
N ASP J 184 10.13 -14.97 45.22
CA ASP J 184 9.48 -15.98 44.39
C ASP J 184 8.75 -15.35 43.22
N LEU J 185 8.14 -14.17 43.42
CA LEU J 185 7.48 -13.52 42.30
C LEU J 185 8.50 -12.94 41.31
N GLU J 186 9.55 -12.29 41.83
CA GLU J 186 10.56 -11.72 40.95
C GLU J 186 11.24 -12.79 40.11
N ARG J 187 11.32 -14.01 40.64
CA ARG J 187 11.91 -15.13 39.92
C ARG J 187 10.92 -15.81 38.97
N ASP J 188 9.75 -16.21 39.50
CA ASP J 188 8.71 -16.89 38.75
C ASP J 188 8.07 -15.99 37.69
N THR J 189 8.58 -14.79 37.51
CA THR J 189 8.09 -13.89 36.48
C THR J 189 9.22 -13.35 35.61
N ASP J 190 10.39 -13.98 35.66
CA ASP J 190 11.47 -13.63 34.73
C ASP J 190 11.05 -13.89 33.29
N ARG J 191 10.50 -15.08 33.03
CA ARG J 191 9.99 -15.44 31.72
C ARG J 191 8.61 -16.06 31.89
N ASP J 192 7.84 -16.09 30.81
CA ASP J 192 6.46 -16.58 30.81
C ASP J 192 6.28 -17.80 31.71
N ASN J 193 5.39 -17.69 32.68
CA ASN J 193 5.09 -18.80 33.58
C ASN J 193 3.63 -19.20 33.39
N PHE J 194 3.43 -20.38 32.83
CA PHE J 194 2.11 -20.94 32.55
C PHE J 194 1.73 -21.93 33.63
N MET J 195 0.45 -21.92 34.01
CA MET J 195 -0.04 -22.68 35.15
C MET J 195 -1.44 -23.18 34.86
N SER J 196 -1.63 -24.49 34.98
CA SER J 196 -2.97 -25.04 35.03
C SER J 196 -3.68 -24.51 36.27
N ALA J 197 -5.01 -24.47 36.20
CA ALA J 197 -5.80 -24.00 37.34
C ALA J 197 -5.35 -24.63 38.65
N GLU J 198 -4.87 -25.88 38.60
CA GLU J 198 -4.31 -26.47 39.81
C GLU J 198 -2.93 -25.90 40.13
N GLU J 199 -2.07 -25.74 39.14
CA GLU J 199 -0.81 -25.05 39.39
C GLU J 199 -1.06 -23.62 39.85
N ALA J 200 -2.02 -22.93 39.22
CA ALA J 200 -2.37 -21.58 39.63
C ALA J 200 -2.85 -21.56 41.08
N LYS J 201 -3.61 -22.58 41.48
CA LYS J 201 -4.06 -22.68 42.87
C LYS J 201 -2.89 -22.92 43.81
N GLU J 202 -2.02 -23.85 43.46
CA GLU J 202 -0.83 -24.13 44.26
C GLU J 202 -0.02 -22.88 44.53
N TYR J 203 -0.10 -21.90 43.63
CA TYR J 203 0.59 -20.64 43.82
C TYR J 203 -0.09 -19.73 44.83
N GLY J 204 -1.35 -19.99 45.15
CA GLY J 204 -2.14 -19.02 45.88
C GLY J 204 -2.68 -17.91 45.01
N LEU J 205 -2.77 -18.15 43.70
CA LEU J 205 -3.34 -17.18 42.77
C LEU J 205 -4.84 -17.35 42.62
N ILE J 206 -5.35 -18.56 42.86
CA ILE J 206 -6.78 -18.79 42.96
C ILE J 206 -7.03 -19.68 44.16
N ASP J 207 -8.28 -19.67 44.61
CA ASP J 207 -8.64 -20.31 45.87
C ASP J 207 -9.33 -21.66 45.70
N GLN J 208 -9.97 -21.90 44.56
CA GLN J 208 -10.53 -23.22 44.28
C GLN J 208 -10.71 -23.39 42.77
N ILE J 209 -10.83 -24.66 42.38
CA ILE J 209 -11.19 -25.05 41.03
C ILE J 209 -12.62 -25.56 41.07
N LEU J 210 -13.45 -25.08 40.14
CA LEU J 210 -14.89 -25.33 40.16
C LEU J 210 -15.30 -26.04 38.88
N GLU J 211 -15.68 -27.30 38.99
CA GLU J 211 -16.13 -28.09 37.84
C GLU J 211 -17.62 -27.91 37.56
N ASN J 212 -18.45 -27.95 38.59
CA ASN J 212 -19.88 -27.64 38.46
C ASN J 212 -20.30 -26.88 39.71
N ARG J 213 -21.61 -26.67 39.86
CA ARG J 213 -22.13 -25.84 40.94
C ARG J 213 -22.09 -26.51 42.31
N ALA J 214 -21.48 -27.70 42.40
CA ALA J 214 -21.38 -28.42 43.66
C ALA J 214 -19.95 -28.52 44.18
N SER J 215 -18.97 -27.97 43.44
CA SER J 215 -17.56 -28.10 43.80
C SER J 215 -17.21 -27.29 45.04
N LEU J 216 -18.22 -26.91 45.81
CA LEU J 216 -18.05 -26.04 46.97
C LEU J 216 -17.74 -26.84 48.23
N PHE K 36 -31.53 2.46 30.05
CA PHE K 36 -30.31 3.26 30.16
C PHE K 36 -29.06 2.41 29.95
N ASP K 37 -28.22 2.82 29.01
CA ASP K 37 -26.88 2.24 28.93
C ASP K 37 -26.06 2.67 30.14
N ILE K 38 -24.98 1.93 30.39
CA ILE K 38 -24.33 1.99 31.70
C ILE K 38 -23.73 3.36 31.96
N TYR K 39 -23.18 4.01 30.92
CA TYR K 39 -22.62 5.34 31.13
C TYR K 39 -23.71 6.37 31.33
N SER K 40 -24.81 6.26 30.56
CA SER K 40 -25.97 7.08 30.84
C SER K 40 -26.58 6.74 32.19
N ARG K 41 -26.43 5.50 32.66
CA ARG K 41 -26.91 5.21 34.00
C ARG K 41 -26.11 6.01 35.02
N LEU K 42 -24.78 5.95 34.91
CA LEU K 42 -23.91 6.66 35.82
C LEU K 42 -24.06 8.17 35.74
N LEU K 43 -24.50 8.70 34.60
CA LEU K 43 -24.71 10.15 34.49
C LEU K 43 -25.72 10.65 35.52
N LYS K 44 -26.79 9.89 35.76
CA LYS K 44 -27.77 10.30 36.77
C LYS K 44 -27.18 10.37 38.17
N GLU K 45 -26.00 9.81 38.40
CA GLU K 45 -25.29 9.99 39.65
C GLU K 45 -24.24 11.10 39.52
N ARG K 46 -24.38 11.93 38.49
CA ARG K 46 -23.54 13.11 38.25
C ARG K 46 -22.07 12.76 38.08
N ILE K 47 -21.79 11.51 37.68
CA ILE K 47 -20.45 11.04 37.36
C ILE K 47 -20.19 11.25 35.86
N VAL K 48 -18.99 11.70 35.52
CA VAL K 48 -18.60 12.00 34.15
C VAL K 48 -17.23 11.39 33.88
N PHE K 49 -17.07 10.76 32.72
CA PHE K 49 -15.82 10.14 32.33
C PHE K 49 -15.11 10.89 31.21
N LEU K 50 -13.79 11.04 31.37
CA LEU K 50 -12.86 11.32 30.29
C LEU K 50 -11.91 10.13 30.25
N VAL K 51 -12.06 9.29 29.23
CA VAL K 51 -11.26 8.06 29.12
C VAL K 51 -10.46 8.13 27.82
N GLY K 52 -9.21 7.71 27.89
CA GLY K 52 -8.36 7.73 26.74
C GLY K 52 -8.07 9.14 26.27
N PRO K 53 -7.71 9.27 25.00
CA PRO K 53 -7.20 10.55 24.51
C PRO K 53 -8.22 11.67 24.58
N VAL K 54 -7.73 12.85 24.95
CA VAL K 54 -8.52 14.07 24.88
C VAL K 54 -8.48 14.57 23.43
N THR K 55 -9.63 14.60 22.79
CA THR K 55 -9.78 15.15 21.45
C THR K 55 -10.88 16.20 21.49
N ASP K 56 -10.99 16.98 20.40
CA ASP K 56 -12.08 17.95 20.32
C ASP K 56 -13.44 17.29 20.58
N GLU K 57 -13.64 16.10 20.03
CA GLU K 57 -14.95 15.47 20.11
C GLU K 57 -15.22 14.86 21.49
N SER K 58 -14.25 14.14 22.06
CA SER K 58 -14.45 13.59 23.40
C SER K 58 -14.51 14.69 24.45
N ALA K 59 -13.73 15.77 24.26
CA ALA K 59 -13.79 16.90 25.18
C ALA K 59 -15.14 17.61 25.08
N ASN K 60 -15.69 17.73 23.87
CA ASN K 60 -17.01 18.33 23.75
C ASN K 60 -18.08 17.45 24.39
N LEU K 61 -17.92 16.12 24.31
CA LEU K 61 -18.84 15.24 25.03
C LEU K 61 -18.79 15.50 26.52
N VAL K 62 -17.58 15.60 27.08
CA VAL K 62 -17.45 15.89 28.51
C VAL K 62 -18.08 17.24 28.84
N VAL K 63 -17.84 18.25 28.01
CA VAL K 63 -18.43 19.57 28.20
C VAL K 63 -19.95 19.51 28.21
N ALA K 64 -20.52 18.74 27.28
CA ALA K 64 -21.96 18.60 27.21
C ALA K 64 -22.51 17.99 28.49
N GLN K 65 -21.85 16.93 28.99
CA GLN K 65 -22.31 16.34 30.25
C GLN K 65 -22.21 17.32 31.41
N LEU K 66 -21.19 18.18 31.41
CA LEU K 66 -21.08 19.18 32.47
C LEU K 66 -22.24 20.17 32.41
N LEU K 67 -22.51 20.72 31.23
CA LEU K 67 -23.64 21.64 31.09
C LEU K 67 -24.94 20.97 31.51
N PHE K 68 -25.10 19.69 31.19
CA PHE K 68 -26.35 19.00 31.49
C PHE K 68 -26.49 18.77 33.00
N LEU K 69 -25.42 18.33 33.66
CA LEU K 69 -25.48 18.15 35.10
C LEU K 69 -25.71 19.47 35.83
N GLU K 70 -25.20 20.58 35.27
CA GLU K 70 -25.47 21.87 35.89
C GLU K 70 -26.94 22.25 35.72
N SER K 71 -27.45 22.20 34.49
CA SER K 71 -28.84 22.59 34.26
C SER K 71 -29.81 21.74 35.07
N GLU K 72 -29.48 20.45 35.24
CA GLU K 72 -30.36 19.54 35.98
C GLU K 72 -30.44 19.88 37.47
N ASN K 73 -29.42 20.52 38.02
CA ASN K 73 -29.29 20.72 39.46
C ASN K 73 -28.04 21.54 39.76
N PRO K 74 -28.06 22.86 39.54
CA PRO K 74 -26.82 23.65 39.64
C PRO K 74 -26.23 23.70 41.05
N ASP K 75 -26.87 23.12 42.06
CA ASP K 75 -26.40 23.22 43.44
C ASP K 75 -25.84 21.91 43.96
N LYS K 76 -25.67 20.91 43.12
CA LYS K 76 -25.05 19.66 43.52
C LYS K 76 -23.72 19.48 42.82
N ASP K 77 -22.92 18.55 43.32
CA ASP K 77 -21.55 18.38 42.87
C ASP K 77 -21.47 17.43 41.68
N ILE K 78 -20.37 17.56 40.92
CA ILE K 78 -20.08 16.73 39.76
C ILE K 78 -18.84 15.90 40.07
N PHE K 79 -18.82 14.65 39.60
CA PHE K 79 -17.70 13.74 39.83
C PHE K 79 -17.06 13.41 38.48
N PHE K 80 -16.00 14.13 38.14
CA PHE K 80 -15.30 13.98 36.86
C PHE K 80 -14.22 12.92 37.02
N TYR K 81 -14.41 11.78 36.39
CA TYR K 81 -13.47 10.67 36.49
C TYR K 81 -12.53 10.71 35.30
N ILE K 82 -11.26 10.37 35.53
CA ILE K 82 -10.22 10.60 34.53
C ILE K 82 -9.33 9.37 34.45
N ASN K 83 -9.25 8.77 33.26
CA ASN K 83 -8.21 7.80 32.90
C ASN K 83 -7.77 8.19 31.49
N SER K 84 -6.79 9.08 31.40
CA SER K 84 -6.39 9.67 30.14
C SER K 84 -4.87 9.74 30.07
N PRO K 85 -4.31 9.60 28.87
CA PRO K 85 -2.88 9.86 28.68
C PRO K 85 -2.58 11.30 28.33
N GLY K 86 -3.61 12.11 28.12
CA GLY K 86 -3.44 13.46 27.66
C GLY K 86 -4.12 13.66 26.33
N GLY K 87 -3.72 14.68 25.61
CA GLY K 87 -4.34 14.94 24.32
C GLY K 87 -4.14 16.38 23.90
N SER K 88 -5.07 16.85 23.06
CA SER K 88 -5.00 18.21 22.56
C SER K 88 -5.06 19.20 23.72
N VAL K 89 -4.57 20.41 23.46
CA VAL K 89 -4.51 21.43 24.50
C VAL K 89 -5.79 22.25 24.54
N THR K 90 -6.24 22.77 23.39
CA THR K 90 -7.46 23.57 23.40
C THR K 90 -8.67 22.74 23.83
N ALA K 91 -8.69 21.45 23.55
CA ALA K 91 -9.77 20.60 24.04
C ALA K 91 -9.74 20.54 25.57
N GLY K 92 -8.56 20.30 26.14
CA GLY K 92 -8.41 20.34 27.58
C GLY K 92 -8.84 21.66 28.17
N MET K 93 -8.53 22.77 27.48
CA MET K 93 -8.92 24.09 27.96
C MET K 93 -10.43 24.28 27.90
N SER K 94 -11.09 23.74 26.86
CA SER K 94 -12.54 23.77 26.84
C SER K 94 -13.08 23.12 28.10
N ILE K 95 -12.65 21.88 28.37
CA ILE K 95 -13.08 21.20 29.60
C ILE K 95 -12.74 22.03 30.83
N TYR K 96 -11.57 22.66 30.82
CA TYR K 96 -11.04 23.35 31.99
C TYR K 96 -11.85 24.59 32.34
N ASP K 97 -11.96 25.52 31.38
CA ASP K 97 -12.75 26.71 31.59
C ASP K 97 -14.19 26.37 31.89
N THR K 98 -14.70 25.26 31.33
CA THR K 98 -16.06 24.86 31.67
C THR K 98 -16.14 24.43 33.13
N MET K 99 -15.20 23.60 33.58
CA MET K 99 -15.16 23.18 34.99
C MET K 99 -15.19 24.37 35.93
N ASN K 100 -14.32 25.36 35.68
CA ASN K 100 -14.28 26.52 36.58
C ASN K 100 -15.57 27.32 36.49
N PHE K 101 -16.04 27.55 35.26
CA PHE K 101 -17.17 28.44 35.04
C PHE K 101 -18.42 28.01 35.80
N ILE K 102 -18.94 26.83 35.48
CA ILE K 102 -20.26 26.39 35.93
C ILE K 102 -20.42 26.54 37.44
N LYS K 103 -21.67 26.70 37.88
CA LYS K 103 -21.93 26.82 39.32
C LYS K 103 -21.48 25.59 40.10
N PRO K 104 -21.87 24.36 39.74
CA PRO K 104 -21.47 23.21 40.57
C PRO K 104 -19.95 23.11 40.68
N ASP K 105 -19.54 22.44 41.76
CA ASP K 105 -18.12 22.19 42.00
C ASP K 105 -17.76 20.84 41.40
N VAL K 106 -16.80 20.83 40.48
CA VAL K 106 -16.40 19.63 39.76
C VAL K 106 -15.29 18.96 40.56
N SER K 107 -15.64 18.01 41.41
CA SER K 107 -14.65 17.14 42.02
C SER K 107 -14.05 16.24 40.95
N THR K 108 -12.77 15.92 41.10
CA THR K 108 -12.04 15.15 40.10
C THR K 108 -11.43 13.93 40.74
N LEU K 109 -11.34 12.85 39.96
CA LEU K 109 -10.73 11.62 40.44
C LEU K 109 -9.86 10.99 39.36
N CYS K 110 -8.69 10.50 39.77
CA CYS K 110 -7.76 9.84 38.87
C CYS K 110 -7.76 8.34 39.15
N LEU K 111 -8.24 7.56 38.19
CA LEU K 111 -8.19 6.11 38.23
C LEU K 111 -7.40 5.63 37.02
N GLY K 112 -6.45 4.73 37.23
CA GLY K 112 -5.55 4.35 36.17
C GLY K 112 -4.44 5.38 36.00
N GLN K 113 -4.70 6.44 35.24
CA GLN K 113 -3.67 7.45 35.07
C GLN K 113 -4.31 8.76 34.61
N ALA K 114 -3.59 9.84 34.89
CA ALA K 114 -3.91 11.17 34.36
C ALA K 114 -2.58 11.81 33.99
N ALA K 115 -2.22 11.73 32.71
CA ALA K 115 -0.94 12.22 32.23
C ALA K 115 -1.19 13.38 31.27
N SER K 116 -0.20 14.28 31.18
CA SER K 116 -0.23 15.37 30.22
C SER K 116 -1.50 16.19 30.51
N MET K 117 -2.32 16.49 29.52
CA MET K 117 -3.62 17.13 29.75
C MET K 117 -4.40 16.41 30.85
N GLY K 118 -4.31 15.09 30.89
CA GLY K 118 -5.02 14.33 31.92
C GLY K 118 -4.63 14.75 33.32
N ALA K 119 -3.33 14.98 33.55
CA ALA K 119 -2.90 15.45 34.86
C ALA K 119 -3.33 16.89 35.12
N PHE K 120 -3.48 17.67 34.06
CA PHE K 120 -3.89 19.06 34.23
C PHE K 120 -5.32 19.15 34.74
N LEU K 121 -6.27 18.61 33.98
CA LEU K 121 -7.67 18.65 34.36
C LEU K 121 -7.90 18.07 35.75
N LEU K 122 -7.14 17.02 36.09
CA LEU K 122 -7.30 16.40 37.41
C LEU K 122 -6.98 17.38 38.53
N SER K 123 -5.97 18.22 38.35
CA SER K 123 -5.65 19.23 39.35
C SER K 123 -6.46 20.50 39.16
N ALA K 124 -7.33 20.52 38.15
CA ALA K 124 -8.29 21.61 37.96
C ALA K 124 -9.52 21.46 38.84
N GLY K 125 -9.73 20.29 39.45
CA GLY K 125 -10.91 20.07 40.24
C GLY K 125 -10.98 20.98 41.45
N GLU K 126 -12.18 21.03 42.04
CA GLU K 126 -12.43 21.91 43.17
C GLU K 126 -11.47 21.61 44.30
N LYS K 127 -10.68 22.61 44.68
CA LYS K 127 -9.67 22.45 45.73
C LYS K 127 -10.30 21.79 46.95
N GLY K 128 -9.58 20.84 47.53
CA GLY K 128 -10.15 19.99 48.55
C GLY K 128 -10.96 18.82 48.04
N LYS K 129 -11.30 18.81 46.76
CA LYS K 129 -12.11 17.75 46.16
C LYS K 129 -11.42 17.14 44.95
N ARG K 130 -10.10 17.03 44.98
CA ARG K 130 -9.33 16.38 43.94
C ARG K 130 -8.70 15.12 44.51
N PHE K 131 -9.05 13.97 43.96
CA PHE K 131 -8.72 12.67 44.55
C PHE K 131 -8.07 11.75 43.52
N ALA K 132 -7.42 10.71 44.04
CA ALA K 132 -6.83 9.69 43.19
C ALA K 132 -6.94 8.35 43.90
N LEU K 133 -7.00 7.29 43.10
CA LEU K 133 -7.02 5.94 43.64
C LEU K 133 -5.60 5.47 43.96
N PRO K 134 -5.46 4.43 44.80
CA PRO K 134 -4.11 4.07 45.29
C PRO K 134 -3.07 3.90 44.21
N ASN K 135 -3.30 3.05 43.22
CA ASN K 135 -2.31 2.81 42.17
C ASN K 135 -2.57 3.61 40.90
N SER K 136 -3.31 4.72 41.01
CA SER K 136 -3.29 5.69 39.94
C SER K 136 -1.87 6.23 39.78
N ARG K 137 -1.59 6.75 38.60
CA ARG K 137 -0.28 7.31 38.29
C ARG K 137 -0.49 8.64 37.59
N ILE K 138 0.43 9.57 37.81
CA ILE K 138 0.31 10.92 37.29
C ILE K 138 1.60 11.28 36.58
N MET K 139 1.52 12.17 35.59
CA MET K 139 2.72 12.63 34.94
C MET K 139 2.41 13.98 34.30
N ILE K 140 3.40 14.86 34.32
CA ILE K 140 3.29 16.17 33.70
C ILE K 140 4.52 16.44 32.85
N HIS K 141 4.36 17.26 31.82
CA HIS K 141 5.48 17.61 30.96
C HIS K 141 5.12 18.84 30.17
N GLN K 142 6.16 19.44 29.57
CA GLN K 142 6.00 20.61 28.74
C GLN K 142 5.18 20.24 27.49
N PRO K 143 4.70 21.24 26.74
CA PRO K 143 4.01 20.94 25.48
C PRO K 143 4.85 20.18 24.49
N LEU K 144 4.55 18.89 24.33
CA LEU K 144 5.24 18.04 23.36
C LEU K 144 4.52 18.11 22.02
N ILE K 145 5.27 17.83 20.95
CA ILE K 145 4.74 17.97 19.59
C ILE K 145 5.40 16.97 18.65
N GLY K 151 6.82 25.04 7.29
CA GLY K 151 6.60 26.23 6.49
C GLY K 151 7.81 27.14 6.42
N GLN K 152 7.59 28.39 6.00
CA GLN K 152 8.66 29.37 5.87
C GLN K 152 9.25 29.67 7.24
N ALA K 153 10.26 30.55 7.29
CA ALA K 153 10.84 30.89 8.58
C ALA K 153 9.90 31.78 9.38
N SER K 154 9.23 32.73 8.73
CA SER K 154 8.22 33.56 9.39
C SER K 154 7.20 32.70 10.11
N ASP K 155 6.70 31.67 9.44
CA ASP K 155 5.59 30.88 9.97
C ASP K 155 6.02 30.08 11.20
N ILE K 156 7.17 29.40 11.13
CA ILE K 156 7.61 28.67 12.32
C ILE K 156 8.01 29.63 13.44
N GLU K 157 8.54 30.80 13.11
CA GLU K 157 8.79 31.78 14.16
C GLU K 157 7.51 32.08 14.92
N ILE K 158 6.45 32.42 14.18
CA ILE K 158 5.15 32.70 14.80
C ILE K 158 4.66 31.51 15.61
N HIS K 159 4.73 30.31 15.04
CA HIS K 159 4.10 29.15 15.67
C HIS K 159 4.89 28.70 16.91
N ALA K 160 6.21 28.85 16.90
CA ALA K 160 6.99 28.53 18.08
C ALA K 160 6.81 29.58 19.16
N ARG K 161 6.68 30.85 18.76
CA ARG K 161 6.27 31.89 19.69
C ARG K 161 4.99 31.49 20.41
N GLU K 162 4.00 31.03 19.65
CA GLU K 162 2.75 30.59 20.26
C GLU K 162 2.94 29.38 21.17
N LEU K 163 3.72 28.40 20.71
CA LEU K 163 3.95 27.21 21.55
C LEU K 163 4.59 27.58 22.88
N LEU K 164 5.52 28.54 22.87
CA LEU K 164 6.14 28.97 24.11
C LEU K 164 5.15 29.71 24.99
N LYS K 165 4.32 30.57 24.39
CA LYS K 165 3.20 31.18 25.10
C LYS K 165 2.39 30.11 25.84
N ILE K 166 2.04 29.03 25.12
CA ILE K 166 1.21 27.98 25.70
C ILE K 166 1.95 27.28 26.84
N LYS K 167 3.22 26.97 26.63
CA LYS K 167 4.03 26.34 27.68
C LYS K 167 3.98 27.17 28.96
N GLU K 168 4.24 28.47 28.84
CA GLU K 168 4.32 29.32 30.02
C GLU K 168 2.95 29.46 30.68
N LYS K 169 1.90 29.69 29.89
CA LYS K 169 0.56 29.85 30.46
C LYS K 169 0.11 28.59 31.18
N LEU K 170 0.37 27.42 30.60
CA LEU K 170 0.00 26.17 31.25
C LEU K 170 0.78 25.99 32.55
N ASN K 171 2.08 26.30 32.54
CA ASN K 171 2.85 26.23 33.77
C ASN K 171 2.27 27.15 34.83
N ARG K 172 1.86 28.35 34.43
CA ARG K 172 1.32 29.33 35.38
C ARG K 172 0.02 28.83 36.00
N LEU K 173 -0.88 28.28 35.18
CA LEU K 173 -2.13 27.75 35.70
C LEU K 173 -1.89 26.56 36.61
N MET K 174 -1.00 25.65 36.19
CA MET K 174 -0.67 24.49 36.99
C MET K 174 -0.09 24.90 38.35
N ALA K 175 0.66 26.01 38.36
CA ALA K 175 1.25 26.48 39.62
C ALA K 175 0.17 26.82 40.63
N LYS K 176 -0.87 27.54 40.21
CA LYS K 176 -1.95 27.86 41.13
C LYS K 176 -2.77 26.63 41.49
N HIS K 177 -2.87 25.65 40.58
CA HIS K 177 -3.49 24.39 41.01
C HIS K 177 -2.67 23.69 42.09
N CYS K 178 -1.35 23.84 42.07
CA CYS K 178 -0.52 23.20 43.07
C CYS K 178 -0.13 24.12 44.23
N ASP K 179 -0.55 25.39 44.18
CA ASP K 179 -0.17 26.38 45.20
C ASP K 179 1.35 26.44 45.35
N ARG K 180 2.03 26.63 44.23
CA ARG K 180 3.49 26.63 44.20
C ARG K 180 3.96 27.85 43.42
N ASP K 181 5.24 27.84 43.05
CA ASP K 181 5.82 28.90 42.24
C ASP K 181 6.08 28.39 40.83
N LEU K 182 5.96 29.30 39.87
CA LEU K 182 6.12 28.97 38.46
C LEU K 182 7.43 28.26 38.16
N ALA K 183 8.49 28.62 38.89
CA ALA K 183 9.80 28.02 38.63
C ALA K 183 9.79 26.51 38.85
N ASP K 184 9.12 26.06 39.92
CA ASP K 184 8.99 24.62 40.13
C ASP K 184 8.33 23.93 38.94
N LEU K 185 7.42 24.63 38.25
CA LEU K 185 6.73 24.02 37.14
C LEU K 185 7.62 24.00 35.89
N GLU K 186 8.18 25.15 35.52
CA GLU K 186 9.13 25.17 34.41
C GLU K 186 10.24 24.14 34.59
N ARG K 187 10.64 23.88 35.83
CA ARG K 187 11.68 22.89 36.08
C ARG K 187 11.14 21.46 36.01
N ASP K 188 10.07 21.17 36.74
CA ASP K 188 9.60 19.80 36.90
C ASP K 188 8.83 19.29 35.69
N THR K 189 8.55 20.14 34.71
CA THR K 189 7.86 19.73 33.50
C THR K 189 8.78 19.65 32.29
N ASP K 190 10.09 19.86 32.46
CA ASP K 190 10.98 19.97 31.31
C ASP K 190 11.02 18.65 30.53
N ARG K 191 11.10 17.52 31.24
CA ARG K 191 10.86 16.21 30.67
C ARG K 191 9.82 15.50 31.52
N ASP K 192 9.30 14.40 30.97
CA ASP K 192 8.21 13.66 31.59
C ASP K 192 8.51 13.35 33.06
N ASN K 193 7.67 13.87 33.95
CA ASN K 193 7.82 13.65 35.39
C ASN K 193 6.68 12.76 35.87
N PHE K 194 7.02 11.59 36.40
CA PHE K 194 6.04 10.58 36.79
C PHE K 194 5.94 10.54 38.32
N MET K 195 4.72 10.67 38.83
CA MET K 195 4.45 10.67 40.26
C MET K 195 3.41 9.61 40.58
N SER K 196 3.54 9.00 41.75
CA SER K 196 2.50 8.13 42.25
C SER K 196 1.42 8.98 42.91
N ALA K 197 0.46 8.34 43.59
CA ALA K 197 -0.62 9.05 44.24
C ALA K 197 -0.08 9.96 45.35
N GLU K 198 0.53 9.35 46.37
CA GLU K 198 1.32 10.00 47.39
C GLU K 198 2.06 11.23 46.87
N GLU K 199 2.88 11.02 45.85
CA GLU K 199 3.72 12.09 45.32
C GLU K 199 2.89 13.21 44.71
N ALA K 200 1.84 12.85 43.97
CA ALA K 200 0.97 13.87 43.40
C ALA K 200 0.31 14.70 44.49
N LYS K 201 -0.05 14.06 45.60
CA LYS K 201 -0.64 14.80 46.72
C LYS K 201 0.37 15.76 47.32
N GLU K 202 1.55 15.25 47.67
CA GLU K 202 2.59 16.11 48.23
C GLU K 202 2.90 17.29 47.31
N TYR K 203 2.83 17.07 45.99
CA TYR K 203 3.14 18.15 45.07
C TYR K 203 2.13 19.30 45.15
N GLY K 204 0.95 19.06 45.73
CA GLY K 204 -0.15 19.99 45.64
C GLY K 204 -1.08 19.73 44.49
N LEU K 205 -0.98 18.56 43.87
CA LEU K 205 -1.70 18.23 42.65
C LEU K 205 -3.05 17.60 42.94
N ILE K 206 -3.09 16.64 43.87
CA ILE K 206 -4.33 16.08 44.38
C ILE K 206 -4.41 16.36 45.89
N ASP K 207 -5.64 16.50 46.38
CA ASP K 207 -5.85 16.75 47.81
C ASP K 207 -5.78 15.47 48.63
N GLN K 208 -6.61 14.49 48.31
CA GLN K 208 -6.66 13.28 49.11
C GLN K 208 -6.57 12.03 48.23
N ILE K 209 -6.14 10.95 48.87
CA ILE K 209 -5.87 9.68 48.21
C ILE K 209 -6.75 8.62 48.86
N LEU K 210 -7.65 8.04 48.07
CA LEU K 210 -8.77 7.27 48.60
C LEU K 210 -8.55 5.78 48.37
N GLU K 211 -8.43 5.03 49.48
CA GLU K 211 -8.31 3.58 49.38
C GLU K 211 -9.66 2.90 49.28
N ASN K 212 -10.66 3.43 49.98
CA ASN K 212 -12.03 2.95 49.88
C ASN K 212 -12.97 4.09 50.26
N ARG K 213 -14.20 3.73 50.63
CA ARG K 213 -15.18 4.75 51.00
C ARG K 213 -14.81 5.44 52.31
N ALA K 214 -14.28 4.68 53.27
CA ALA K 214 -13.91 5.23 54.56
C ALA K 214 -12.85 6.32 54.47
N SER K 215 -12.21 6.47 53.31
CA SER K 215 -11.20 7.51 53.12
C SER K 215 -11.85 8.86 52.85
N ASP L 37 -30.09 11.47 23.32
CA ASP L 37 -28.70 11.87 23.18
C ASP L 37 -28.46 13.27 23.77
N ILE L 38 -27.29 13.42 24.40
CA ILE L 38 -26.99 14.63 25.16
C ILE L 38 -27.19 15.90 24.32
N TYR L 39 -26.82 15.86 23.04
CA TYR L 39 -26.82 17.07 22.24
C TYR L 39 -28.21 17.51 21.84
N SER L 40 -29.16 16.58 21.71
CA SER L 40 -30.55 16.99 21.49
C SER L 40 -31.12 17.67 22.72
N ARG L 41 -30.84 17.12 23.89
CA ARG L 41 -31.15 17.80 25.14
C ARG L 41 -30.63 19.23 25.13
N LEU L 42 -29.34 19.41 24.83
CA LEU L 42 -28.78 20.77 24.81
C LEU L 42 -29.42 21.63 23.73
N LEU L 43 -29.81 21.02 22.60
CA LEU L 43 -30.53 21.77 21.57
C LEU L 43 -31.84 22.32 22.11
N LYS L 44 -32.49 21.57 23.01
CA LYS L 44 -33.71 22.08 23.64
C LYS L 44 -33.47 23.41 24.34
N GLU L 45 -32.25 23.64 24.85
CA GLU L 45 -31.90 24.90 25.50
C GLU L 45 -31.24 25.89 24.54
N ARG L 46 -31.37 25.67 23.23
CA ARG L 46 -30.91 26.60 22.20
C ARG L 46 -29.40 26.77 22.17
N ILE L 47 -28.65 25.72 22.51
CA ILE L 47 -27.21 25.69 22.31
C ILE L 47 -26.92 24.85 21.08
N VAL L 48 -26.22 25.44 20.11
CA VAL L 48 -25.76 24.76 18.90
C VAL L 48 -24.24 24.73 18.93
N PHE L 49 -23.66 23.53 18.92
CA PHE L 49 -22.21 23.38 18.92
C PHE L 49 -21.64 23.42 17.51
N LEU L 50 -20.32 23.55 17.46
CA LEU L 50 -19.52 23.39 16.24
C LEU L 50 -18.17 22.85 16.69
N VAL L 51 -18.03 21.54 16.65
CA VAL L 51 -16.80 20.87 17.07
C VAL L 51 -16.10 20.33 15.83
N GLY L 52 -14.78 20.36 15.86
CA GLY L 52 -13.99 19.90 14.75
C GLY L 52 -14.14 20.78 13.53
N PRO L 53 -13.67 20.29 12.39
CA PRO L 53 -13.58 21.13 11.20
C PRO L 53 -14.93 21.36 10.53
N VAL L 54 -14.97 22.38 9.70
CA VAL L 54 -16.24 22.88 9.20
C VAL L 54 -16.38 22.42 7.75
N THR L 55 -16.95 21.25 7.54
CA THR L 55 -17.17 20.74 6.20
C THR L 55 -18.53 21.19 5.69
N ASP L 56 -18.85 20.81 4.45
CA ASP L 56 -20.20 21.03 3.93
C ASP L 56 -21.24 20.42 4.85
N GLU L 57 -20.97 19.22 5.37
CA GLU L 57 -21.96 18.50 6.16
C GLU L 57 -22.06 19.03 7.58
N SER L 58 -20.92 19.27 8.25
CA SER L 58 -20.98 19.82 9.60
C SER L 58 -21.58 21.22 9.59
N ALA L 59 -21.17 22.04 8.62
CA ALA L 59 -21.75 23.38 8.51
C ALA L 59 -23.23 23.32 8.19
N ASN L 60 -23.65 22.38 7.34
CA ASN L 60 -25.08 22.25 7.08
C ASN L 60 -25.84 21.72 8.29
N LEU L 61 -25.21 20.87 9.09
CA LEU L 61 -25.86 20.41 10.31
C LEU L 61 -26.10 21.58 11.25
N VAL L 62 -25.12 22.48 11.34
CA VAL L 62 -25.30 23.68 12.15
C VAL L 62 -26.39 24.58 11.58
N VAL L 63 -26.39 24.77 10.25
CA VAL L 63 -27.42 25.59 9.61
C VAL L 63 -28.81 25.03 9.86
N ALA L 64 -28.94 23.70 9.77
CA ALA L 64 -30.23 23.06 9.99
C ALA L 64 -30.68 23.23 11.44
N GLN L 65 -29.75 23.12 12.38
CA GLN L 65 -30.12 23.39 13.78
C GLN L 65 -30.55 24.83 13.97
N LEU L 66 -29.87 25.77 13.30
CA LEU L 66 -30.29 27.17 13.34
C LEU L 66 -31.74 27.32 12.91
N LEU L 67 -32.08 26.74 11.77
CA LEU L 67 -33.44 26.89 11.25
C LEU L 67 -34.46 26.19 12.14
N PHE L 68 -34.10 25.05 12.71
CA PHE L 68 -35.03 24.34 13.57
C PHE L 68 -35.33 25.14 14.83
N LEU L 69 -34.29 25.71 15.44
CA LEU L 69 -34.49 26.55 16.62
C LEU L 69 -35.33 27.78 16.28
N GLU L 70 -35.01 28.44 15.16
CA GLU L 70 -35.79 29.63 14.78
C GLU L 70 -37.26 29.29 14.61
N SER L 71 -37.57 28.28 13.78
CA SER L 71 -38.95 27.88 13.59
C SER L 71 -39.60 27.51 14.92
N GLU L 72 -38.84 26.88 15.81
CA GLU L 72 -39.41 26.41 17.07
C GLU L 72 -39.69 27.57 18.02
N ASN L 73 -38.92 28.66 17.90
CA ASN L 73 -39.07 29.88 18.68
C ASN L 73 -38.22 30.98 18.05
N PRO L 74 -38.81 31.82 17.19
CA PRO L 74 -37.99 32.82 16.48
C PRO L 74 -37.56 33.99 17.33
N ASP L 75 -38.10 34.14 18.53
CA ASP L 75 -37.89 35.36 19.30
C ASP L 75 -36.97 35.15 20.49
N LYS L 76 -36.43 33.95 20.67
CA LYS L 76 -35.47 33.65 21.72
C LYS L 76 -34.07 33.53 21.11
N ASP L 77 -33.07 34.00 21.84
CA ASP L 77 -31.70 33.94 21.35
C ASP L 77 -31.24 32.49 21.21
N ILE L 78 -30.26 32.29 20.34
CA ILE L 78 -29.64 30.99 20.12
C ILE L 78 -28.18 31.07 20.51
N PHE L 79 -27.71 30.08 21.26
CA PHE L 79 -26.33 30.05 21.73
C PHE L 79 -25.52 29.10 20.86
N PHE L 80 -24.45 29.62 20.26
CA PHE L 80 -23.63 28.92 19.27
C PHE L 80 -22.24 28.74 19.85
N TYR L 81 -21.91 27.49 20.22
CA TYR L 81 -20.64 27.16 20.85
C TYR L 81 -19.66 26.69 19.79
N ILE L 82 -18.52 27.38 19.67
CA ILE L 82 -17.54 27.15 18.61
C ILE L 82 -16.24 26.69 19.24
N ASN L 83 -15.89 25.42 19.03
CA ASN L 83 -14.53 24.92 19.20
C ASN L 83 -14.13 24.37 17.84
N SER L 84 -13.43 25.19 17.04
CA SER L 84 -13.19 24.79 15.65
C SER L 84 -11.96 25.46 15.08
N PRO L 85 -11.10 24.74 14.35
CA PRO L 85 -9.93 25.35 13.74
C PRO L 85 -10.19 26.01 12.41
N GLY L 86 -11.43 26.01 11.95
CA GLY L 86 -11.78 26.59 10.66
C GLY L 86 -12.04 25.52 9.62
N GLY L 87 -12.09 25.96 8.36
CA GLY L 87 -12.38 25.06 7.27
C GLY L 87 -12.96 25.70 6.01
N SER L 88 -13.85 24.96 5.33
CA SER L 88 -14.34 25.35 4.02
C SER L 88 -14.98 26.74 4.05
N VAL L 89 -14.43 27.67 3.26
CA VAL L 89 -14.95 29.04 3.29
C VAL L 89 -16.42 29.07 2.90
N THR L 90 -16.81 28.30 1.88
CA THR L 90 -18.21 28.31 1.44
C THR L 90 -19.12 27.68 2.49
N ALA L 91 -18.72 26.55 3.07
CA ALA L 91 -19.48 25.98 4.16
C ALA L 91 -19.56 26.95 5.34
N GLY L 92 -18.54 27.80 5.49
CA GLY L 92 -18.58 28.82 6.53
C GLY L 92 -19.58 29.92 6.24
N MET L 93 -19.60 30.40 4.99
CA MET L 93 -20.53 31.47 4.64
C MET L 93 -21.97 30.97 4.65
N SER L 94 -22.19 29.67 4.48
CA SER L 94 -23.53 29.15 4.73
C SER L 94 -23.97 29.48 6.16
N ILE L 95 -23.13 29.14 7.15
CA ILE L 95 -23.43 29.43 8.55
C ILE L 95 -23.52 30.93 8.80
N TYR L 96 -22.59 31.70 8.23
CA TYR L 96 -22.57 33.16 8.37
C TYR L 96 -23.88 33.79 7.90
N ASP L 97 -24.17 33.65 6.60
CA ASP L 97 -25.39 34.22 6.04
C ASP L 97 -26.64 33.64 6.70
N THR L 98 -26.55 32.43 7.24
CA THR L 98 -27.72 31.85 7.89
C THR L 98 -27.95 32.48 9.26
N MET L 99 -26.89 32.61 10.07
CA MET L 99 -26.98 33.37 11.30
C MET L 99 -27.58 34.74 11.03
N ASN L 100 -27.11 35.40 9.96
CA ASN L 100 -27.63 36.72 9.63
C ASN L 100 -29.09 36.64 9.18
N PHE L 101 -29.51 35.52 8.62
CA PHE L 101 -30.84 35.48 7.99
C PHE L 101 -31.94 35.15 8.97
N ILE L 102 -31.67 34.39 10.01
CA ILE L 102 -32.69 34.01 10.98
C ILE L 102 -32.93 35.17 11.94
N LYS L 103 -34.19 35.31 12.37
CA LYS L 103 -34.51 36.39 13.31
C LYS L 103 -33.75 36.28 14.63
N PRO L 104 -33.72 35.13 15.32
CA PRO L 104 -33.07 35.10 16.64
C PRO L 104 -31.64 35.65 16.58
N ASP L 105 -31.30 36.42 17.60
CA ASP L 105 -29.90 36.77 17.80
C ASP L 105 -29.12 35.50 18.11
N VAL L 106 -27.96 35.37 17.48
CA VAL L 106 -27.10 34.23 17.70
C VAL L 106 -25.92 34.74 18.51
N SER L 107 -25.92 34.42 19.80
CA SER L 107 -24.74 34.63 20.63
C SER L 107 -23.73 33.55 20.28
N THR L 108 -22.46 33.93 20.21
CA THR L 108 -21.38 32.99 19.93
C THR L 108 -20.47 32.91 21.14
N LEU L 109 -20.07 31.70 21.51
CA LEU L 109 -19.16 31.45 22.61
C LEU L 109 -18.00 30.60 22.14
N CYS L 110 -16.78 31.07 22.40
CA CYS L 110 -15.57 30.33 22.06
C CYS L 110 -15.05 29.60 23.29
N LEU L 111 -15.10 28.27 23.25
CA LEU L 111 -14.36 27.43 24.18
C LEU L 111 -13.33 26.63 23.40
N GLY L 112 -12.25 26.26 24.07
CA GLY L 112 -11.15 25.62 23.36
C GLY L 112 -10.47 26.58 22.41
N GLN L 113 -11.03 26.73 21.20
CA GLN L 113 -10.43 27.64 20.23
C GLN L 113 -11.44 27.93 19.13
N ALA L 114 -11.26 29.07 18.48
CA ALA L 114 -11.93 29.40 17.23
C ALA L 114 -10.86 29.96 16.31
N ALA L 115 -10.45 29.16 15.32
CA ALA L 115 -9.33 29.51 14.46
C ALA L 115 -9.80 29.72 13.03
N SER L 116 -9.05 30.55 12.30
CA SER L 116 -9.35 31.02 10.94
C SER L 116 -10.85 31.23 10.74
N MET L 117 -11.54 30.24 10.18
CA MET L 117 -12.97 30.42 9.93
C MET L 117 -13.79 30.26 11.21
N GLY L 118 -13.28 29.48 12.17
CA GLY L 118 -13.93 29.45 13.47
C GLY L 118 -13.96 30.82 14.13
N ALA L 119 -12.80 31.50 14.13
CA ALA L 119 -12.74 32.85 14.68
C ALA L 119 -13.67 33.80 13.92
N PHE L 120 -13.71 33.68 12.60
CA PHE L 120 -14.58 34.55 11.83
C PHE L 120 -16.04 34.35 12.20
N LEU L 121 -16.46 33.10 12.37
CA LEU L 121 -17.84 32.85 12.78
C LEU L 121 -18.10 33.33 14.20
N LEU L 122 -17.08 33.26 15.07
CA LEU L 122 -17.22 33.78 16.42
C LEU L 122 -17.49 35.28 16.41
N SER L 123 -16.69 36.04 15.66
CA SER L 123 -16.88 37.49 15.58
C SER L 123 -18.17 37.88 14.91
N ALA L 124 -18.95 36.91 14.42
CA ALA L 124 -20.17 37.20 13.68
C ALA L 124 -21.44 37.08 14.52
N GLY L 125 -21.33 36.56 15.75
CA GLY L 125 -22.45 36.55 16.68
C GLY L 125 -23.01 37.94 16.89
N GLU L 126 -24.24 38.04 17.40
CA GLU L 126 -24.91 39.33 17.45
C GLU L 126 -24.09 40.32 18.28
N LYS L 127 -23.91 41.53 17.74
CA LYS L 127 -23.03 42.51 18.37
C LYS L 127 -23.44 42.76 19.82
N GLY L 128 -22.45 42.73 20.71
CA GLY L 128 -22.70 42.75 22.13
C GLY L 128 -22.81 41.39 22.76
N LYS L 129 -22.99 40.33 21.96
CA LYS L 129 -23.25 39.00 22.48
C LYS L 129 -22.19 37.97 22.04
N ARG L 130 -20.97 38.42 21.77
CA ARG L 130 -19.89 37.52 21.35
C ARG L 130 -18.92 37.36 22.51
N PHE L 131 -18.75 36.10 22.98
CA PHE L 131 -18.03 35.80 24.20
C PHE L 131 -17.01 34.70 23.98
N ALA L 132 -16.12 34.57 24.98
CA ALA L 132 -15.12 33.52 25.00
C ALA L 132 -14.84 33.14 26.45
N LEU L 133 -14.60 31.86 26.69
CA LEU L 133 -14.08 31.42 27.97
C LEU L 133 -12.66 31.95 28.14
N PRO L 134 -12.15 32.01 29.39
CA PRO L 134 -10.87 32.72 29.62
C PRO L 134 -9.67 32.10 28.90
N ASN L 135 -9.54 30.78 28.88
CA ASN L 135 -8.40 30.14 28.23
C ASN L 135 -8.72 29.69 26.81
N SER L 136 -9.36 30.55 26.04
CA SER L 136 -9.60 30.32 24.62
C SER L 136 -8.34 30.67 23.82
N ARG L 137 -8.32 30.22 22.56
CA ARG L 137 -7.27 30.63 21.62
C ARG L 137 -7.92 30.98 20.29
N ILE L 138 -7.69 32.21 19.84
CA ILE L 138 -8.23 32.70 18.58
C ILE L 138 -7.08 32.74 17.58
N MET L 139 -7.39 32.47 16.32
CA MET L 139 -6.39 32.62 15.26
C MET L 139 -7.08 33.07 13.99
N ILE L 140 -6.44 34.01 13.29
CA ILE L 140 -6.94 34.50 12.00
C ILE L 140 -5.77 34.66 11.04
N HIS L 141 -5.92 34.14 9.82
CA HIS L 141 -4.99 34.39 8.74
C HIS L 141 -5.77 34.55 7.45
N GLN L 142 -5.07 34.94 6.38
CA GLN L 142 -5.68 35.06 5.07
C GLN L 142 -6.01 33.66 4.54
N PRO L 143 -6.79 33.55 3.44
CA PRO L 143 -7.12 32.22 2.92
C PRO L 143 -5.90 31.45 2.42
N LEU L 144 -6.12 30.19 2.05
CA LEU L 144 -5.03 29.32 1.61
C LEU L 144 -5.63 28.13 0.87
N ILE L 145 -4.77 27.42 0.14
CA ILE L 145 -5.09 26.08 -0.35
C ILE L 145 -3.92 25.17 -0.02
N SER L 146 -4.21 23.87 0.02
CA SER L 146 -3.20 22.87 0.35
C SER L 146 -3.03 21.86 -0.77
N GLY L 151 -4.24 23.19 -13.40
CA GLY L 151 -5.04 23.58 -14.55
C GLY L 151 -4.31 24.44 -15.57
N GLN L 152 -5.03 24.95 -16.56
CA GLN L 152 -4.44 25.82 -17.57
C GLN L 152 -4.15 27.19 -16.95
N ALA L 153 -3.22 27.93 -17.56
CA ALA L 153 -2.88 29.23 -16.98
C ALA L 153 -4.05 30.20 -17.09
N SER L 154 -4.89 30.07 -18.12
CA SER L 154 -6.08 30.90 -18.18
C SER L 154 -7.04 30.55 -17.05
N ASP L 155 -7.31 29.25 -16.88
CA ASP L 155 -8.11 28.80 -15.75
C ASP L 155 -7.46 29.21 -14.44
N ILE L 156 -6.15 28.97 -14.30
CA ILE L 156 -5.44 29.35 -13.09
C ILE L 156 -5.61 30.82 -12.80
N GLU L 157 -5.56 31.65 -13.84
CA GLU L 157 -5.79 33.08 -13.68
C GLU L 157 -7.15 33.32 -13.02
N ILE L 158 -8.21 32.86 -13.69
CA ILE L 158 -9.58 32.96 -13.19
C ILE L 158 -9.65 32.58 -11.71
N HIS L 159 -9.06 31.43 -11.39
CA HIS L 159 -9.11 30.90 -10.03
C HIS L 159 -8.39 31.80 -9.04
N ALA L 160 -7.23 32.35 -9.41
CA ALA L 160 -6.50 33.21 -8.49
C ALA L 160 -7.25 34.52 -8.26
N ARG L 161 -7.78 35.11 -9.34
CA ARG L 161 -8.61 36.30 -9.21
C ARG L 161 -9.75 36.06 -8.23
N GLU L 162 -10.39 34.90 -8.34
CA GLU L 162 -11.48 34.58 -7.42
C GLU L 162 -10.98 34.43 -5.98
N LEU L 163 -9.85 33.76 -5.78
CA LEU L 163 -9.28 33.63 -4.44
C LEU L 163 -9.05 35.01 -3.82
N LEU L 164 -8.58 35.96 -4.62
CA LEU L 164 -8.31 37.29 -4.08
C LEU L 164 -9.60 38.05 -3.79
N LYS L 165 -10.62 37.87 -4.62
CA LYS L 165 -11.94 38.41 -4.28
C LYS L 165 -12.40 37.89 -2.92
N ILE L 166 -12.25 36.58 -2.69
CA ILE L 166 -12.65 36.00 -1.41
C ILE L 166 -11.88 36.63 -0.27
N LYS L 167 -10.55 36.73 -0.43
CA LYS L 167 -9.70 37.31 0.59
C LYS L 167 -10.16 38.72 0.97
N GLU L 168 -10.38 39.57 -0.04
CA GLU L 168 -10.77 40.94 0.23
C GLU L 168 -12.15 41.02 0.87
N LYS L 169 -13.10 40.24 0.35
CA LYS L 169 -14.45 40.19 0.92
C LYS L 169 -14.39 39.82 2.40
N LEU L 170 -13.66 38.77 2.73
CA LEU L 170 -13.58 38.32 4.12
C LEU L 170 -12.94 39.39 4.99
N ASN L 171 -11.91 40.09 4.48
CA ASN L 171 -11.31 41.14 5.28
C ASN L 171 -12.29 42.27 5.54
N ARG L 172 -13.08 42.65 4.53
CA ARG L 172 -14.09 43.69 4.70
C ARG L 172 -15.12 43.29 5.76
N LEU L 173 -15.64 42.07 5.65
CA LEU L 173 -16.66 41.62 6.59
C LEU L 173 -16.09 41.52 8.00
N MET L 174 -14.94 40.86 8.15
CA MET L 174 -14.27 40.77 9.43
C MET L 174 -14.04 42.15 10.05
N ALA L 175 -13.59 43.11 9.23
CA ALA L 175 -13.37 44.45 9.73
C ALA L 175 -14.66 45.08 10.24
N LYS L 176 -15.77 44.84 9.54
CA LYS L 176 -17.05 45.32 10.04
C LYS L 176 -17.40 44.67 11.37
N HIS L 177 -17.14 43.36 11.50
CA HIS L 177 -17.36 42.68 12.77
C HIS L 177 -16.57 43.33 13.89
N CYS L 178 -15.34 43.75 13.60
CA CYS L 178 -14.41 44.20 14.62
C CYS L 178 -14.50 45.70 14.88
N ASP L 179 -15.18 46.45 14.02
CA ASP L 179 -15.09 47.91 14.00
C ASP L 179 -13.63 48.35 13.93
N ARG L 180 -12.91 47.76 12.99
CA ARG L 180 -11.57 48.17 12.63
C ARG L 180 -11.55 48.66 11.20
N ASP L 181 -10.44 49.30 10.84
CA ASP L 181 -10.22 49.63 9.45
C ASP L 181 -9.93 48.35 8.66
N LEU L 182 -10.19 48.41 7.36
CA LEU L 182 -9.90 47.27 6.50
C LEU L 182 -8.40 46.99 6.45
N ALA L 183 -7.58 48.06 6.41
CA ALA L 183 -6.13 47.88 6.37
C ALA L 183 -5.63 47.18 7.62
N ASP L 184 -6.26 47.45 8.76
CA ASP L 184 -5.96 46.73 9.99
C ASP L 184 -6.06 45.23 9.75
N LEU L 185 -7.17 44.80 9.14
CA LEU L 185 -7.41 43.38 8.93
C LEU L 185 -6.44 42.81 7.90
N GLU L 186 -6.22 43.55 6.80
CA GLU L 186 -5.21 43.17 5.81
C GLU L 186 -3.90 42.82 6.48
N ARG L 187 -3.33 43.78 7.23
CA ARG L 187 -2.03 43.54 7.83
C ARG L 187 -2.08 42.40 8.83
N ASP L 188 -3.13 42.35 9.64
CA ASP L 188 -3.15 41.44 10.78
C ASP L 188 -3.53 40.01 10.41
N THR L 189 -4.00 39.77 9.18
CA THR L 189 -4.28 38.43 8.70
C THR L 189 -3.21 37.93 7.73
N ASP L 190 -2.13 38.69 7.53
CA ASP L 190 -1.15 38.36 6.50
C ASP L 190 -0.51 37.00 6.76
N ARG L 191 -0.22 36.70 8.02
CA ARG L 191 0.15 35.36 8.45
C ARG L 191 -0.79 34.95 9.60
N ASP L 192 -0.50 33.82 10.22
CA ASP L 192 -1.34 33.36 11.33
C ASP L 192 -1.20 34.32 12.51
N ASN L 193 -2.31 34.91 12.91
CA ASN L 193 -2.36 35.85 14.03
C ASN L 193 -3.08 35.17 15.19
N PHE L 194 -2.38 35.01 16.30
CA PHE L 194 -2.92 34.37 17.49
C PHE L 194 -3.32 35.40 18.53
N MET L 195 -4.44 35.14 19.20
CA MET L 195 -4.98 36.03 20.20
C MET L 195 -5.46 35.23 21.39
N SER L 196 -5.14 35.70 22.60
CA SER L 196 -5.85 35.24 23.78
C SER L 196 -7.22 35.90 23.81
N ALA L 197 -8.13 35.32 24.61
CA ALA L 197 -9.50 35.85 24.71
C ALA L 197 -9.48 37.33 25.03
N GLU L 198 -8.66 37.71 26.00
CA GLU L 198 -8.16 39.05 26.24
C GLU L 198 -7.92 39.83 24.95
N GLU L 199 -6.91 39.39 24.19
CA GLU L 199 -6.50 40.05 22.97
C GLU L 199 -7.59 40.01 21.91
N ALA L 200 -8.36 38.92 21.86
CA ALA L 200 -9.51 38.87 20.96
C ALA L 200 -10.55 39.93 21.33
N LYS L 201 -10.66 40.27 22.61
CA LYS L 201 -11.66 41.25 23.03
C LYS L 201 -11.19 42.66 22.71
N GLU L 202 -9.89 42.94 22.84
CA GLU L 202 -9.40 44.24 22.41
C GLU L 202 -9.61 44.45 20.92
N TYR L 203 -9.24 43.43 20.12
CA TYR L 203 -9.19 43.61 18.67
C TYR L 203 -10.55 43.96 18.08
N GLY L 204 -11.63 43.68 18.79
CA GLY L 204 -12.97 43.87 18.29
C GLY L 204 -13.70 42.60 17.94
N LEU L 205 -13.18 41.45 18.34
CA LEU L 205 -13.69 40.17 17.88
C LEU L 205 -14.87 39.72 18.73
N ILE L 206 -14.68 39.64 20.05
CA ILE L 206 -15.75 39.28 20.96
C ILE L 206 -16.16 40.52 21.75
N ASP L 207 -17.03 40.31 22.74
CA ASP L 207 -17.51 41.39 23.57
C ASP L 207 -17.14 41.21 25.04
N GLN L 208 -17.41 40.04 25.61
CA GLN L 208 -17.05 39.77 26.99
C GLN L 208 -16.35 38.42 27.11
N ILE L 209 -15.30 38.39 27.92
CA ILE L 209 -14.71 37.13 28.38
C ILE L 209 -15.46 36.70 29.63
N LEU L 210 -15.73 35.40 29.75
CA LEU L 210 -16.63 34.87 30.77
C LEU L 210 -15.88 33.94 31.70
N GLU L 211 -15.51 34.44 32.89
CA GLU L 211 -14.82 33.65 33.89
C GLU L 211 -15.71 32.56 34.47
N ASN L 212 -16.63 32.95 35.34
CA ASN L 212 -17.61 32.04 35.94
C ASN L 212 -19.01 32.56 35.63
N ARG L 213 -20.01 31.95 36.28
CA ARG L 213 -21.39 32.35 36.03
C ARG L 213 -21.70 33.74 36.56
N ALA L 214 -20.86 34.30 37.43
CA ALA L 214 -21.09 35.61 38.01
C ALA L 214 -21.25 36.70 36.95
N PRO M 23 -28.57 15.12 15.48
CA PRO M 23 -29.45 15.30 16.65
C PRO M 23 -30.90 14.91 16.36
N THR M 24 -31.54 14.34 17.39
CA THR M 24 -32.89 13.78 17.28
C THR M 24 -33.91 14.84 17.69
N VAL M 25 -34.64 15.36 16.73
CA VAL M 25 -35.69 16.33 17.01
C VAL M 25 -36.95 16.02 16.20
N PHE M 36 -37.33 11.20 14.92
CA PHE M 36 -36.89 12.19 13.94
C PHE M 36 -35.44 12.61 14.16
N ASP M 37 -34.74 12.96 13.08
CA ASP M 37 -33.50 13.69 13.17
C ASP M 37 -33.72 15.10 12.65
N ILE M 38 -32.67 15.92 12.74
CA ILE M 38 -32.78 17.35 12.44
C ILE M 38 -33.40 17.57 11.06
N TYR M 39 -32.92 16.83 10.07
CA TYR M 39 -33.32 17.09 8.70
C TYR M 39 -34.76 16.67 8.43
N SER M 40 -35.25 15.65 9.13
CA SER M 40 -36.66 15.28 9.03
C SER M 40 -37.55 16.36 9.65
N ARG M 41 -37.11 16.95 10.76
CA ARG M 41 -37.86 18.05 11.34
C ARG M 41 -37.99 19.19 10.35
N LEU M 42 -36.88 19.59 9.72
CA LEU M 42 -37.00 20.67 8.74
C LEU M 42 -37.78 20.22 7.50
N LEU M 43 -37.78 18.94 7.19
CA LEU M 43 -38.66 18.43 6.15
C LEU M 43 -40.12 18.66 6.50
N LYS M 44 -40.45 18.57 7.79
CA LYS M 44 -41.77 19.03 8.29
C LYS M 44 -41.94 20.54 8.18
N GLU M 45 -41.02 21.22 7.49
CA GLU M 45 -41.23 22.59 7.03
C GLU M 45 -41.17 22.66 5.51
N ARG M 46 -41.10 21.51 4.82
CA ARG M 46 -40.87 21.44 3.39
C ARG M 46 -39.51 22.03 3.02
N ILE M 47 -38.51 21.73 3.85
CA ILE M 47 -37.12 22.11 3.61
C ILE M 47 -36.37 20.88 3.15
N VAL M 48 -35.80 20.94 1.94
CA VAL M 48 -35.02 19.85 1.35
C VAL M 48 -33.61 20.36 1.09
N PHE M 49 -32.62 19.59 1.51
CA PHE M 49 -31.22 19.98 1.42
C PHE M 49 -30.49 19.26 0.29
N LEU M 50 -29.63 19.99 -0.39
CA LEU M 50 -28.63 19.44 -1.31
C LEU M 50 -27.27 19.96 -0.86
N VAL M 51 -26.52 19.12 -0.18
CA VAL M 51 -25.22 19.49 0.37
C VAL M 51 -24.18 18.52 -0.18
N GLY M 52 -23.08 19.07 -0.69
CA GLY M 52 -22.01 18.25 -1.20
C GLY M 52 -22.23 17.84 -2.65
N PRO M 53 -21.32 17.02 -3.17
CA PRO M 53 -21.38 16.66 -4.60
C PRO M 53 -22.66 15.92 -4.96
N VAL M 54 -23.23 16.29 -6.10
CA VAL M 54 -24.44 15.65 -6.60
C VAL M 54 -24.11 14.24 -7.06
N THR M 55 -24.21 13.28 -6.14
CA THR M 55 -24.02 11.90 -6.49
C THR M 55 -25.36 11.29 -6.90
N ASP M 56 -25.34 9.98 -7.19
CA ASP M 56 -26.59 9.28 -7.43
C ASP M 56 -27.35 9.07 -6.13
N GLU M 57 -26.64 8.66 -5.07
CA GLU M 57 -27.17 8.63 -3.71
C GLU M 57 -27.94 9.90 -3.39
N SER M 58 -27.23 11.02 -3.38
CA SER M 58 -27.77 12.28 -2.92
C SER M 58 -28.87 12.79 -3.84
N ALA M 59 -28.68 12.65 -5.15
CA ALA M 59 -29.72 13.09 -6.09
C ALA M 59 -31.01 12.32 -5.87
N ASN M 60 -30.92 11.00 -5.70
CA ASN M 60 -32.15 10.25 -5.48
C ASN M 60 -32.75 10.52 -4.10
N LEU M 61 -31.92 10.81 -3.10
CA LEU M 61 -32.47 11.18 -1.79
C LEU M 61 -33.28 12.45 -1.90
N VAL M 62 -32.73 13.46 -2.59
CA VAL M 62 -33.46 14.70 -2.81
C VAL M 62 -34.74 14.44 -3.59
N VAL M 63 -34.67 13.54 -4.58
CA VAL M 63 -35.85 13.25 -5.39
C VAL M 63 -36.94 12.60 -4.54
N ALA M 64 -36.55 11.64 -3.72
CA ALA M 64 -37.50 10.99 -2.82
C ALA M 64 -38.15 12.00 -1.88
N GLN M 65 -37.36 12.95 -1.37
CA GLN M 65 -37.95 14.01 -0.55
C GLN M 65 -38.99 14.79 -1.34
N LEU M 66 -38.58 15.40 -2.46
CA LEU M 66 -39.49 16.14 -3.32
C LEU M 66 -40.82 15.41 -3.50
N LEU M 67 -40.75 14.11 -3.82
CA LEU M 67 -41.96 13.34 -4.03
C LEU M 67 -42.74 13.18 -2.73
N PHE M 68 -42.05 12.96 -1.62
CA PHE M 68 -42.72 12.82 -0.33
C PHE M 68 -43.48 14.09 0.05
N LEU M 69 -42.90 15.24 -0.25
CA LEU M 69 -43.56 16.49 0.10
C LEU M 69 -44.73 16.78 -0.82
N GLU M 70 -44.61 16.45 -2.10
CA GLU M 70 -45.78 16.57 -2.96
C GLU M 70 -46.87 15.60 -2.53
N SER M 71 -46.50 14.41 -2.06
CA SER M 71 -47.48 13.47 -1.54
C SER M 71 -48.16 14.01 -0.28
N GLU M 72 -47.37 14.60 0.62
CA GLU M 72 -47.93 15.16 1.84
C GLU M 72 -48.89 16.29 1.52
N ASN M 73 -48.48 17.20 0.64
CA ASN M 73 -49.34 18.29 0.20
C ASN M 73 -48.84 18.82 -1.13
N PRO M 74 -49.61 18.65 -2.21
CA PRO M 74 -49.14 19.03 -3.55
C PRO M 74 -49.34 20.49 -3.90
N ASP M 75 -49.55 21.36 -2.91
CA ASP M 75 -49.86 22.76 -3.22
C ASP M 75 -49.09 23.77 -2.38
N LYS M 76 -48.46 23.35 -1.29
CA LYS M 76 -47.58 24.22 -0.54
C LYS M 76 -46.18 24.17 -1.14
N ASP M 77 -45.55 25.34 -1.23
CA ASP M 77 -44.20 25.42 -1.80
C ASP M 77 -43.26 24.45 -1.10
N ILE M 78 -42.23 24.03 -1.83
CA ILE M 78 -41.13 23.26 -1.28
C ILE M 78 -39.90 24.16 -1.33
N PHE M 79 -39.03 24.02 -0.32
CA PHE M 79 -37.89 24.92 -0.15
C PHE M 79 -36.61 24.10 -0.25
N PHE M 80 -35.88 24.31 -1.34
CA PHE M 80 -34.72 23.53 -1.73
C PHE M 80 -33.47 24.35 -1.46
N TYR M 81 -32.65 23.87 -0.53
CA TYR M 81 -31.49 24.62 -0.06
C TYR M 81 -30.24 23.97 -0.63
N ILE M 82 -29.52 24.70 -1.49
CA ILE M 82 -28.44 24.16 -2.29
C ILE M 82 -27.11 24.72 -1.81
N ASN M 83 -26.23 23.82 -1.38
CA ASN M 83 -24.81 24.13 -1.22
C ASN M 83 -24.05 22.93 -1.77
N SER M 84 -23.62 23.03 -3.02
CA SER M 84 -23.03 21.88 -3.69
C SER M 84 -21.97 22.35 -4.66
N PRO M 85 -20.90 21.58 -4.86
CA PRO M 85 -19.94 21.90 -5.91
C PRO M 85 -20.39 21.47 -7.31
N GLY M 86 -21.47 20.70 -7.39
CA GLY M 86 -21.88 20.06 -8.61
C GLY M 86 -21.74 18.55 -8.49
N GLY M 87 -21.76 17.89 -9.65
CA GLY M 87 -21.52 16.45 -9.65
C GLY M 87 -22.04 15.83 -10.94
N SER M 88 -22.52 14.60 -10.80
CA SER M 88 -23.02 13.84 -11.94
C SER M 88 -24.17 14.57 -12.63
N VAL M 89 -24.05 14.77 -13.94
CA VAL M 89 -25.05 15.50 -14.68
C VAL M 89 -26.39 14.77 -14.64
N THR M 90 -26.37 13.46 -14.89
CA THR M 90 -27.64 12.71 -14.91
C THR M 90 -28.24 12.60 -13.51
N ALA M 91 -27.39 12.43 -12.50
CA ALA M 91 -27.88 12.51 -11.12
C ALA M 91 -28.64 13.82 -10.90
N GLY M 92 -28.00 14.94 -11.24
CA GLY M 92 -28.64 16.23 -11.08
C GLY M 92 -29.87 16.42 -11.94
N MET M 93 -29.97 15.70 -13.06
CA MET M 93 -31.16 15.87 -13.89
C MET M 93 -32.34 15.07 -13.35
N SER M 94 -32.06 13.98 -12.64
CA SER M 94 -33.11 13.32 -11.86
C SER M 94 -33.80 14.31 -10.92
N ILE M 95 -33.05 15.28 -10.41
CA ILE M 95 -33.64 16.34 -9.58
C ILE M 95 -34.31 17.40 -10.44
N TYR M 96 -33.58 17.84 -11.49
CA TYR M 96 -34.07 18.93 -12.32
C TYR M 96 -35.42 18.63 -12.93
N ASP M 97 -35.70 17.36 -13.24
CA ASP M 97 -36.98 17.03 -13.84
C ASP M 97 -38.06 16.78 -12.80
N THR M 98 -37.69 16.17 -11.68
CA THR M 98 -38.64 16.01 -10.57
C THR M 98 -39.19 17.35 -10.12
N MET M 99 -38.35 18.40 -10.13
CA MET M 99 -38.82 19.73 -9.77
C MET M 99 -39.93 20.21 -10.69
N ASN M 100 -39.72 20.14 -12.00
CA ASN M 100 -40.73 20.58 -12.95
C ASN M 100 -41.90 19.61 -13.07
N PHE M 101 -41.80 18.42 -12.48
CA PHE M 101 -42.89 17.46 -12.54
C PHE M 101 -43.84 17.56 -11.35
N ILE M 102 -43.30 17.61 -10.13
CA ILE M 102 -44.17 17.67 -8.97
C ILE M 102 -45.00 18.95 -9.02
N LYS M 103 -46.20 18.90 -8.45
CA LYS M 103 -47.05 20.08 -8.39
C LYS M 103 -46.43 21.24 -7.61
N PRO M 104 -45.82 21.05 -6.44
CA PRO M 104 -45.28 22.20 -5.70
C PRO M 104 -44.28 22.98 -6.54
N ASP M 105 -44.43 24.30 -6.56
CA ASP M 105 -43.31 25.14 -6.94
C ASP M 105 -42.16 24.85 -5.99
N VAL M 106 -40.96 24.83 -6.51
CA VAL M 106 -39.78 24.51 -5.73
C VAL M 106 -38.92 25.77 -5.70
N SER M 107 -38.96 26.50 -4.60
CA SER M 107 -38.11 27.67 -4.45
C SER M 107 -36.72 27.21 -4.07
N THR M 108 -35.71 27.85 -4.68
CA THR M 108 -34.32 27.48 -4.46
C THR M 108 -33.63 28.57 -3.67
N LEU M 109 -32.72 28.15 -2.78
CA LEU M 109 -31.92 29.08 -1.99
C LEU M 109 -30.48 28.63 -1.99
N CYS M 110 -29.61 29.47 -2.53
CA CYS M 110 -28.18 29.23 -2.45
C CYS M 110 -27.64 29.80 -1.14
N LEU M 111 -26.95 28.97 -0.38
CA LEU M 111 -26.27 29.40 0.84
C LEU M 111 -24.89 28.75 0.85
N GLY M 112 -23.85 29.58 0.81
CA GLY M 112 -22.51 29.06 0.64
C GLY M 112 -22.10 29.13 -0.82
N GLN M 113 -22.30 28.05 -1.56
CA GLN M 113 -22.05 28.09 -2.99
C GLN M 113 -23.01 27.16 -3.72
N ALA M 114 -23.30 27.54 -4.96
CA ALA M 114 -23.98 26.67 -5.92
C ALA M 114 -23.12 26.70 -7.18
N ALA M 115 -22.28 25.68 -7.35
CA ALA M 115 -21.33 25.63 -8.45
C ALA M 115 -21.71 24.52 -9.43
N SER M 116 -21.54 24.82 -10.72
CA SER M 116 -21.67 23.84 -11.79
C SER M 116 -23.09 23.25 -11.82
N MET M 117 -23.29 22.03 -11.30
CA MET M 117 -24.65 21.53 -11.19
C MET M 117 -25.43 22.26 -10.11
N GLY M 118 -24.75 22.72 -9.06
CA GLY M 118 -25.38 23.50 -8.02
C GLY M 118 -26.03 24.75 -8.57
N ALA M 119 -25.26 25.57 -9.30
CA ALA M 119 -25.82 26.77 -9.91
C ALA M 119 -26.94 26.43 -10.89
N PHE M 120 -26.83 25.29 -11.57
CA PHE M 120 -27.85 24.94 -12.55
C PHE M 120 -29.18 24.63 -11.87
N LEU M 121 -29.16 23.74 -10.88
CA LEU M 121 -30.37 23.48 -10.11
C LEU M 121 -30.86 24.73 -9.39
N LEU M 122 -29.96 25.64 -9.02
CA LEU M 122 -30.37 26.88 -8.38
C LEU M 122 -31.19 27.73 -9.33
N SER M 123 -30.68 27.95 -10.55
CA SER M 123 -31.44 28.71 -11.54
C SER M 123 -32.65 27.92 -12.05
N ALA M 124 -32.75 26.64 -11.72
CA ALA M 124 -33.90 25.83 -12.13
C ALA M 124 -35.14 26.05 -11.26
N GLY M 125 -35.05 26.86 -10.20
CA GLY M 125 -36.19 27.04 -9.32
C GLY M 125 -37.30 27.85 -9.97
N GLU M 126 -38.50 27.70 -9.43
CA GLU M 126 -39.66 28.42 -9.93
C GLU M 126 -39.37 29.91 -10.01
N LYS M 127 -39.55 30.47 -11.20
CA LYS M 127 -39.11 31.83 -11.44
C LYS M 127 -39.87 32.80 -10.56
N GLY M 128 -39.14 33.77 -10.01
CA GLY M 128 -39.63 34.60 -8.94
C GLY M 128 -39.27 34.11 -7.55
N LYS M 129 -38.94 32.82 -7.41
CA LYS M 129 -38.68 32.21 -6.12
C LYS M 129 -37.28 31.61 -6.04
N ARG M 130 -36.32 32.19 -6.75
CA ARG M 130 -34.92 31.76 -6.69
C ARG M 130 -34.13 32.81 -5.90
N PHE M 131 -33.46 32.38 -4.85
CA PHE M 131 -32.85 33.28 -3.88
C PHE M 131 -31.44 32.85 -3.56
N ALA M 132 -30.65 33.80 -3.07
CA ALA M 132 -29.32 33.51 -2.57
C ALA M 132 -29.05 34.38 -1.35
N LEU M 133 -28.21 33.87 -0.47
CA LEU M 133 -27.77 34.68 0.67
C LEU M 133 -26.55 35.52 0.28
N PRO M 134 -26.42 36.72 0.84
CA PRO M 134 -25.60 37.76 0.19
C PRO M 134 -24.13 37.42 -0.01
N ASN M 135 -23.57 36.48 0.75
CA ASN M 135 -22.20 36.04 0.53
C ASN M 135 -22.11 34.67 -0.11
N SER M 136 -23.23 34.17 -0.63
CA SER M 136 -23.18 33.03 -1.53
C SER M 136 -22.43 33.39 -2.80
N ARG M 137 -21.59 32.47 -3.25
CA ARG M 137 -20.99 32.58 -4.57
C ARG M 137 -21.60 31.53 -5.48
N ILE M 138 -21.57 31.82 -6.77
CA ILE M 138 -22.18 30.98 -7.78
C ILE M 138 -21.21 30.85 -8.93
N MET M 139 -21.01 29.63 -9.42
CA MET M 139 -20.04 29.44 -10.48
C MET M 139 -20.63 28.55 -11.57
N ILE M 140 -20.48 28.98 -12.82
CA ILE M 140 -20.88 28.19 -13.97
C ILE M 140 -19.65 27.91 -14.83
N HIS M 141 -19.49 26.65 -15.22
CA HIS M 141 -18.44 26.20 -16.12
C HIS M 141 -19.03 25.17 -17.07
N GLN M 142 -18.26 24.81 -18.10
CA GLN M 142 -18.73 23.83 -19.07
C GLN M 142 -18.40 22.41 -18.59
N PRO M 143 -19.01 21.38 -19.17
CA PRO M 143 -18.87 20.04 -18.59
C PRO M 143 -17.45 19.49 -18.63
N LEU M 144 -17.24 18.46 -17.82
CA LEU M 144 -15.93 17.86 -17.55
C LEU M 144 -16.02 16.34 -17.72
N ILE M 145 -14.87 15.72 -18.01
CA ILE M 145 -14.71 14.28 -17.90
C ILE M 145 -13.31 14.00 -17.36
N SER M 146 -13.13 12.79 -16.83
CA SER M 146 -11.83 12.34 -16.33
C SER M 146 -11.11 11.47 -17.36
N GLY M 151 -10.83 3.65 -24.28
CA GLY M 151 -11.08 2.52 -25.15
C GLY M 151 -10.80 2.78 -26.62
N GLN M 152 -11.58 2.14 -27.50
CA GLN M 152 -11.35 2.26 -28.92
C GLN M 152 -11.73 3.65 -29.43
N ALA M 153 -11.06 4.04 -30.52
CA ALA M 153 -11.35 5.32 -31.17
C ALA M 153 -12.83 5.44 -31.53
N SER M 154 -13.44 4.35 -31.96
CA SER M 154 -14.86 4.37 -32.29
C SER M 154 -15.71 4.67 -31.05
N ASP M 155 -15.26 4.21 -29.89
CA ASP M 155 -15.98 4.47 -28.65
C ASP M 155 -15.69 5.88 -28.12
N ILE M 156 -14.41 6.27 -28.16
CA ILE M 156 -14.02 7.62 -27.76
C ILE M 156 -14.79 8.65 -28.56
N GLU M 157 -15.00 8.39 -29.86
CA GLU M 157 -15.78 9.32 -30.67
C GLU M 157 -17.22 9.42 -30.17
N ILE M 158 -17.86 8.27 -29.94
CA ILE M 158 -19.26 8.27 -29.51
C ILE M 158 -19.41 9.07 -28.23
N HIS M 159 -18.49 8.85 -27.28
CA HIS M 159 -18.62 9.50 -25.98
C HIS M 159 -18.24 10.97 -26.01
N ALA M 160 -17.28 11.36 -26.86
CA ALA M 160 -16.98 12.78 -27.01
C ALA M 160 -18.15 13.51 -27.66
N ARG M 161 -18.72 12.93 -28.71
CA ARG M 161 -19.89 13.52 -29.36
C ARG M 161 -21.07 13.59 -28.39
N GLU M 162 -21.21 12.59 -27.53
CA GLU M 162 -22.26 12.62 -26.51
C GLU M 162 -22.03 13.76 -25.52
N LEU M 163 -20.78 13.95 -25.09
CA LEU M 163 -20.48 15.05 -24.18
C LEU M 163 -20.73 16.39 -24.85
N LEU M 164 -20.48 16.49 -26.15
CA LEU M 164 -20.83 17.72 -26.88
C LEU M 164 -22.33 17.95 -26.85
N LYS M 165 -23.11 16.88 -27.06
CA LYS M 165 -24.56 16.98 -26.95
C LYS M 165 -24.96 17.48 -25.56
N ILE M 166 -24.32 16.95 -24.51
CA ILE M 166 -24.58 17.39 -23.15
C ILE M 166 -24.32 18.88 -23.02
N LYS M 167 -23.13 19.30 -23.41
CA LYS M 167 -22.73 20.70 -23.30
C LYS M 167 -23.75 21.61 -23.97
N GLU M 168 -24.15 21.26 -25.18
CA GLU M 168 -25.07 22.12 -25.92
C GLU M 168 -26.45 22.14 -25.28
N LYS M 169 -26.96 20.96 -24.87
CA LYS M 169 -28.25 20.91 -24.19
C LYS M 169 -28.24 21.76 -22.93
N LEU M 170 -27.23 21.56 -22.09
CA LEU M 170 -27.10 22.33 -20.86
C LEU M 170 -27.02 23.82 -21.15
N ASN M 171 -26.37 24.19 -22.26
CA ASN M 171 -26.24 25.59 -22.62
C ASN M 171 -27.59 26.19 -23.00
N ARG M 172 -28.35 25.48 -23.84
CA ARG M 172 -29.71 25.90 -24.17
C ARG M 172 -30.58 26.01 -22.92
N LEU M 173 -30.49 25.05 -22.00
CA LEU M 173 -31.32 25.11 -20.80
C LEU M 173 -30.94 26.31 -19.93
N MET M 174 -29.64 26.48 -19.66
CA MET M 174 -29.18 27.64 -18.90
C MET M 174 -29.60 28.95 -19.56
N ALA M 175 -29.60 28.99 -20.89
CA ALA M 175 -30.05 30.18 -21.59
C ALA M 175 -31.54 30.42 -21.33
N LYS M 176 -32.33 29.36 -21.30
CA LYS M 176 -33.74 29.50 -20.95
C LYS M 176 -33.90 30.04 -19.53
N HIS M 177 -33.24 29.40 -18.57
CA HIS M 177 -33.31 29.82 -17.17
C HIS M 177 -32.95 31.29 -17.00
N CYS M 178 -31.75 31.66 -17.44
CA CYS M 178 -31.27 33.02 -17.31
C CYS M 178 -31.88 33.96 -18.33
N ASP M 179 -32.83 33.48 -19.15
CA ASP M 179 -33.48 34.30 -20.17
C ASP M 179 -32.47 34.99 -21.07
N ARG M 180 -31.35 34.33 -21.31
CA ARG M 180 -30.30 34.80 -22.21
C ARG M 180 -30.35 34.10 -23.56
N ASP M 181 -29.68 34.72 -24.53
CA ASP M 181 -29.46 34.10 -25.81
C ASP M 181 -28.33 33.09 -25.71
N LEU M 182 -28.45 32.00 -26.47
CA LEU M 182 -27.59 30.84 -26.30
C LEU M 182 -26.11 31.20 -26.45
N ALA M 183 -25.77 32.03 -27.44
CA ALA M 183 -24.38 32.41 -27.66
C ALA M 183 -23.76 33.00 -26.40
N ASP M 184 -24.56 33.74 -25.62
CA ASP M 184 -24.04 34.33 -24.40
C ASP M 184 -23.63 33.27 -23.39
N LEU M 185 -24.47 32.24 -23.21
CA LEU M 185 -24.10 31.14 -22.32
C LEU M 185 -22.87 30.41 -22.84
N GLU M 186 -22.84 30.11 -24.14
CA GLU M 186 -21.66 29.47 -24.74
C GLU M 186 -20.40 30.27 -24.43
N ARG M 187 -20.52 31.59 -24.43
CA ARG M 187 -19.37 32.48 -24.24
C ARG M 187 -18.98 32.59 -22.78
N ASP M 188 -19.96 32.67 -21.89
CA ASP M 188 -19.76 32.99 -20.48
C ASP M 188 -19.48 31.75 -19.63
N THR M 189 -19.31 30.59 -20.25
CA THR M 189 -19.09 29.35 -19.53
C THR M 189 -17.88 28.59 -20.05
N ASP M 190 -17.16 29.12 -21.04
CA ASP M 190 -16.12 28.33 -21.71
C ASP M 190 -15.04 27.89 -20.73
N ARG M 191 -14.69 28.76 -19.78
CA ARG M 191 -13.91 28.32 -18.63
C ARG M 191 -14.71 28.62 -17.37
N ASP M 192 -14.04 28.69 -16.22
CA ASP M 192 -14.75 28.93 -14.96
C ASP M 192 -15.23 30.38 -14.90
N ASN M 193 -16.53 30.55 -14.66
CA ASN M 193 -17.11 31.88 -14.47
C ASN M 193 -17.69 31.95 -13.06
N PHE M 194 -17.00 32.66 -12.18
CA PHE M 194 -17.43 32.89 -10.81
C PHE M 194 -18.36 34.11 -10.76
N MET M 195 -19.12 34.21 -9.67
CA MET M 195 -20.20 35.19 -9.62
C MET M 195 -20.60 35.48 -8.18
N SER M 196 -20.68 36.76 -7.84
CA SER M 196 -21.27 37.19 -6.59
C SER M 196 -22.79 37.12 -6.71
N ALA M 197 -23.47 37.26 -5.57
CA ALA M 197 -24.92 37.22 -5.57
C ALA M 197 -25.51 38.35 -6.42
N GLU M 198 -24.86 39.51 -6.43
CA GLU M 198 -25.29 40.57 -7.33
C GLU M 198 -25.08 40.18 -8.78
N GLU M 199 -23.87 39.72 -9.11
CA GLU M 199 -23.59 39.20 -10.44
C GLU M 199 -24.59 38.12 -10.83
N ALA M 200 -24.88 37.21 -9.91
CA ALA M 200 -25.78 36.10 -10.21
C ALA M 200 -27.20 36.59 -10.45
N LYS M 201 -27.73 37.40 -9.51
CA LYS M 201 -29.09 37.90 -9.64
C LYS M 201 -29.26 38.66 -10.95
N GLU M 202 -28.23 39.38 -11.37
CA GLU M 202 -28.35 40.04 -12.66
C GLU M 202 -28.33 39.02 -13.78
N TYR M 203 -27.47 38.01 -13.67
CA TYR M 203 -27.41 37.01 -14.73
C TYR M 203 -28.70 36.22 -14.87
N GLY M 204 -29.78 36.69 -14.25
CA GLY M 204 -31.02 35.95 -14.25
C GLY M 204 -30.95 34.59 -13.60
N LEU M 205 -29.81 34.24 -13.01
CA LEU M 205 -29.63 32.93 -12.40
C LEU M 205 -30.47 32.78 -11.14
N ILE M 206 -30.73 33.89 -10.44
CA ILE M 206 -31.63 33.91 -9.29
C ILE M 206 -32.53 35.13 -9.41
N ASP M 207 -33.52 35.21 -8.52
CA ASP M 207 -34.47 36.31 -8.52
C ASP M 207 -34.14 37.37 -7.46
N GLN M 208 -33.78 36.96 -6.25
CA GLN M 208 -33.49 37.89 -5.18
C GLN M 208 -32.28 37.46 -4.38
N ILE M 209 -31.63 38.45 -3.77
CA ILE M 209 -30.59 38.23 -2.79
C ILE M 209 -31.18 38.63 -1.45
N LEU M 210 -31.43 37.66 -0.59
CA LEU M 210 -32.15 37.87 0.66
C LEU M 210 -31.15 38.09 1.80
N GLU M 211 -31.06 39.33 2.27
CA GLU M 211 -30.32 39.58 3.51
C GLU M 211 -30.99 38.84 4.67
N ASN M 212 -32.27 39.13 4.90
CA ASN M 212 -33.05 38.43 5.91
C ASN M 212 -34.52 38.48 5.53
N ARG M 213 -35.33 37.77 6.30
CA ARG M 213 -36.76 37.59 6.06
C ARG M 213 -37.47 38.86 5.61
N ASP N 37 -38.91 5.36 7.07
CA ASP N 37 -38.18 6.48 6.49
C ASP N 37 -38.81 6.95 5.19
N ILE N 38 -38.07 7.79 4.46
CA ILE N 38 -38.57 8.39 3.23
C ILE N 38 -38.88 7.33 2.18
N TYR N 39 -37.99 6.33 2.04
CA TYR N 39 -38.20 5.32 1.02
C TYR N 39 -39.29 4.34 1.41
N SER N 40 -39.40 4.00 2.71
CA SER N 40 -40.52 3.17 3.14
C SER N 40 -41.85 3.85 2.91
N ARG N 41 -41.88 5.18 3.07
CA ARG N 41 -43.10 5.94 2.83
C ARG N 41 -43.48 5.90 1.35
N LEU N 42 -42.55 6.32 0.48
CA LEU N 42 -42.81 6.26 -0.95
C LEU N 42 -43.19 4.85 -1.38
N LEU N 43 -42.60 3.85 -0.72
CA LEU N 43 -42.99 2.46 -0.94
C LEU N 43 -44.47 2.26 -0.60
N LYS N 44 -44.90 2.78 0.55
CA LYS N 44 -46.33 2.71 0.88
C LYS N 44 -47.20 3.41 -0.16
N GLU N 45 -46.60 4.28 -0.98
CA GLU N 45 -47.27 4.72 -2.21
C GLU N 45 -46.90 3.86 -3.42
N ARG N 46 -46.42 2.62 -3.20
CA ARG N 46 -46.16 1.64 -4.26
C ARG N 46 -45.10 2.11 -5.25
N ILE N 47 -44.11 2.86 -4.77
CA ILE N 47 -43.02 3.38 -5.60
C ILE N 47 -41.74 2.69 -5.17
N VAL N 48 -41.11 1.98 -6.11
CA VAL N 48 -39.85 1.29 -5.87
C VAL N 48 -38.76 1.96 -6.67
N PHE N 49 -37.58 2.06 -6.07
CA PHE N 49 -36.44 2.77 -6.66
C PHE N 49 -35.34 1.78 -7.03
N LEU N 50 -34.77 1.98 -8.22
CA LEU N 50 -33.51 1.36 -8.59
C LEU N 50 -32.50 2.47 -8.82
N VAL N 51 -31.46 2.50 -8.00
CA VAL N 51 -30.47 3.57 -8.06
C VAL N 51 -29.09 2.94 -8.15
N GLY N 52 -28.36 3.28 -9.20
CA GLY N 52 -26.97 2.90 -9.33
C GLY N 52 -26.78 1.45 -9.73
N PRO N 53 -25.60 0.92 -9.42
CA PRO N 53 -25.22 -0.43 -9.86
C PRO N 53 -26.22 -1.52 -9.51
N VAL N 54 -26.81 -2.14 -10.53
CA VAL N 54 -27.55 -3.37 -10.35
C VAL N 54 -26.58 -4.41 -9.83
N THR N 55 -26.69 -4.78 -8.56
CA THR N 55 -25.90 -5.81 -7.93
C THR N 55 -26.83 -6.89 -7.42
N ASP N 56 -26.26 -7.94 -6.82
CA ASP N 56 -27.09 -8.99 -6.24
C ASP N 56 -27.98 -8.42 -5.14
N GLU N 57 -27.38 -7.71 -4.19
CA GLU N 57 -28.11 -7.20 -3.03
C GLU N 57 -29.16 -6.18 -3.45
N SER N 58 -28.79 -5.23 -4.32
CA SER N 58 -29.74 -4.19 -4.72
C SER N 58 -30.87 -4.76 -5.57
N ALA N 59 -30.55 -5.65 -6.50
CA ALA N 59 -31.59 -6.27 -7.30
C ALA N 59 -32.55 -7.06 -6.43
N ASN N 60 -32.02 -7.87 -5.52
CA ASN N 60 -32.91 -8.67 -4.69
C ASN N 60 -33.66 -7.83 -3.66
N LEU N 61 -33.12 -6.68 -3.28
CA LEU N 61 -33.87 -5.72 -2.49
C LEU N 61 -35.09 -5.25 -3.26
N VAL N 62 -34.88 -4.84 -4.51
CA VAL N 62 -36.00 -4.51 -5.39
C VAL N 62 -36.98 -5.68 -5.47
N VAL N 63 -36.45 -6.90 -5.50
CA VAL N 63 -37.29 -8.08 -5.64
C VAL N 63 -38.19 -8.26 -4.42
N ALA N 64 -37.60 -8.13 -3.22
CA ALA N 64 -38.39 -8.18 -1.99
C ALA N 64 -39.49 -7.12 -2.00
N GLN N 65 -39.15 -5.90 -2.42
CA GLN N 65 -40.17 -4.85 -2.51
C GLN N 65 -41.28 -5.25 -3.48
N LEU N 66 -40.93 -5.82 -4.63
CA LEU N 66 -41.93 -6.20 -5.62
C LEU N 66 -42.88 -7.24 -5.05
N LEU N 67 -42.34 -8.28 -4.43
CA LEU N 67 -43.18 -9.32 -3.84
C LEU N 67 -44.04 -8.76 -2.71
N PHE N 68 -43.53 -7.76 -1.97
CA PHE N 68 -44.31 -7.19 -0.87
C PHE N 68 -45.44 -6.31 -1.39
N LEU N 69 -45.22 -5.60 -2.48
CA LEU N 69 -46.30 -4.83 -3.09
C LEU N 69 -47.36 -5.76 -3.68
N GLU N 70 -46.93 -6.90 -4.23
CA GLU N 70 -47.92 -7.89 -4.68
C GLU N 70 -48.64 -8.52 -3.50
N SER N 71 -47.93 -8.71 -2.38
CA SER N 71 -48.55 -9.24 -1.18
C SER N 71 -49.63 -8.30 -0.67
N GLU N 72 -49.27 -7.05 -0.41
CA GLU N 72 -50.22 -6.08 0.12
C GLU N 72 -51.39 -5.92 -0.83
N ASN N 73 -51.12 -5.74 -2.11
CA ASN N 73 -52.20 -5.78 -3.08
C ASN N 73 -51.68 -6.34 -4.40
N PRO N 74 -52.19 -7.49 -4.84
CA PRO N 74 -51.79 -8.04 -6.14
C PRO N 74 -52.45 -7.39 -7.34
N ASP N 75 -53.20 -6.30 -7.18
CA ASP N 75 -53.98 -5.76 -8.28
C ASP N 75 -53.84 -4.25 -8.51
N LYS N 76 -53.02 -3.55 -7.73
CA LYS N 76 -52.71 -2.15 -8.01
C LYS N 76 -51.35 -2.07 -8.67
N ASP N 77 -51.24 -1.12 -9.60
CA ASP N 77 -49.97 -0.91 -10.29
C ASP N 77 -48.84 -0.67 -9.29
N ILE N 78 -47.64 -1.06 -9.68
CA ILE N 78 -46.41 -0.70 -8.98
C ILE N 78 -45.71 0.33 -9.86
N PHE N 79 -44.93 1.20 -9.24
CA PHE N 79 -44.23 2.26 -9.97
C PHE N 79 -42.74 2.17 -9.67
N PHE N 80 -41.97 1.69 -10.65
CA PHE N 80 -40.56 1.34 -10.49
C PHE N 80 -39.72 2.50 -11.04
N TYR N 81 -38.92 3.11 -10.18
CA TYR N 81 -38.18 4.31 -10.52
C TYR N 81 -36.71 3.94 -10.70
N ILE N 82 -36.16 4.27 -11.86
CA ILE N 82 -34.87 3.75 -12.30
C ILE N 82 -33.96 4.92 -12.61
N ASN N 83 -32.82 4.97 -11.91
CA ASN N 83 -31.67 5.80 -12.27
C ASN N 83 -30.46 4.91 -12.04
N SER N 84 -30.18 4.06 -13.03
CA SER N 84 -29.12 3.07 -12.93
C SER N 84 -28.23 3.14 -14.16
N PRO N 85 -26.93 2.87 -13.99
CA PRO N 85 -26.04 2.82 -15.14
C PRO N 85 -25.75 1.39 -15.59
N GLY N 86 -26.54 0.45 -15.11
CA GLY N 86 -26.39 -0.95 -15.45
C GLY N 86 -25.75 -1.77 -14.35
N GLY N 87 -25.31 -2.97 -14.73
CA GLY N 87 -24.64 -3.85 -13.80
C GLY N 87 -24.84 -5.30 -14.20
N SER N 88 -24.75 -6.16 -13.18
CA SER N 88 -24.81 -7.61 -13.36
C SER N 88 -26.04 -8.01 -14.17
N VAL N 89 -25.85 -9.01 -15.05
CA VAL N 89 -26.95 -9.44 -15.91
C VAL N 89 -27.92 -10.32 -15.14
N THR N 90 -27.41 -11.33 -14.41
CA THR N 90 -28.30 -12.20 -13.66
C THR N 90 -29.01 -11.46 -12.54
N ALA N 91 -28.34 -10.49 -11.93
CA ALA N 91 -29.02 -9.59 -10.99
C ALA N 91 -30.22 -8.94 -11.65
N GLY N 92 -30.00 -8.27 -12.79
CA GLY N 92 -31.10 -7.63 -13.49
C GLY N 92 -32.17 -8.60 -13.97
N MET N 93 -31.79 -9.86 -14.20
CA MET N 93 -32.75 -10.84 -14.69
C MET N 93 -33.65 -11.36 -13.58
N SER N 94 -33.10 -11.53 -12.38
CA SER N 94 -33.94 -11.72 -11.20
C SER N 94 -35.08 -10.70 -11.19
N ILE N 95 -34.73 -9.42 -11.37
CA ILE N 95 -35.74 -8.37 -11.39
C ILE N 95 -36.71 -8.55 -12.55
N TYR N 96 -36.18 -8.69 -13.77
CA TYR N 96 -37.02 -8.85 -14.97
C TYR N 96 -38.07 -9.94 -14.78
N ASP N 97 -37.61 -11.14 -14.42
CA ASP N 97 -38.52 -12.26 -14.28
C ASP N 97 -39.53 -12.03 -13.17
N THR N 98 -39.13 -11.30 -12.12
CA THR N 98 -40.11 -10.95 -11.10
C THR N 98 -41.17 -10.00 -11.64
N MET N 99 -40.75 -8.88 -12.25
CA MET N 99 -41.71 -7.93 -12.82
C MET N 99 -42.71 -8.62 -13.73
N ASN N 100 -42.24 -9.59 -14.52
CA ASN N 100 -43.17 -10.31 -15.38
C ASN N 100 -43.96 -11.38 -14.63
N PHE N 101 -43.47 -11.80 -13.46
CA PHE N 101 -44.11 -12.88 -12.73
C PHE N 101 -45.26 -12.40 -11.86
N ILE N 102 -45.08 -11.29 -11.15
CA ILE N 102 -46.08 -10.85 -10.18
C ILE N 102 -47.33 -10.36 -10.91
N LYS N 103 -48.47 -10.50 -10.24
CA LYS N 103 -49.73 -10.04 -10.81
C LYS N 103 -49.81 -8.54 -11.03
N PRO N 104 -49.22 -7.66 -10.20
CA PRO N 104 -49.34 -6.22 -10.46
C PRO N 104 -48.69 -5.81 -11.77
N ASP N 105 -49.34 -4.89 -12.47
CA ASP N 105 -48.72 -4.20 -13.59
C ASP N 105 -47.63 -3.27 -13.07
N VAL N 106 -46.39 -3.54 -13.45
CA VAL N 106 -45.24 -2.73 -13.01
C VAL N 106 -44.96 -1.69 -14.08
N SER N 107 -45.23 -0.42 -13.77
CA SER N 107 -44.85 0.70 -14.61
C SER N 107 -43.42 1.12 -14.28
N THR N 108 -42.78 1.80 -15.22
CA THR N 108 -41.39 2.18 -15.06
C THR N 108 -41.21 3.66 -15.36
N LEU N 109 -40.25 4.28 -14.69
CA LEU N 109 -39.91 5.68 -14.92
C LEU N 109 -38.40 5.86 -14.88
N CYS N 110 -37.84 6.37 -15.97
CA CYS N 110 -36.42 6.70 -16.00
C CYS N 110 -36.22 8.17 -15.65
N LEU N 111 -35.36 8.41 -14.67
CA LEU N 111 -34.97 9.76 -14.29
C LEU N 111 -33.45 9.82 -14.23
N GLY N 112 -32.89 10.86 -14.84
CA GLY N 112 -31.45 10.92 -14.98
C GLY N 112 -30.95 10.01 -16.08
N GLN N 113 -30.80 8.72 -15.78
CA GLN N 113 -30.22 7.80 -16.75
C GLN N 113 -30.69 6.38 -16.49
N ALA N 114 -30.81 5.61 -17.58
CA ALA N 114 -31.02 4.17 -17.55
C ALA N 114 -30.10 3.57 -18.59
N ALA N 115 -29.05 2.87 -18.16
CA ALA N 115 -28.01 2.39 -19.05
C ALA N 115 -27.87 0.88 -18.95
N SER N 116 -27.54 0.23 -20.04
CA SER N 116 -27.33 -1.20 -20.08
C SER N 116 -28.47 -1.87 -19.41
N MET N 117 -28.18 -2.60 -18.39
CA MET N 117 -29.22 -3.24 -17.58
C MET N 117 -30.29 -2.24 -17.15
N GLY N 118 -29.89 -1.00 -16.84
CA GLY N 118 -30.88 0.01 -16.53
C GLY N 118 -31.82 0.28 -17.69
N ALA N 119 -31.25 0.46 -18.88
CA ALA N 119 -32.09 0.63 -20.07
C ALA N 119 -32.91 -0.62 -20.34
N PHE N 120 -32.36 -1.80 -20.05
CA PHE N 120 -33.11 -3.04 -20.27
C PHE N 120 -34.34 -3.10 -19.37
N LEU N 121 -34.16 -2.87 -18.07
CA LEU N 121 -35.28 -2.89 -17.15
C LEU N 121 -36.27 -1.77 -17.45
N LEU N 122 -35.79 -0.62 -17.93
CA LEU N 122 -36.71 0.43 -18.37
C LEU N 122 -37.57 -0.04 -19.53
N SER N 123 -36.96 -0.77 -20.47
CA SER N 123 -37.73 -1.31 -21.59
C SER N 123 -38.73 -2.36 -21.12
N ALA N 124 -38.47 -3.01 -19.98
CA ALA N 124 -39.21 -4.17 -19.54
C ALA N 124 -40.52 -3.84 -18.83
N GLY N 125 -40.85 -2.56 -18.64
CA GLY N 125 -42.05 -2.21 -17.92
C GLY N 125 -43.30 -2.63 -18.67
N GLU N 126 -44.42 -2.64 -17.94
CA GLU N 126 -45.71 -2.94 -18.55
C GLU N 126 -45.97 -2.01 -19.72
N LYS N 127 -46.46 -2.59 -20.81
CA LYS N 127 -46.52 -1.89 -22.09
C LYS N 127 -47.63 -0.84 -22.04
N GLY N 128 -47.30 0.37 -22.49
CA GLY N 128 -48.15 1.52 -22.29
C GLY N 128 -47.87 2.27 -21.00
N LYS N 129 -47.08 1.70 -20.10
CA LYS N 129 -46.80 2.23 -18.77
C LYS N 129 -45.30 2.34 -18.54
N ARG N 130 -44.55 2.79 -19.55
CA ARG N 130 -43.12 2.99 -19.45
C ARG N 130 -42.81 4.43 -19.81
N PHE N 131 -42.11 5.14 -18.91
CA PHE N 131 -41.97 6.57 -19.03
C PHE N 131 -40.53 6.99 -18.72
N ALA N 132 -40.22 8.23 -19.09
CA ALA N 132 -38.96 8.85 -18.71
C ALA N 132 -39.16 10.35 -18.65
N LEU N 133 -38.32 11.00 -17.85
CA LEU N 133 -38.39 12.44 -17.66
C LEU N 133 -37.68 13.18 -18.79
N PRO N 134 -38.15 14.40 -19.14
CA PRO N 134 -37.78 15.02 -20.42
C PRO N 134 -36.30 15.16 -20.71
N ASN N 135 -35.43 14.98 -19.72
CA ASN N 135 -34.00 15.08 -19.93
C ASN N 135 -33.28 13.84 -19.45
N SER N 136 -33.96 12.71 -19.49
CA SER N 136 -33.30 11.45 -19.21
C SER N 136 -32.45 11.03 -20.40
N ARG N 137 -31.56 10.08 -20.16
CA ARG N 137 -30.72 9.50 -21.20
C ARG N 137 -30.80 7.99 -21.11
N ILE N 138 -31.09 7.35 -22.24
CA ILE N 138 -31.19 5.89 -22.28
C ILE N 138 -30.09 5.39 -23.19
N MET N 139 -29.43 4.33 -22.78
CA MET N 139 -28.20 3.93 -23.45
C MET N 139 -28.12 2.41 -23.44
N ILE N 140 -27.97 1.84 -24.63
CA ILE N 140 -27.91 0.39 -24.77
C ILE N 140 -26.61 0.02 -25.46
N HIS N 141 -26.07 -1.15 -25.08
CA HIS N 141 -24.84 -1.64 -25.65
C HIS N 141 -24.73 -3.13 -25.35
N GLN N 142 -23.85 -3.80 -26.09
CA GLN N 142 -23.70 -5.23 -25.91
C GLN N 142 -22.91 -5.52 -24.62
N PRO N 143 -22.99 -6.75 -24.11
CA PRO N 143 -22.21 -7.11 -22.91
C PRO N 143 -20.71 -6.90 -23.09
N GLY N 151 -8.58 -19.40 -16.93
CA GLY N 151 -8.40 -20.85 -16.93
C GLY N 151 -7.98 -21.40 -18.29
N GLN N 152 -8.21 -22.69 -18.49
CA GLN N 152 -7.79 -23.35 -19.72
C GLN N 152 -8.63 -22.89 -20.90
N ALA N 153 -8.17 -23.25 -22.11
CA ALA N 153 -8.89 -22.86 -23.31
C ALA N 153 -10.25 -23.56 -23.41
N SER N 154 -10.37 -24.76 -22.84
CA SER N 154 -11.69 -25.38 -22.71
C SER N 154 -12.63 -24.48 -21.93
N ASP N 155 -12.16 -23.98 -20.78
CA ASP N 155 -12.98 -23.14 -19.92
C ASP N 155 -13.34 -21.84 -20.60
N ILE N 156 -12.37 -21.21 -21.27
CA ILE N 156 -12.64 -19.94 -21.94
C ILE N 156 -13.58 -20.16 -23.13
N GLU N 157 -13.50 -21.33 -23.76
CA GLU N 157 -14.50 -21.66 -24.77
C GLU N 157 -15.89 -21.71 -24.17
N ILE N 158 -16.02 -22.44 -23.06
CA ILE N 158 -17.30 -22.53 -22.35
C ILE N 158 -17.85 -21.13 -22.07
N HIS N 159 -17.01 -20.27 -21.50
CA HIS N 159 -17.49 -18.96 -21.05
C HIS N 159 -17.75 -18.00 -22.21
N ALA N 160 -16.97 -18.06 -23.28
CA ALA N 160 -17.24 -17.18 -24.42
C ALA N 160 -18.50 -17.61 -25.15
N ARG N 161 -18.73 -18.92 -25.28
CA ARG N 161 -20.00 -19.39 -25.81
C ARG N 161 -21.16 -18.96 -24.93
N GLU N 162 -21.00 -19.10 -23.60
CA GLU N 162 -21.99 -18.61 -22.66
C GLU N 162 -22.28 -17.13 -22.87
N LEU N 163 -21.23 -16.32 -23.00
CA LEU N 163 -21.40 -14.87 -23.12
C LEU N 163 -22.13 -14.52 -24.40
N LEU N 164 -21.86 -15.26 -25.48
CA LEU N 164 -22.59 -14.99 -26.72
C LEU N 164 -24.04 -15.43 -26.61
N LYS N 165 -24.30 -16.53 -25.90
CA LYS N 165 -25.67 -16.92 -25.60
C LYS N 165 -26.41 -15.80 -24.89
N ILE N 166 -25.77 -15.22 -23.88
CA ILE N 166 -26.36 -14.10 -23.15
C ILE N 166 -26.61 -12.92 -24.07
N LYS N 167 -25.61 -12.58 -24.90
CA LYS N 167 -25.76 -11.46 -25.82
C LYS N 167 -26.98 -11.62 -26.70
N GLU N 168 -27.17 -12.82 -27.26
CA GLU N 168 -28.32 -13.02 -28.13
C GLU N 168 -29.63 -13.00 -27.34
N LYS N 169 -29.65 -13.66 -26.18
CA LYS N 169 -30.83 -13.62 -25.31
C LYS N 169 -31.29 -12.19 -25.05
N LEU N 170 -30.34 -11.32 -24.72
CA LEU N 170 -30.67 -9.93 -24.43
C LEU N 170 -31.17 -9.22 -25.68
N ASN N 171 -30.47 -9.40 -26.81
CA ASN N 171 -30.93 -8.78 -28.05
C ASN N 171 -32.36 -9.19 -28.39
N ARG N 172 -32.70 -10.46 -28.13
CA ARG N 172 -34.01 -10.97 -28.51
C ARG N 172 -35.11 -10.43 -27.59
N LEU N 173 -34.92 -10.53 -26.27
CA LEU N 173 -35.88 -9.96 -25.34
C LEU N 173 -36.07 -8.47 -25.61
N MET N 174 -34.96 -7.75 -25.81
CA MET N 174 -35.00 -6.32 -26.08
C MET N 174 -35.80 -6.02 -27.34
N ALA N 175 -35.58 -6.80 -28.41
CA ALA N 175 -36.34 -6.62 -29.63
C ALA N 175 -37.82 -6.86 -29.39
N LYS N 176 -38.15 -7.84 -28.54
CA LYS N 176 -39.53 -8.06 -28.15
C LYS N 176 -40.13 -6.81 -27.52
N HIS N 177 -39.54 -6.36 -26.41
CA HIS N 177 -39.96 -5.14 -25.72
C HIS N 177 -40.25 -4.01 -26.68
N CYS N 178 -39.23 -3.56 -27.40
CA CYS N 178 -39.40 -2.46 -28.34
C CYS N 178 -40.21 -2.82 -29.57
N ASP N 179 -40.67 -4.08 -29.68
CA ASP N 179 -41.16 -4.65 -30.94
C ASP N 179 -40.25 -4.26 -32.10
N ARG N 180 -39.04 -4.80 -32.12
CA ARG N 180 -38.09 -4.46 -33.18
C ARG N 180 -37.40 -5.73 -33.63
N ASP N 181 -36.55 -5.59 -34.64
CA ASP N 181 -35.89 -6.73 -35.25
C ASP N 181 -34.61 -7.07 -34.50
N LEU N 182 -34.43 -8.35 -34.18
CA LEU N 182 -33.16 -8.81 -33.61
C LEU N 182 -31.99 -8.28 -34.42
N ALA N 183 -32.14 -8.21 -35.75
CA ALA N 183 -31.08 -7.65 -36.60
C ALA N 183 -30.91 -6.16 -36.39
N ASP N 184 -31.94 -5.45 -35.92
CA ASP N 184 -31.77 -4.05 -35.58
C ASP N 184 -31.13 -3.88 -34.20
N LEU N 185 -31.52 -4.73 -33.25
CA LEU N 185 -30.90 -4.69 -31.93
C LEU N 185 -29.42 -4.98 -32.02
N GLU N 186 -29.04 -5.99 -32.80
CA GLU N 186 -27.64 -6.34 -33.00
C GLU N 186 -26.84 -5.11 -33.45
N ARG N 187 -27.37 -4.41 -34.45
CA ARG N 187 -26.66 -3.28 -35.04
C ARG N 187 -26.63 -2.09 -34.08
N ASP N 188 -27.72 -1.86 -33.35
CA ASP N 188 -27.87 -0.68 -32.53
C ASP N 188 -27.31 -0.85 -31.13
N THR N 189 -26.87 -2.05 -30.76
CA THR N 189 -26.19 -2.29 -29.50
C THR N 189 -24.74 -2.69 -29.69
N ASP N 190 -24.18 -2.52 -30.89
CA ASP N 190 -22.84 -3.03 -31.16
C ASP N 190 -21.78 -2.20 -30.44
N ARG N 191 -21.94 -0.88 -30.44
CA ARG N 191 -21.21 0.01 -29.55
C ARG N 191 -22.21 0.85 -28.78
N ASP N 192 -21.73 1.58 -27.78
CA ASP N 192 -22.59 2.40 -26.92
C ASP N 192 -23.56 3.24 -27.75
N ASN N 193 -24.85 3.09 -27.48
CA ASN N 193 -25.89 3.82 -28.21
C ASN N 193 -26.64 4.70 -27.21
N PHE N 194 -26.43 6.01 -27.31
CA PHE N 194 -27.02 7.02 -26.45
C PHE N 194 -28.26 7.61 -27.12
N MET N 195 -29.31 7.83 -26.32
CA MET N 195 -30.62 8.19 -26.85
C MET N 195 -31.32 9.16 -25.92
N SER N 196 -31.92 10.18 -26.52
CA SER N 196 -32.81 11.07 -25.82
C SER N 196 -34.10 10.33 -25.47
N ALA N 197 -34.98 11.03 -24.75
CA ALA N 197 -36.29 10.46 -24.49
C ALA N 197 -37.11 10.33 -25.78
N GLU N 198 -37.03 11.34 -26.65
CA GLU N 198 -37.71 11.28 -27.93
C GLU N 198 -37.20 10.10 -28.76
N GLU N 199 -35.88 9.92 -28.80
CA GLU N 199 -35.29 8.83 -29.57
C GLU N 199 -35.67 7.48 -28.97
N ALA N 200 -35.49 7.31 -27.67
CA ALA N 200 -35.89 6.06 -27.04
C ALA N 200 -37.38 5.80 -27.19
N LYS N 201 -38.17 6.84 -27.39
CA LYS N 201 -39.60 6.68 -27.65
C LYS N 201 -39.84 6.11 -29.04
N GLU N 202 -39.30 6.79 -30.07
CA GLU N 202 -39.47 6.29 -31.44
C GLU N 202 -38.89 4.89 -31.60
N TYR N 203 -37.77 4.61 -30.93
CA TYR N 203 -37.20 3.27 -30.91
C TYR N 203 -38.10 2.26 -30.22
N GLY N 204 -39.12 2.70 -29.51
CA GLY N 204 -40.02 1.81 -28.81
C GLY N 204 -39.56 1.39 -27.44
N LEU N 205 -38.46 1.95 -26.94
CA LEU N 205 -38.00 1.66 -25.60
C LEU N 205 -39.00 2.10 -24.54
N ILE N 206 -39.69 3.23 -24.79
CA ILE N 206 -40.62 3.81 -23.84
C ILE N 206 -41.88 4.23 -24.59
N ASP N 207 -42.98 4.35 -23.84
CA ASP N 207 -44.26 4.72 -24.42
C ASP N 207 -44.40 6.23 -24.57
N GLN N 208 -44.22 6.98 -23.48
CA GLN N 208 -44.39 8.43 -23.52
C GLN N 208 -43.42 9.11 -22.58
N ILE N 209 -43.16 10.39 -22.88
CA ILE N 209 -42.33 11.26 -22.05
C ILE N 209 -43.23 12.05 -21.11
N LEU N 210 -42.87 12.10 -19.83
CA LEU N 210 -43.62 12.84 -18.83
C LEU N 210 -42.92 14.15 -18.52
N GLU N 211 -43.45 15.25 -19.03
CA GLU N 211 -42.94 16.58 -18.68
C GLU N 211 -43.51 16.99 -17.34
N ASN N 212 -44.78 17.41 -17.34
CA ASN N 212 -45.58 17.57 -16.13
C ASN N 212 -46.61 16.44 -16.09
N ARG N 213 -47.40 16.41 -15.03
CA ARG N 213 -48.39 15.32 -14.90
C ARG N 213 -49.63 15.55 -15.76
N ALA N 214 -49.45 16.15 -16.93
CA ALA N 214 -50.43 16.11 -18.01
C ALA N 214 -49.90 15.12 -19.03
N SER N 215 -50.45 13.90 -19.02
CA SER N 215 -49.93 12.79 -19.81
C SER N 215 -49.81 13.12 -21.29
#